data_8R23
#
_entry.id   8R23
#
_cell.length_a   1.00
_cell.length_b   1.00
_cell.length_c   1.00
_cell.angle_alpha   90.00
_cell.angle_beta   90.00
_cell.angle_gamma   90.00
#
_symmetry.space_group_name_H-M   'P 1'
#
loop_
_entity.id
_entity.type
_entity.pdbx_description
1 polymer 'BRCA1-associated ATM activator 1'
2 polymer 'Integrator complex subunit 9'
3 polymer 'Integrator complex subunit 11'
4 non-polymer 'ZINC ION'
#
loop_
_entity_poly.entity_id
_entity_poly.type
_entity_poly.pdbx_seq_one_letter_code
_entity_poly.pdbx_strand_id
1 'polypeptide(L)'
;GPSQSNMDPECAQLLPALCAVLVDPRQPVADDTCLEKLLDWFKTVTEGESSVVLLQEHPCLVELLSHVLKVQDLSSGVLS
FSLRLAGTFAAQENCFQYLQQGELLPGLFGEPGPLGRATWAVPTVRSGWIQGLRSLAQHPSALRFLADHGAVDTIFSLQG
DSSLFVASAASQLLVHVLALSMRGGAEGQPCLPGGDWPACAQKIMDHVEESLCSAATPKVTQALNVLTTTFGRCQSPWTE
ALWVRLSPRVACLLERDPIPAAHSFVDLLLCVARSPVFSSSDGSLWETVARALSCLGPTHMGPLALGILKLEHCPQALRT
QAFQVLLQPLACVLKATVQAPGPPGLLDGTADDATTVDTLLASKSSCAGLLCRTLAHLEELQPLPQRPSPWPQASLLGAT
VTVLRLCDGSAAPASSVGGHLCGTLAGCVRVQRAALDFLGTLSQGTGPQELVTQALAVLLECLESPGSSPTVLKKAFQAT
LRWLLSSPKTPGCSDLGPLIPQFLRELFPVLQKRLCHPCWEVRDSALEFLTQLSRHWGGQADFRCALLASEVPQLALQLL
QDPESYVRASAVTAMGQLSSQGLHAPTSPEHAEARQSLFLELLHILSVDSEGFPRRAVMQVFTEWLRDGHADAAQDTEQF
VATVLQAASRDLDWEVRAQGLELALVFLGQTLGPPRTHCPYAVALPEVAPAQPLTEALRALCHVGLFDFAFCALFDCDRP
VAQKSCDLLLFLRDKIASYSSLREARGSPNTASAEATLPRWRAGEQAQPPGDQEPEAVLAMLRSLDLEGLRSTLAESSDH
VEKSPQSLLQDMLATGGFLQGDEADCY
;
A
2 'polypeptide(L)'
;MKLYCLSGHPTLPCNVLKFKSTTIMLDCGLDMTSTLNFLPLPLVQSPRLSNLPGWSLKDGNAFLDKELKECSGHVFVDSV
PEFCLPETELIDLSTVDVILISNYHCMMALPYITEHTGFTGTVYATEPTVQIGRLLMEELVNFIERVPKAQSASLWKNKD
IQRLLPSPLKDAVEVSTWRRCYTMQEVNSALSKIQLVGYSQKIELFGAVQVTPLSSGYALGSSNWIIQSHYEKVSYVSGS
SLLTTHPQPMDQASLKNSDVLVLTGLTQIPTANPDGMVGEFCSNLALTVRNGGNVLVPCYPSGVIYDLLECLYQYIDSAG
LSSVPLYFISPVANSSLEFSQIFAEWLCHNKQSKVYLPEPPFPHAELIQTNKLKHYPSIHGDFSNDFRQPCVVFTGHPSL
RFGDVVHFMELWGKSSLNTVIFTEPDFSYLEALAPYQPLAMKCIYCPIDTRLNFIQVSKLLKEVQPLHVVCPEQYTQPPP
AQSHRMDLMIDCQPPAMSYRRAEVLALPFKRRYEKIEIMPELADSLVPMEIKPGISLATVSAVLHTKDNKHLLQPPPRPA
QPTSGKKRKRVSDDVPDCKVLKPLLSGSIPVEQFVQTLEKHGFSDIKVEDTAKGHIVLLQEAETLIQIEEDSTHIICDND
EMLRVRLRDLVLKFLQKF
;
B
3 'polypeptide(L)'
;GPSDPGPKRAEFMPEIRVTPLGAGQDVGRSCILVSIAGKNVMLDCGMHMGFNDDRRFPDFSYITQNGRLTDFLDCVIISH
FHLDHCGALPYFSEMVGYDGPIYMTHPTQAICPILLEDYRKIAVDKKGEANFFTSQMIKDCMKKVVAVHLHQTVQVDDEL
EIKAYYAGHVLGAAMFQIKVGSESVVYTGDYNMTPDRHLGAAWIDKCRPNLLITESTYATTIRDSKRCRERDFLKKVHET
VERGGKVLIPVFALGRAQELCILLETFWERMNLKVPIYFSTGLTEKANHYYKLFIPWTNQKIRKTFVQRNMFEFKHIKAF
DRAFADNPGPMVVFATPGMLHAGQSLQIFRKWAGNEKNMVIMPGYCVQGTVGHKILSGQRKLEMEGRQVLEVKMQVEYMS
FSAHADAKGIMQLVGQAEPESVLLVHGEAKKMEFLKQKIEQELRVNCYMPANGETVTLPTSPSIPVGISLGLLKREMAQG
LLPEAKKPRLLHGTLIMKDSNFRLVSSEQALKELGLAEHQLRFTCRVHLHDTRKEQETALRVYSHLKSVLKDHCVQHLPD
GSVTVESVLLQAAAPSEDPGTKVLLVSWTYQDEELGSFLTSLLKKGLPQAPS
;
C
#
# COMPACT_ATOMS: atom_id res chain seq x y z
N MET A 7 -8.45 45.40 -13.47
CA MET A 7 -8.21 45.31 -12.02
C MET A 7 -9.38 45.91 -11.26
N ASP A 8 -9.07 46.53 -10.12
CA ASP A 8 -10.10 47.10 -9.25
C ASP A 8 -9.40 48.02 -8.26
N PRO A 9 -10.14 48.95 -7.64
CA PRO A 9 -9.48 49.95 -6.79
C PRO A 9 -8.82 49.37 -5.54
N GLU A 10 -9.37 48.30 -4.98
CA GLU A 10 -8.81 47.74 -3.75
C GLU A 10 -7.41 47.18 -4.00
N CYS A 11 -7.23 46.45 -5.10
CA CYS A 11 -5.92 45.89 -5.41
C CYS A 11 -4.97 46.96 -5.94
N ALA A 12 -5.50 47.91 -6.71
CA ALA A 12 -4.65 48.89 -7.38
C ALA A 12 -3.80 49.68 -6.39
N GLN A 13 -4.45 50.28 -5.39
CA GLN A 13 -3.73 51.11 -4.42
C GLN A 13 -2.71 50.31 -3.61
N LEU A 14 -2.74 48.98 -3.70
CA LEU A 14 -1.83 48.14 -2.96
C LEU A 14 -0.62 47.70 -3.77
N LEU A 15 -0.61 47.97 -5.07
CA LEU A 15 0.49 47.56 -5.93
C LEU A 15 1.82 48.26 -5.61
N PRO A 16 1.89 49.59 -5.46
CA PRO A 16 3.21 50.21 -5.27
C PRO A 16 3.97 49.69 -4.05
N ALA A 17 3.28 49.41 -2.96
CA ALA A 17 3.94 48.84 -1.80
C ALA A 17 4.46 47.43 -2.10
N LEU A 18 3.69 46.67 -2.89
CA LEU A 18 4.09 45.32 -3.24
C LEU A 18 5.42 45.31 -3.98
N CYS A 19 5.56 46.16 -4.99
CA CYS A 19 6.78 46.18 -5.80
C CYS A 19 7.97 46.60 -4.95
N ALA A 20 7.74 47.40 -3.92
CA ALA A 20 8.83 47.88 -3.08
C ALA A 20 9.39 46.77 -2.19
N VAL A 21 8.51 45.92 -1.67
CA VAL A 21 8.95 44.91 -0.71
C VAL A 21 9.59 43.72 -1.42
N LEU A 22 9.14 43.43 -2.65
CA LEU A 22 9.70 42.29 -3.38
C LEU A 22 11.18 42.48 -3.65
N VAL A 23 11.60 43.71 -3.96
CA VAL A 23 12.99 43.96 -4.33
C VAL A 23 13.85 44.37 -3.15
N ASP A 24 13.26 44.76 -2.04
CA ASP A 24 14.04 45.23 -0.90
C ASP A 24 14.90 44.09 -0.35
N PRO A 25 16.14 44.36 0.09
CA PRO A 25 17.03 43.29 0.51
C PRO A 25 16.98 42.99 2.00
N ARG A 26 16.03 43.57 2.73
CA ARG A 26 15.98 43.41 4.17
C ARG A 26 14.91 42.44 4.65
N GLN A 27 13.69 42.52 4.10
CA GLN A 27 12.65 41.58 4.48
C GLN A 27 13.08 40.15 4.12
N PRO A 28 12.50 39.15 4.77
CA PRO A 28 12.73 37.78 4.32
C PRO A 28 12.18 37.56 2.93
N VAL A 29 12.69 36.52 2.26
CA VAL A 29 12.25 36.22 0.92
C VAL A 29 10.76 35.89 0.93
N ALA A 30 10.06 36.31 -0.12
CA ALA A 30 8.63 36.08 -0.19
C ALA A 30 8.33 34.58 -0.32
N ASP A 31 7.10 34.21 -0.02
CA ASP A 31 6.71 32.82 -0.09
C ASP A 31 6.58 32.37 -1.54
N ASP A 32 7.18 31.22 -1.84
CA ASP A 32 7.14 30.71 -3.21
C ASP A 32 5.70 30.41 -3.64
N THR A 33 4.90 29.86 -2.74
CA THR A 33 3.50 29.61 -3.07
C THR A 33 2.77 30.92 -3.39
N CYS A 34 3.10 31.98 -2.66
CA CYS A 34 2.42 33.26 -2.86
C CYS A 34 2.72 33.83 -4.25
N LEU A 35 3.97 33.76 -4.68
CA LEU A 35 4.32 34.25 -6.01
C LEU A 35 3.55 33.52 -7.09
N GLU A 36 3.57 32.18 -7.07
CA GLU A 36 2.82 31.40 -8.04
C GLU A 36 1.35 31.78 -8.02
N LYS A 37 0.77 32.00 -6.84
CA LYS A 37 -0.62 32.42 -6.76
C LYS A 37 -0.79 33.86 -7.20
N LEU A 38 0.29 34.65 -7.14
CA LEU A 38 0.22 36.02 -7.62
C LEU A 38 0.47 36.10 -9.12
N LEU A 39 1.42 35.30 -9.62
CA LEU A 39 1.69 35.27 -11.04
C LEU A 39 0.49 34.77 -11.83
N ASP A 40 -0.31 33.88 -11.23
CA ASP A 40 -1.52 33.41 -11.90
C ASP A 40 -2.56 34.52 -11.98
N TRP A 41 -2.47 35.49 -11.08
CA TRP A 41 -3.44 36.59 -11.08
C TRP A 41 -3.24 37.50 -12.28
N PHE A 42 -1.99 37.85 -12.57
CA PHE A 42 -1.70 38.78 -13.66
C PHE A 42 -2.22 38.25 -14.99
N LYS A 43 -2.01 36.95 -15.25
CA LYS A 43 -2.52 36.35 -16.48
C LYS A 43 -4.02 36.60 -16.64
N THR A 44 -4.76 36.53 -15.54
CA THR A 44 -6.21 36.76 -15.61
C THR A 44 -6.52 38.15 -16.12
N VAL A 45 -5.79 39.16 -15.63
CA VAL A 45 -6.06 40.54 -16.02
C VAL A 45 -5.71 40.76 -17.49
N THR A 46 -4.45 40.48 -17.85
CA THR A 46 -3.97 40.81 -19.18
C THR A 46 -4.67 40.04 -20.29
N GLU A 47 -5.22 38.86 -19.99
CA GLU A 47 -5.87 38.06 -21.02
C GLU A 47 -7.21 38.62 -21.45
N GLY A 48 -7.85 39.46 -20.63
CA GLY A 48 -9.16 39.97 -20.97
C GLY A 48 -9.18 41.46 -21.29
N GLU A 49 -8.07 42.13 -21.06
CA GLU A 49 -7.94 43.56 -21.37
C GLU A 49 -6.66 43.76 -22.17
N SER A 50 -6.30 45.01 -22.39
CA SER A 50 -5.03 45.35 -23.01
C SER A 50 -3.96 45.44 -21.94
N SER A 51 -2.71 45.30 -22.37
CA SER A 51 -1.59 45.26 -21.43
C SER A 51 -0.76 46.53 -21.42
N VAL A 52 -0.62 47.21 -22.56
CA VAL A 52 0.17 48.44 -22.58
C VAL A 52 -0.53 49.55 -21.81
N VAL A 53 -1.87 49.54 -21.83
CA VAL A 53 -2.62 50.48 -20.98
C VAL A 53 -2.29 50.26 -19.51
N LEU A 54 -2.03 49.01 -19.13
CA LEU A 54 -1.77 48.69 -17.73
C LEU A 54 -0.41 49.24 -17.29
N LEU A 55 0.61 49.08 -18.13
CA LEU A 55 1.96 49.43 -17.70
C LEU A 55 2.14 50.92 -17.55
N GLN A 56 1.26 51.72 -18.15
CA GLN A 56 1.29 53.17 -17.92
C GLN A 56 0.46 53.55 -16.70
N GLU A 57 -0.74 52.97 -16.58
CA GLU A 57 -1.64 53.29 -15.48
C GLU A 57 -1.03 52.95 -14.12
N HIS A 58 -0.10 52.01 -14.07
CA HIS A 58 0.56 51.60 -12.83
C HIS A 58 2.05 51.51 -13.08
N PRO A 59 2.74 52.64 -13.13
CA PRO A 59 4.17 52.68 -13.48
C PRO A 59 5.09 52.29 -12.31
N CYS A 60 4.77 51.19 -11.66
CA CYS A 60 5.61 50.64 -10.60
C CYS A 60 6.14 49.24 -10.92
N LEU A 61 5.49 48.51 -11.83
CA LEU A 61 5.96 47.20 -12.22
C LEU A 61 7.29 47.29 -12.98
N VAL A 62 7.42 48.30 -13.84
CA VAL A 62 8.63 48.44 -14.66
C VAL A 62 9.85 48.61 -13.77
N GLU A 63 9.72 49.41 -12.71
CA GLU A 63 10.84 49.59 -11.78
C GLU A 63 11.18 48.29 -11.07
N LEU A 64 10.21 47.40 -10.93
CA LEU A 64 10.50 46.07 -10.38
C LEU A 64 11.29 45.26 -11.40
N LEU A 65 10.86 45.26 -12.66
CA LEU A 65 11.63 44.60 -13.71
C LEU A 65 12.98 45.26 -13.88
N SER A 66 13.04 46.59 -13.79
CA SER A 66 14.29 47.30 -14.02
C SER A 66 15.30 47.01 -12.91
N HIS A 67 14.83 46.81 -11.69
CA HIS A 67 15.73 46.51 -10.58
C HIS A 67 16.32 45.11 -10.70
N VAL A 68 15.69 44.22 -11.47
CA VAL A 68 16.13 42.83 -11.54
C VAL A 68 17.58 42.75 -12.01
N LEU A 69 17.99 43.62 -12.92
CA LEU A 69 19.34 43.63 -13.44
C LEU A 69 20.18 44.76 -12.85
N LYS A 70 19.84 45.22 -11.64
CA LYS A 70 20.61 46.26 -10.99
C LYS A 70 21.01 45.87 -9.56
N VAL A 71 20.13 45.17 -8.85
CA VAL A 71 20.40 44.90 -7.43
C VAL A 71 21.55 43.91 -7.26
N GLN A 72 21.67 42.94 -8.17
CA GLN A 72 22.70 41.92 -8.15
C GLN A 72 22.67 41.07 -6.88
N ASP A 73 21.65 41.21 -6.05
CA ASP A 73 21.51 40.39 -4.86
C ASP A 73 20.05 39.97 -4.63
N LEU A 74 19.28 39.85 -5.70
CA LEU A 74 17.92 39.36 -5.56
C LEU A 74 17.94 37.91 -5.09
N SER A 75 16.78 37.43 -4.64
CA SER A 75 16.65 36.06 -4.19
C SER A 75 16.72 35.10 -5.37
N SER A 76 16.54 33.82 -5.08
CA SER A 76 16.43 32.79 -6.11
C SER A 76 14.99 32.31 -6.09
N GLY A 77 14.14 33.00 -6.85
CA GLY A 77 12.72 32.77 -6.78
C GLY A 77 11.95 34.06 -6.94
N VAL A 78 12.62 35.18 -6.70
CA VAL A 78 12.08 36.48 -7.12
C VAL A 78 12.51 36.77 -8.55
N LEU A 79 13.74 36.39 -8.91
CA LEU A 79 14.15 36.41 -10.31
C LEU A 79 13.18 35.61 -11.16
N SER A 80 12.93 34.36 -10.79
CA SER A 80 12.04 33.51 -11.57
C SER A 80 10.66 34.13 -11.72
N PHE A 81 10.19 34.83 -10.69
CA PHE A 81 8.89 35.47 -10.78
C PHE A 81 8.91 36.59 -11.82
N SER A 82 10.01 37.35 -11.87
CA SER A 82 10.05 38.51 -12.75
C SER A 82 10.19 38.11 -14.21
N LEU A 83 11.03 37.11 -14.51
CA LEU A 83 11.16 36.64 -15.88
C LEU A 83 9.81 36.18 -16.43
N ARG A 84 9.08 35.37 -15.66
CA ARG A 84 7.76 34.94 -16.09
C ARG A 84 6.78 36.09 -16.13
N LEU A 85 7.03 37.16 -15.36
CA LEU A 85 6.15 38.31 -15.41
C LEU A 85 6.47 39.22 -16.59
N ALA A 86 7.75 39.39 -16.89
CA ALA A 86 8.13 40.13 -18.09
C ALA A 86 7.64 39.42 -19.34
N GLY A 87 7.62 38.10 -19.31
CA GLY A 87 7.15 37.36 -20.47
C GLY A 87 5.65 37.47 -20.66
N THR A 88 4.89 37.37 -19.57
CA THR A 88 3.44 37.38 -19.70
C THR A 88 2.89 38.76 -20.05
N PHE A 89 3.69 39.82 -19.84
CA PHE A 89 3.27 41.14 -20.28
C PHE A 89 3.61 41.35 -21.75
N ALA A 90 4.81 40.99 -22.16
CA ALA A 90 5.25 41.15 -23.54
C ALA A 90 4.77 39.98 -24.40
N ALA A 91 3.47 39.72 -24.32
CA ALA A 91 2.84 38.74 -25.19
C ALA A 91 2.05 39.38 -26.32
N GLN A 92 1.61 40.62 -26.12
CA GLN A 92 1.00 41.40 -27.18
C GLN A 92 2.05 42.33 -27.80
N GLU A 93 1.93 42.53 -29.11
CA GLU A 93 2.96 43.28 -29.84
C GLU A 93 3.13 44.68 -29.27
N ASN A 94 2.03 45.32 -28.87
CA ASN A 94 2.11 46.68 -28.35
C ASN A 94 3.00 46.75 -27.13
N CYS A 95 2.89 45.77 -26.24
CA CYS A 95 3.68 45.80 -25.01
C CYS A 95 5.09 45.28 -25.24
N PHE A 96 5.30 44.53 -26.31
CA PHE A 96 6.65 44.01 -26.57
C PHE A 96 7.60 45.12 -26.98
N GLN A 97 7.13 46.05 -27.80
CA GLN A 97 7.96 47.16 -28.22
C GLN A 97 8.05 48.21 -27.11
N TYR A 98 6.92 48.55 -26.49
CA TYR A 98 6.93 49.53 -25.41
C TYR A 98 7.86 49.13 -24.27
N LEU A 99 8.17 47.84 -24.14
CA LEU A 99 9.07 47.36 -23.10
C LEU A 99 10.52 47.34 -23.55
N GLN A 100 10.84 47.95 -24.69
CA GLN A 100 12.19 47.95 -25.23
C GLN A 100 12.90 49.28 -25.10
N GLN A 101 12.18 50.36 -24.81
CA GLN A 101 12.80 51.67 -24.68
C GLN A 101 13.56 51.75 -23.38
N GLY A 102 14.82 51.32 -23.39
CA GLY A 102 15.63 51.30 -22.20
C GLY A 102 16.41 50.01 -22.09
N GLU A 103 16.29 49.16 -23.10
CA GLU A 103 16.93 47.84 -23.12
C GLU A 103 16.51 47.03 -21.90
N LEU A 104 15.22 46.76 -21.83
CA LEU A 104 14.67 45.94 -20.74
C LEU A 104 14.57 44.48 -21.15
N LEU A 105 13.81 44.20 -22.22
CA LEU A 105 13.66 42.81 -22.65
C LEU A 105 14.97 42.22 -23.12
N PRO A 106 15.72 42.82 -24.05
CA PRO A 106 17.03 42.25 -24.42
C PRO A 106 18.02 42.24 -23.27
N GLY A 107 17.70 42.85 -22.15
CA GLY A 107 18.57 42.83 -21.00
C GLY A 107 18.24 41.71 -20.04
N LEU A 108 16.96 41.36 -19.95
CA LEU A 108 16.55 40.29 -19.06
C LEU A 108 16.94 38.93 -19.62
N PHE A 109 16.61 38.67 -20.89
CA PHE A 109 16.93 37.41 -21.53
C PHE A 109 18.29 37.44 -22.22
N GLY A 110 19.19 38.30 -21.76
CA GLY A 110 20.53 38.39 -22.28
C GLY A 110 21.56 38.22 -21.18
N GLU A 111 22.82 38.15 -21.61
CA GLU A 111 23.91 37.96 -20.66
C GLU A 111 23.97 39.00 -19.54
N PRO A 112 23.60 40.27 -19.75
CA PRO A 112 23.51 41.19 -18.60
C PRO A 112 22.61 40.69 -17.48
N GLY A 113 21.44 40.15 -17.81
CA GLY A 113 20.48 39.73 -16.80
C GLY A 113 20.88 38.46 -16.08
N PRO A 114 19.88 37.69 -15.66
CA PRO A 114 20.15 36.51 -14.82
C PRO A 114 20.78 35.36 -15.57
N LEU A 115 21.18 35.57 -16.82
CA LEU A 115 21.80 34.52 -17.60
C LEU A 115 23.32 34.49 -17.42
N GLY A 116 23.96 35.66 -17.39
CA GLY A 116 25.40 35.72 -17.31
C GLY A 116 25.95 35.76 -15.89
N ARG A 117 25.08 35.97 -14.92
CA ARG A 117 25.52 36.07 -13.54
C ARG A 117 25.73 34.68 -12.93
N ALA A 118 26.04 34.67 -11.64
CA ALA A 118 26.18 33.41 -10.91
C ALA A 118 24.87 33.00 -10.25
N THR A 119 23.80 33.00 -11.04
CA THR A 119 22.51 32.50 -10.59
C THR A 119 21.95 31.46 -11.54
N TRP A 120 22.56 31.27 -12.71
CA TRP A 120 22.16 30.23 -13.65
C TRP A 120 22.67 28.89 -13.14
N ALA A 121 22.29 28.53 -11.92
CA ALA A 121 22.70 27.27 -11.32
C ALA A 121 21.53 26.60 -10.61
N VAL A 122 20.53 27.39 -10.23
CA VAL A 122 19.36 26.89 -9.52
C VAL A 122 18.27 26.58 -10.55
N PRO A 123 17.80 25.34 -10.64
CA PRO A 123 16.83 25.00 -11.69
C PRO A 123 15.54 25.81 -11.64
N THR A 124 15.35 26.63 -10.61
CA THR A 124 14.14 27.45 -10.55
C THR A 124 14.23 28.62 -11.52
N VAL A 125 15.40 29.24 -11.63
CA VAL A 125 15.57 30.38 -12.54
C VAL A 125 15.53 29.91 -13.98
N ARG A 126 16.19 28.78 -14.28
CA ARG A 126 16.17 28.25 -15.64
C ARG A 126 14.76 27.95 -16.10
N SER A 127 14.01 27.17 -15.32
CA SER A 127 12.61 26.91 -15.65
C SER A 127 11.82 28.20 -15.78
N GLY A 128 12.26 29.26 -15.12
CA GLY A 128 11.59 30.55 -15.27
C GLY A 128 12.00 31.26 -16.54
N TRP A 129 13.28 31.13 -16.92
CA TRP A 129 13.75 31.71 -18.18
C TRP A 129 13.02 31.09 -19.36
N ILE A 130 12.98 29.76 -19.43
CA ILE A 130 12.32 29.07 -20.53
C ILE A 130 10.84 29.42 -20.57
N GLN A 131 10.16 29.32 -19.43
CA GLN A 131 8.73 29.66 -19.41
C GLN A 131 8.52 31.16 -19.55
N GLY A 132 9.59 31.95 -19.47
CA GLY A 132 9.45 33.36 -19.79
C GLY A 132 9.38 33.60 -21.29
N LEU A 133 10.28 32.97 -22.04
CA LEU A 133 10.25 33.06 -23.50
C LEU A 133 8.94 32.54 -24.06
N ARG A 134 8.52 31.35 -23.62
CA ARG A 134 7.35 30.70 -24.21
C ARG A 134 6.11 31.55 -24.10
N SER A 135 6.10 32.54 -23.20
CA SER A 135 4.94 33.41 -23.08
C SER A 135 4.99 34.53 -24.10
N LEU A 136 6.20 35.01 -24.44
CA LEU A 136 6.32 36.14 -25.34
C LEU A 136 6.40 35.72 -26.80
N ALA A 137 6.86 34.49 -27.08
CA ALA A 137 7.04 34.04 -28.46
C ALA A 137 5.67 33.70 -29.03
N GLN A 138 4.88 34.75 -29.31
CA GLN A 138 3.55 34.55 -29.88
C GLN A 138 3.23 35.55 -30.99
N HIS A 139 4.23 36.26 -31.50
CA HIS A 139 4.00 37.26 -32.54
C HIS A 139 5.29 37.48 -33.30
N PRO A 140 5.22 38.02 -34.52
CA PRO A 140 6.43 38.08 -35.36
C PRO A 140 7.51 39.01 -34.83
N SER A 141 7.15 40.07 -34.11
CA SER A 141 8.18 40.93 -33.53
C SER A 141 9.12 40.15 -32.64
N ALA A 142 8.57 39.27 -31.78
CA ALA A 142 9.40 38.45 -30.93
C ALA A 142 10.19 37.42 -31.72
N LEU A 143 9.66 37.00 -32.88
CA LEU A 143 10.36 36.02 -33.71
C LEU A 143 11.72 36.55 -34.12
N ARG A 144 11.81 37.83 -34.48
CA ARG A 144 13.09 38.41 -34.87
C ARG A 144 14.01 38.57 -33.67
N PHE A 145 13.44 38.75 -32.48
CA PHE A 145 14.25 38.89 -31.28
C PHE A 145 14.97 37.59 -30.95
N LEU A 146 14.31 36.45 -31.17
CA LEU A 146 14.92 35.18 -30.85
C LEU A 146 16.00 34.77 -31.84
N ALA A 147 15.99 35.34 -33.05
CA ALA A 147 16.92 34.92 -34.08
C ALA A 147 18.26 35.63 -34.01
N ASP A 148 18.25 36.95 -33.77
CA ASP A 148 19.46 37.74 -33.97
C ASP A 148 20.40 37.66 -32.77
N HIS A 149 19.92 38.06 -31.58
CA HIS A 149 20.80 38.16 -30.42
C HIS A 149 21.35 36.81 -30.01
N GLY A 150 20.60 35.75 -30.28
CA GLY A 150 21.03 34.40 -29.95
C GLY A 150 20.36 33.89 -28.69
N ALA A 151 19.31 33.10 -28.87
CA ALA A 151 18.71 32.33 -27.80
C ALA A 151 18.44 30.89 -28.19
N VAL A 152 18.17 30.62 -29.47
CA VAL A 152 18.07 29.25 -29.95
C VAL A 152 19.36 28.49 -29.67
N ASP A 153 20.51 29.18 -29.75
CA ASP A 153 21.77 28.52 -29.40
C ASP A 153 21.86 28.25 -27.90
N THR A 154 21.13 29.03 -27.09
CA THR A 154 21.11 28.77 -25.66
C THR A 154 20.17 27.63 -25.33
N ILE A 155 18.99 27.61 -25.95
CA ILE A 155 18.04 26.52 -25.73
C ILE A 155 18.68 25.17 -26.05
N PHE A 156 19.57 25.13 -27.03
CA PHE A 156 20.25 23.88 -27.36
C PHE A 156 21.06 23.38 -26.17
N SER A 157 21.58 24.28 -25.35
CA SER A 157 22.35 23.86 -24.20
C SER A 157 21.45 23.50 -23.02
N LEU A 158 20.25 24.10 -22.97
CA LEU A 158 19.31 23.75 -21.93
C LEU A 158 18.63 22.42 -22.18
N GLN A 159 18.57 21.97 -23.42
CA GLN A 159 18.02 20.64 -23.74
C GLN A 159 19.07 19.55 -23.55
N GLY A 160 19.81 19.63 -22.46
CA GLY A 160 20.74 18.58 -22.06
C GLY A 160 20.86 18.57 -20.56
N ASP A 161 20.02 19.38 -19.92
CA ASP A 161 20.16 19.68 -18.50
C ASP A 161 20.03 18.42 -17.65
N SER A 162 20.49 18.55 -16.40
CA SER A 162 20.38 17.48 -15.43
C SER A 162 19.03 17.47 -14.72
N SER A 163 18.12 18.34 -15.11
CA SER A 163 16.79 18.43 -14.51
C SER A 163 15.76 18.12 -15.56
N LEU A 164 15.03 17.01 -15.37
CA LEU A 164 14.00 16.62 -16.32
C LEU A 164 12.92 17.69 -16.45
N PHE A 165 12.75 18.53 -15.43
CA PHE A 165 11.76 19.59 -15.50
C PHE A 165 12.17 20.68 -16.46
N VAL A 166 13.47 21.00 -16.51
CA VAL A 166 13.97 22.01 -17.44
C VAL A 166 14.17 21.41 -18.82
N ALA A 167 14.89 20.28 -18.89
CA ALA A 167 15.25 19.69 -20.17
C ALA A 167 14.04 19.41 -21.04
N SER A 168 12.92 19.01 -20.44
CA SER A 168 11.75 18.66 -21.24
C SER A 168 10.92 19.88 -21.60
N ALA A 169 11.07 20.98 -20.85
CA ALA A 169 10.38 22.20 -21.21
C ALA A 169 11.11 22.97 -22.30
N ALA A 170 12.40 22.72 -22.47
CA ALA A 170 13.13 23.32 -23.58
C ALA A 170 12.70 22.72 -24.91
N SER A 171 12.63 21.39 -24.99
CA SER A 171 12.17 20.73 -26.20
C SER A 171 10.73 21.09 -26.52
N GLN A 172 9.96 21.56 -25.55
CA GLN A 172 8.63 22.07 -25.82
C GLN A 172 8.65 23.52 -26.30
N LEU A 173 9.83 24.15 -26.33
CA LEU A 173 9.97 25.52 -26.80
C LEU A 173 10.51 25.56 -28.23
N LEU A 174 11.47 24.69 -28.54
CA LEU A 174 11.89 24.53 -29.93
C LEU A 174 10.69 24.25 -30.83
N VAL A 175 9.77 23.38 -30.37
CA VAL A 175 8.62 23.05 -31.19
C VAL A 175 7.70 24.25 -31.31
N HIS A 176 7.65 25.12 -30.31
CA HIS A 176 6.82 26.31 -30.41
C HIS A 176 7.49 27.37 -31.28
N VAL A 177 8.81 27.50 -31.18
CA VAL A 177 9.54 28.44 -32.02
C VAL A 177 9.50 27.99 -33.47
N LEU A 178 9.74 26.71 -33.71
CA LEU A 178 9.76 26.18 -35.07
C LEU A 178 8.44 26.43 -35.79
N ALA A 179 7.34 26.00 -35.19
CA ALA A 179 6.05 26.11 -35.87
C ALA A 179 5.62 27.56 -36.04
N LEU A 180 6.12 28.45 -35.18
CA LEU A 180 5.79 29.86 -35.33
C LEU A 180 6.62 30.51 -36.42
N SER A 181 7.87 30.07 -36.59
CA SER A 181 8.73 30.61 -37.64
C SER A 181 8.08 30.49 -39.02
N MET A 182 7.26 29.46 -39.23
CA MET A 182 6.64 29.20 -40.52
C MET A 182 5.12 29.24 -40.37
N ARG A 183 4.57 30.44 -40.46
CA ARG A 183 3.11 30.64 -40.57
C ARG A 183 2.83 32.13 -40.76
N TRP A 197 13.47 27.94 -46.50
CA TRP A 197 13.00 27.97 -45.13
C TRP A 197 13.33 29.31 -44.48
N PRO A 198 12.49 29.74 -43.53
CA PRO A 198 12.76 30.99 -42.83
C PRO A 198 14.04 30.92 -42.00
N ALA A 199 14.34 32.04 -41.34
CA ALA A 199 15.61 32.16 -40.62
C ALA A 199 15.68 31.20 -39.45
N CYS A 200 14.74 31.30 -38.52
CA CYS A 200 14.78 30.46 -37.32
C CYS A 200 14.67 28.98 -37.67
N ALA A 201 13.70 28.63 -38.50
CA ALA A 201 13.40 27.23 -38.77
C ALA A 201 14.62 26.49 -39.33
N GLN A 202 15.38 27.14 -40.22
CA GLN A 202 16.47 26.45 -40.90
C GLN A 202 17.56 26.02 -39.92
N LYS A 203 17.78 26.82 -38.88
CA LYS A 203 18.82 26.47 -37.91
C LYS A 203 18.35 25.34 -37.00
N ILE A 204 17.07 25.34 -36.64
CA ILE A 204 16.54 24.31 -35.74
C ILE A 204 16.61 22.94 -36.41
N MET A 205 16.01 22.81 -37.60
CA MET A 205 15.99 21.53 -38.30
C MET A 205 17.40 21.03 -38.60
N ASP A 206 18.39 21.93 -38.64
CA ASP A 206 19.75 21.50 -38.86
C ASP A 206 20.32 20.82 -37.62
N HIS A 207 20.06 21.39 -36.45
CA HIS A 207 20.59 20.83 -35.21
C HIS A 207 19.92 19.49 -34.88
N VAL A 208 18.60 19.41 -35.11
CA VAL A 208 17.91 18.14 -34.94
C VAL A 208 18.49 17.09 -35.87
N GLU A 209 18.51 17.39 -37.18
CA GLU A 209 19.06 16.46 -38.16
C GLU A 209 20.50 16.09 -37.85
N GLU A 210 21.24 16.98 -37.19
CA GLU A 210 22.61 16.64 -36.80
C GLU A 210 22.64 15.81 -35.53
N SER A 211 21.54 15.80 -34.76
CA SER A 211 21.50 15.02 -33.53
C SER A 211 21.15 13.58 -33.79
N LEU A 212 20.29 13.32 -34.78
CA LEU A 212 19.95 11.93 -35.12
C LEU A 212 21.17 11.13 -35.50
N CYS A 213 22.20 11.78 -36.04
CA CYS A 213 23.43 11.13 -36.45
C CYS A 213 24.47 11.08 -35.34
N SER A 214 24.05 11.27 -34.09
CA SER A 214 24.99 11.29 -32.98
C SER A 214 25.49 9.88 -32.68
N ALA A 215 26.29 9.77 -31.62
CA ALA A 215 26.83 8.51 -31.18
C ALA A 215 26.40 8.12 -29.79
N ALA A 216 26.01 9.07 -28.94
CA ALA A 216 25.52 8.79 -27.61
C ALA A 216 24.01 8.86 -27.59
N THR A 217 23.40 8.08 -26.71
CA THR A 217 21.95 7.97 -26.62
C THR A 217 21.26 9.28 -26.24
N PRO A 218 21.74 10.07 -25.26
CA PRO A 218 20.95 11.23 -24.84
C PRO A 218 20.71 12.24 -25.94
N LYS A 219 21.68 12.41 -26.85
CA LYS A 219 21.50 13.35 -27.95
C LYS A 219 20.42 12.86 -28.91
N VAL A 220 20.40 11.55 -29.18
CA VAL A 220 19.38 11.00 -30.08
C VAL A 220 18.00 11.13 -29.46
N THR A 221 17.90 10.88 -28.15
CA THR A 221 16.61 10.98 -27.47
C THR A 221 16.09 12.42 -27.47
N GLN A 222 17.00 13.40 -27.43
CA GLN A 222 16.57 14.79 -27.45
C GLN A 222 15.98 15.15 -28.81
N ALA A 223 16.53 14.56 -29.88
CA ALA A 223 15.99 14.83 -31.22
C ALA A 223 14.65 14.15 -31.42
N LEU A 224 14.54 12.87 -31.08
CA LEU A 224 13.32 12.12 -31.33
C LEU A 224 12.14 12.63 -30.52
N ASN A 225 12.40 13.51 -29.54
CA ASN A 225 11.30 14.06 -28.77
C ASN A 225 10.83 15.40 -29.34
N VAL A 226 11.70 16.08 -30.07
CA VAL A 226 11.27 17.27 -30.80
C VAL A 226 10.45 16.86 -32.02
N LEU A 227 10.82 15.75 -32.65
CA LEU A 227 10.08 15.27 -33.81
C LEU A 227 8.70 14.74 -33.42
N THR A 228 8.63 14.04 -32.29
CA THR A 228 7.36 13.44 -31.88
C THR A 228 6.29 14.49 -31.65
N THR A 229 6.68 15.67 -31.17
CA THR A 229 5.71 16.72 -30.90
C THR A 229 5.36 17.48 -32.17
N THR A 230 6.29 17.57 -33.11
CA THR A 230 6.01 18.22 -34.38
C THR A 230 4.88 17.51 -35.11
N PHE A 231 5.10 16.25 -35.46
CA PHE A 231 4.06 15.42 -36.06
C PHE A 231 3.01 15.12 -35.01
N GLY A 232 1.82 15.68 -35.17
CA GLY A 232 0.76 15.47 -34.20
C GLY A 232 0.18 16.77 -33.70
N ARG A 233 1.02 17.78 -33.54
CA ARG A 233 0.57 19.11 -33.18
C ARG A 233 0.42 20.03 -34.39
N CYS A 234 0.88 19.60 -35.57
CA CYS A 234 0.77 20.41 -36.78
C CYS A 234 0.83 19.50 -37.98
N GLN A 235 -0.24 19.50 -38.78
CA GLN A 235 -0.34 18.67 -39.98
C GLN A 235 -0.25 19.49 -41.26
N SER A 236 0.16 20.75 -41.16
CA SER A 236 0.31 21.59 -42.34
C SER A 236 1.29 20.96 -43.32
N PRO A 237 1.12 21.19 -44.62
CA PRO A 237 1.95 20.50 -45.62
C PRO A 237 3.44 20.80 -45.53
N TRP A 238 3.88 21.70 -44.66
CA TRP A 238 5.32 21.85 -44.45
C TRP A 238 5.89 20.71 -43.63
N THR A 239 5.06 20.11 -42.76
CA THR A 239 5.51 18.93 -42.02
C THR A 239 5.69 17.75 -42.94
N GLU A 240 4.82 17.60 -43.94
CA GLU A 240 4.95 16.53 -44.92
C GLU A 240 6.32 16.56 -45.59
N ALA A 241 6.77 17.75 -45.98
CA ALA A 241 8.10 17.88 -46.58
C ALA A 241 9.19 17.46 -45.61
N LEU A 242 8.95 17.66 -44.31
CA LEU A 242 9.99 17.34 -43.32
C LEU A 242 10.14 15.84 -43.14
N TRP A 243 9.05 15.08 -43.30
CA TRP A 243 9.13 13.65 -43.04
C TRP A 243 9.93 12.93 -44.13
N VAL A 244 9.80 13.35 -45.38
CA VAL A 244 10.51 12.66 -46.46
C VAL A 244 11.99 12.97 -46.41
N ARG A 245 12.39 14.07 -45.78
CA ARG A 245 13.79 14.44 -45.69
C ARG A 245 14.49 13.73 -44.54
N LEU A 246 13.77 13.43 -43.46
CA LEU A 246 14.36 12.80 -42.29
C LEU A 246 14.21 11.28 -42.28
N SER A 247 13.22 10.75 -42.99
CA SER A 247 13.02 9.30 -43.04
C SER A 247 14.29 8.52 -43.37
N PRO A 248 15.17 8.96 -44.29
CA PRO A 248 16.42 8.20 -44.49
C PRO A 248 17.24 8.00 -43.23
N ARG A 249 17.34 9.02 -42.38
CA ARG A 249 18.17 8.89 -41.18
C ARG A 249 17.41 8.18 -40.07
N VAL A 250 16.12 8.46 -39.93
CA VAL A 250 15.30 7.76 -38.93
C VAL A 250 15.35 6.26 -39.17
N ALA A 251 15.27 5.84 -40.43
CA ALA A 251 15.30 4.42 -40.74
C ALA A 251 16.67 3.81 -40.48
N CYS A 252 17.74 4.61 -40.61
CA CYS A 252 19.08 4.08 -40.34
C CYS A 252 19.36 3.93 -38.87
N LEU A 253 18.39 4.14 -37.98
CA LEU A 253 18.60 3.88 -36.57
C LEU A 253 18.46 2.40 -36.22
N LEU A 254 17.69 1.66 -37.01
CA LEU A 254 17.53 0.22 -36.78
C LEU A 254 18.67 -0.56 -37.41
N GLU A 255 19.90 -0.13 -37.17
CA GLU A 255 21.06 -0.82 -37.71
C GLU A 255 22.23 -0.93 -36.73
N ARG A 256 22.10 -0.38 -35.53
CA ARG A 256 23.16 -0.42 -34.53
C ARG A 256 23.00 -1.67 -33.66
N ASP A 257 23.97 -1.88 -32.77
CA ASP A 257 23.86 -3.04 -31.90
C ASP A 257 22.73 -2.80 -30.91
N PRO A 258 22.78 -1.76 -30.05
CA PRO A 258 21.55 -1.34 -29.38
C PRO A 258 20.83 -0.24 -30.16
N ILE A 259 19.55 -0.40 -30.44
CA ILE A 259 18.82 0.76 -30.97
C ILE A 259 18.87 1.87 -29.92
N PRO A 260 19.25 3.10 -30.29
CA PRO A 260 19.62 4.08 -29.24
C PRO A 260 18.54 4.37 -28.24
N ALA A 261 17.38 4.85 -28.68
CA ALA A 261 16.27 5.16 -27.79
C ALA A 261 15.03 4.46 -28.32
N ALA A 262 14.76 3.28 -27.81
CA ALA A 262 13.71 2.43 -28.37
C ALA A 262 12.32 2.98 -28.10
N HIS A 263 12.03 3.37 -26.85
CA HIS A 263 10.68 3.79 -26.52
C HIS A 263 10.39 5.19 -27.08
N SER A 264 11.44 5.96 -27.37
CA SER A 264 11.23 7.22 -28.08
C SER A 264 11.13 6.97 -29.57
N PHE A 265 11.91 6.01 -30.09
CA PHE A 265 11.80 5.61 -31.48
C PHE A 265 10.39 5.12 -31.79
N VAL A 266 9.84 4.25 -30.95
CA VAL A 266 8.51 3.69 -31.20
C VAL A 266 7.47 4.79 -31.20
N ASP A 267 7.58 5.75 -30.28
CA ASP A 267 6.56 6.78 -30.18
C ASP A 267 6.55 7.68 -31.40
N LEU A 268 7.66 7.75 -32.12
CA LEU A 268 7.69 8.54 -33.35
C LEU A 268 6.90 7.84 -34.46
N LEU A 269 7.13 6.54 -34.64
CA LEU A 269 6.46 5.81 -35.71
C LEU A 269 4.94 5.84 -35.55
N LEU A 270 4.46 5.87 -34.30
CA LEU A 270 3.01 5.81 -34.09
C LEU A 270 2.34 7.16 -34.33
N CYS A 271 3.00 8.26 -33.99
CA CYS A 271 2.38 9.56 -34.25
C CYS A 271 2.45 9.93 -35.72
N VAL A 272 3.49 9.46 -36.41
CA VAL A 272 3.53 9.61 -37.86
C VAL A 272 2.44 8.75 -38.51
N ALA A 273 2.35 7.48 -38.09
CA ALA A 273 1.46 6.54 -38.77
C ALA A 273 -0.01 6.93 -38.64
N ARG A 274 -0.40 7.51 -37.50
CA ARG A 274 -1.81 7.82 -37.33
C ARG A 274 -2.15 9.14 -38.02
N SER A 275 -1.76 9.25 -39.28
CA SER A 275 -2.09 10.37 -40.14
C SER A 275 -1.97 9.91 -41.59
N PRO A 276 -3.07 9.90 -42.34
CA PRO A 276 -3.01 9.41 -43.73
C PRO A 276 -2.07 10.20 -44.62
N VAL A 277 -1.74 11.44 -44.25
CA VAL A 277 -0.85 12.25 -45.07
C VAL A 277 0.53 11.61 -45.19
N PHE A 278 1.19 11.42 -44.04
CA PHE A 278 2.54 10.86 -44.05
C PHE A 278 2.57 9.44 -44.62
N SER A 279 1.52 8.66 -44.40
CA SER A 279 1.53 7.27 -44.83
C SER A 279 1.40 7.14 -46.34
N SER A 280 1.04 8.21 -47.05
CA SER A 280 0.94 8.16 -48.51
C SER A 280 2.27 8.55 -49.16
N GLY A 283 5.36 5.84 -48.79
CA GLY A 283 5.90 4.54 -49.11
C GLY A 283 7.00 4.09 -48.16
N SER A 284 7.83 5.03 -47.71
CA SER A 284 8.94 4.68 -46.84
C SER A 284 8.52 4.49 -45.38
N LEU A 285 7.28 4.82 -45.04
CA LEU A 285 6.83 4.65 -43.65
C LEU A 285 6.63 3.17 -43.33
N TRP A 286 5.77 2.50 -44.09
CA TRP A 286 5.43 1.12 -43.78
C TRP A 286 6.60 0.18 -43.98
N GLU A 287 7.62 0.59 -44.73
CA GLU A 287 8.80 -0.26 -44.88
C GLU A 287 9.65 -0.24 -43.61
N THR A 288 9.75 0.91 -42.96
CA THR A 288 10.46 0.98 -41.69
C THR A 288 9.68 0.27 -40.59
N VAL A 289 8.38 0.54 -40.49
CA VAL A 289 7.54 -0.11 -39.49
C VAL A 289 7.67 -1.63 -39.61
N ALA A 290 7.52 -2.16 -40.82
CA ALA A 290 7.60 -3.60 -41.01
C ALA A 290 8.97 -4.15 -40.62
N ARG A 291 10.01 -3.34 -40.78
CA ARG A 291 11.35 -3.79 -40.43
C ARG A 291 11.62 -3.64 -38.95
N ALA A 292 10.96 -2.68 -38.29
CA ALA A 292 11.10 -2.52 -36.85
C ALA A 292 10.54 -3.72 -36.12
N LEU A 293 9.39 -4.23 -36.57
CA LEU A 293 8.73 -5.36 -35.91
C LEU A 293 9.64 -6.58 -35.82
N SER A 294 10.65 -6.66 -36.69
CA SER A 294 11.51 -7.84 -36.72
C SER A 294 12.80 -7.64 -35.94
N CYS A 295 13.26 -6.40 -35.79
CA CYS A 295 14.56 -6.13 -35.17
C CYS A 295 14.48 -5.57 -33.76
N LEU A 296 13.32 -5.10 -33.32
CA LEU A 296 13.20 -4.59 -31.96
C LEU A 296 13.13 -5.74 -30.98
N GLY A 297 13.70 -5.52 -29.78
CA GLY A 297 13.80 -6.56 -28.79
C GLY A 297 12.46 -6.94 -28.20
N PRO A 298 12.48 -7.95 -27.32
CA PRO A 298 11.24 -8.41 -26.71
C PRO A 298 10.84 -7.55 -25.52
N THR A 299 10.96 -6.25 -25.68
CA THR A 299 10.45 -5.27 -24.72
C THR A 299 9.71 -4.13 -25.39
N HIS A 300 9.97 -3.87 -26.67
CA HIS A 300 9.34 -2.81 -27.42
C HIS A 300 8.58 -3.32 -28.63
N MET A 301 8.85 -4.56 -29.06
CA MET A 301 8.10 -5.16 -30.15
C MET A 301 6.62 -5.21 -29.84
N GLY A 302 6.26 -5.36 -28.58
CA GLY A 302 4.88 -5.36 -28.15
C GLY A 302 4.20 -4.01 -28.32
N PRO A 303 4.70 -2.98 -27.62
CA PRO A 303 4.08 -1.65 -27.74
C PRO A 303 3.95 -1.15 -29.17
N LEU A 304 4.82 -1.60 -30.07
CA LEU A 304 4.69 -1.22 -31.47
C LEU A 304 3.61 -2.06 -32.15
N ALA A 305 3.57 -3.36 -31.86
CA ALA A 305 2.63 -4.23 -32.54
C ALA A 305 1.19 -3.91 -32.17
N LEU A 306 0.96 -3.33 -30.99
CA LEU A 306 -0.39 -2.94 -30.64
C LEU A 306 -0.77 -1.62 -31.27
N GLY A 307 0.19 -0.69 -31.39
CA GLY A 307 -0.12 0.58 -32.03
C GLY A 307 -0.58 0.40 -33.46
N ILE A 308 0.00 -0.58 -34.16
CA ILE A 308 -0.44 -0.90 -35.51
C ILE A 308 -1.91 -1.31 -35.51
N LEU A 309 -2.27 -2.29 -34.68
CA LEU A 309 -3.62 -2.83 -34.67
C LEU A 309 -4.67 -1.80 -34.28
N LYS A 310 -4.29 -0.65 -33.75
CA LYS A 310 -5.25 0.39 -33.41
C LYS A 310 -5.67 1.23 -34.61
N LEU A 311 -5.00 1.09 -35.74
CA LEU A 311 -5.22 1.96 -36.89
C LEU A 311 -6.16 1.30 -37.89
N GLU A 312 -6.91 2.15 -38.60
CA GLU A 312 -7.82 1.66 -39.63
C GLU A 312 -7.09 1.41 -40.95
N HIS A 313 -6.23 2.34 -41.36
CA HIS A 313 -5.48 2.23 -42.60
C HIS A 313 -4.15 1.55 -42.31
N CYS A 314 -3.93 0.39 -42.94
CA CYS A 314 -2.68 -0.32 -42.79
C CYS A 314 -2.65 -1.46 -43.80
N PRO A 315 -1.49 -1.76 -44.40
CA PRO A 315 -1.39 -2.93 -45.26
C PRO A 315 -1.76 -4.20 -44.51
N GLN A 316 -2.74 -4.92 -45.05
CA GLN A 316 -3.21 -6.14 -44.42
C GLN A 316 -2.07 -7.12 -44.16
N ALA A 317 -1.02 -7.08 -44.98
CA ALA A 317 0.13 -7.95 -44.75
C ALA A 317 0.92 -7.49 -43.53
N LEU A 318 0.74 -6.24 -43.12
CA LEU A 318 1.42 -5.75 -41.93
C LEU A 318 0.68 -6.13 -40.67
N ARG A 319 -0.64 -5.98 -40.65
CA ARG A 319 -1.42 -6.33 -39.48
C ARG A 319 -1.32 -7.82 -39.17
N THR A 320 -1.38 -8.66 -40.19
CA THR A 320 -1.25 -10.09 -39.98
C THR A 320 0.09 -10.43 -39.34
N GLN A 321 1.10 -9.60 -39.57
CA GLN A 321 2.38 -9.79 -38.89
C GLN A 321 2.37 -9.13 -37.53
N ALA A 322 1.60 -8.06 -37.36
CA ALA A 322 1.46 -7.44 -36.05
C ALA A 322 0.80 -8.40 -35.07
N PHE A 323 -0.41 -8.85 -35.39
CA PHE A 323 -1.14 -9.75 -34.51
C PHE A 323 -0.34 -11.02 -34.21
N GLN A 324 0.42 -11.50 -35.18
CA GLN A 324 1.11 -12.78 -34.99
C GLN A 324 2.34 -12.64 -34.10
N VAL A 325 2.84 -11.42 -33.92
CA VAL A 325 3.91 -11.19 -32.96
C VAL A 325 3.37 -10.72 -31.61
N LEU A 326 2.07 -10.46 -31.52
CA LEU A 326 1.45 -10.15 -30.25
C LEU A 326 0.93 -11.40 -29.54
N LEU A 327 0.68 -12.46 -30.31
CA LEU A 327 0.23 -13.74 -29.78
C LEU A 327 1.38 -14.72 -29.55
N GLN A 328 2.60 -14.36 -29.94
CA GLN A 328 3.69 -15.33 -29.91
C GLN A 328 4.03 -15.80 -28.50
N PRO A 329 4.05 -14.94 -27.47
CA PRO A 329 4.36 -15.49 -26.13
C PRO A 329 3.32 -16.47 -25.64
N LEU A 330 2.04 -16.24 -25.94
CA LEU A 330 1.00 -17.19 -25.54
C LEU A 330 1.13 -18.50 -26.29
N ALA A 331 1.44 -18.43 -27.59
CA ALA A 331 1.48 -19.65 -28.42
C ALA A 331 2.56 -20.61 -27.95
N CYS A 332 3.57 -20.09 -27.25
CA CYS A 332 4.62 -20.98 -26.74
C CYS A 332 4.15 -21.74 -25.49
N VAL A 333 3.33 -21.10 -24.67
CA VAL A 333 2.82 -21.77 -23.48
C VAL A 333 1.81 -22.85 -23.86
N LEU A 334 0.95 -22.56 -24.83
CA LEU A 334 -0.10 -23.50 -25.20
C LEU A 334 0.46 -24.78 -25.82
N LYS A 335 1.68 -24.74 -26.33
CA LYS A 335 2.28 -25.91 -26.94
C LYS A 335 3.23 -26.66 -26.03
N ALA A 336 3.70 -26.04 -24.95
CA ALA A 336 4.58 -26.71 -24.00
C ALA A 336 3.82 -27.32 -22.83
N THR A 337 2.52 -27.53 -22.98
CA THR A 337 1.71 -28.19 -21.98
C THR A 337 0.73 -29.12 -22.69
N VAL A 338 0.33 -30.18 -22.01
CA VAL A 338 -0.64 -31.10 -22.59
C VAL A 338 -2.01 -30.44 -22.59
N GLN A 339 -2.80 -30.72 -23.62
CA GLN A 339 -4.11 -30.10 -23.76
C GLN A 339 -5.17 -30.90 -22.99
N ASP A 353 9.45 -20.21 -32.11
CA ASP A 353 10.15 -18.93 -32.19
C ASP A 353 11.25 -18.89 -31.14
N ALA A 354 12.50 -18.74 -31.60
CA ALA A 354 13.64 -18.78 -30.68
C ALA A 354 13.74 -17.51 -29.86
N THR A 355 13.27 -16.38 -30.39
CA THR A 355 13.33 -15.13 -29.64
C THR A 355 12.39 -15.17 -28.44
N THR A 356 11.29 -15.91 -28.56
CA THR A 356 10.33 -15.97 -27.46
C THR A 356 10.67 -17.08 -26.48
N VAL A 357 10.97 -18.28 -26.99
CA VAL A 357 11.26 -19.41 -26.11
C VAL A 357 12.48 -19.13 -25.24
N ASP A 358 13.39 -18.29 -25.71
CA ASP A 358 14.54 -17.93 -24.89
C ASP A 358 14.15 -17.02 -23.73
N THR A 359 13.30 -16.03 -24.00
CA THR A 359 12.93 -15.06 -22.97
C THR A 359 12.16 -15.73 -21.85
N LEU A 360 11.16 -16.55 -22.18
CA LEU A 360 10.37 -17.25 -21.17
C LEU A 360 11.21 -18.16 -20.29
N LEU A 361 12.44 -18.49 -20.70
CA LEU A 361 13.33 -19.32 -19.91
C LEU A 361 14.57 -18.58 -19.41
N ALA A 362 14.83 -17.37 -19.92
CA ALA A 362 16.04 -16.66 -19.54
C ALA A 362 16.14 -16.48 -18.03
N SER A 363 15.06 -16.07 -17.40
CA SER A 363 15.00 -15.89 -15.95
C SER A 363 13.55 -15.69 -15.55
N LYS A 364 13.32 -15.59 -14.24
CA LYS A 364 11.96 -15.42 -13.75
C LYS A 364 11.44 -14.02 -14.03
N SER A 365 12.30 -13.01 -13.89
CA SER A 365 11.87 -11.63 -14.10
C SER A 365 11.42 -11.41 -15.54
N SER A 366 12.17 -11.94 -16.51
CA SER A 366 11.84 -11.71 -17.91
C SER A 366 10.64 -12.53 -18.33
N CYS A 367 10.45 -13.72 -17.75
CA CYS A 367 9.28 -14.52 -18.10
C CYS A 367 8.01 -13.89 -17.58
N ALA A 368 7.95 -13.61 -16.28
CA ALA A 368 6.82 -12.89 -15.71
C ALA A 368 6.67 -11.52 -16.37
N GLY A 369 7.77 -10.97 -16.86
CA GLY A 369 7.70 -9.67 -17.51
C GLY A 369 7.00 -9.72 -18.85
N LEU A 370 7.32 -10.73 -19.66
CA LEU A 370 6.80 -10.77 -21.03
C LEU A 370 5.34 -11.18 -21.06
N LEU A 371 4.90 -12.00 -20.09
CA LEU A 371 3.51 -12.46 -20.09
C LEU A 371 2.58 -11.40 -19.52
N CYS A 372 3.04 -10.63 -18.54
CA CYS A 372 2.22 -9.57 -17.98
C CYS A 372 1.95 -8.48 -19.00
N ARG A 373 2.94 -8.19 -19.84
CA ARG A 373 2.75 -7.16 -20.86
C ARG A 373 1.88 -7.68 -22.00
N THR A 374 2.03 -8.95 -22.35
CA THR A 374 1.25 -9.51 -23.46
C THR A 374 -0.22 -9.58 -23.12
N LEU A 375 -0.55 -9.93 -21.87
CA LEU A 375 -1.95 -9.99 -21.47
C LEU A 375 -2.54 -8.60 -21.31
N ALA A 376 -1.72 -7.62 -20.95
CA ALA A 376 -2.19 -6.25 -20.89
C ALA A 376 -2.50 -5.71 -22.28
N HIS A 377 -1.58 -5.93 -23.23
CA HIS A 377 -1.81 -5.50 -24.60
C HIS A 377 -3.04 -6.18 -25.19
N LEU A 378 -3.07 -7.51 -25.17
CA LEU A 378 -4.18 -8.26 -25.73
C LEU A 378 -5.49 -7.97 -25.03
N GLU A 379 -5.48 -7.24 -23.92
CA GLU A 379 -6.74 -6.88 -23.26
C GLU A 379 -7.20 -5.48 -23.68
N GLU A 380 -6.25 -4.57 -23.92
CA GLU A 380 -6.59 -3.27 -24.50
C GLU A 380 -7.12 -3.40 -25.92
N LEU A 381 -7.06 -4.60 -26.50
CA LEU A 381 -7.39 -4.79 -27.90
C LEU A 381 -8.81 -5.29 -28.09
N GLN A 382 -9.34 -6.06 -27.15
CA GLN A 382 -10.63 -6.73 -27.38
C GLN A 382 -11.79 -5.77 -27.57
N PRO A 383 -12.04 -4.78 -26.69
CA PRO A 383 -13.25 -3.96 -26.85
C PRO A 383 -13.26 -3.08 -28.09
N LEU A 384 -12.26 -3.18 -28.96
CA LEU A 384 -12.17 -2.30 -30.12
C LEU A 384 -13.00 -2.83 -31.29
N PRO A 385 -13.63 -1.95 -32.05
CA PRO A 385 -14.34 -2.39 -33.26
C PRO A 385 -13.41 -2.72 -34.40
N GLN A 386 -12.23 -2.09 -34.41
CA GLN A 386 -11.19 -2.42 -35.39
C GLN A 386 -10.35 -3.61 -34.97
N ARG A 387 -10.90 -4.44 -34.11
CA ARG A 387 -10.27 -5.68 -33.68
C ARG A 387 -9.81 -6.49 -34.89
N PRO A 388 -8.71 -7.24 -34.79
CA PRO A 388 -8.34 -8.15 -35.86
C PRO A 388 -9.40 -9.23 -36.04
N SER A 389 -9.49 -9.75 -37.26
CA SER A 389 -10.49 -10.76 -37.56
C SER A 389 -9.87 -11.84 -38.45
N PRO A 390 -10.19 -13.12 -38.19
CA PRO A 390 -11.08 -13.58 -37.11
C PRO A 390 -10.41 -13.57 -35.74
N TRP A 391 -11.12 -13.03 -34.75
CA TRP A 391 -10.60 -12.89 -33.39
C TRP A 391 -10.67 -14.24 -32.70
N PRO A 392 -9.55 -14.89 -32.41
CA PRO A 392 -9.62 -16.26 -31.87
C PRO A 392 -10.11 -16.27 -30.44
N GLN A 393 -11.36 -16.69 -30.23
CA GLN A 393 -11.94 -16.71 -28.91
C GLN A 393 -11.65 -18.01 -28.17
N ALA A 394 -11.99 -19.15 -28.78
CA ALA A 394 -11.84 -20.43 -28.12
C ALA A 394 -10.37 -20.75 -27.84
N SER A 395 -9.48 -20.30 -28.72
CA SER A 395 -8.07 -20.63 -28.55
C SER A 395 -7.42 -19.73 -27.51
N LEU A 396 -7.85 -18.48 -27.41
CA LEU A 396 -7.28 -17.58 -26.43
C LEU A 396 -7.67 -17.98 -25.01
N LEU A 397 -8.94 -18.33 -24.81
CA LEU A 397 -9.40 -18.76 -23.49
C LEU A 397 -8.63 -19.98 -23.02
N GLY A 398 -8.53 -21.01 -23.87
CA GLY A 398 -7.74 -22.18 -23.50
C GLY A 398 -6.30 -21.85 -23.23
N ALA A 399 -5.79 -20.78 -23.83
CA ALA A 399 -4.43 -20.35 -23.56
C ALA A 399 -4.35 -19.54 -22.27
N THR A 400 -5.46 -18.90 -21.90
CA THR A 400 -5.49 -18.14 -20.65
C THR A 400 -5.75 -19.04 -19.45
N VAL A 401 -6.59 -20.06 -19.63
CA VAL A 401 -6.85 -20.99 -18.54
C VAL A 401 -5.62 -21.81 -18.20
N THR A 402 -4.79 -22.10 -19.22
CA THR A 402 -3.61 -22.92 -18.97
C THR A 402 -2.43 -22.09 -18.46
N VAL A 403 -2.63 -20.79 -18.27
CA VAL A 403 -1.60 -19.99 -17.61
C VAL A 403 -2.05 -19.66 -16.19
N LEU A 404 -3.31 -19.91 -15.87
CA LEU A 404 -3.76 -19.80 -14.48
C LEU A 404 -3.39 -21.05 -13.69
N ARG A 405 -3.36 -22.21 -14.37
CA ARG A 405 -3.00 -23.44 -13.67
C ARG A 405 -1.51 -23.51 -13.40
N LEU A 406 -0.69 -23.08 -14.36
CA LEU A 406 0.75 -22.97 -14.11
C LEU A 406 1.03 -22.04 -12.93
N CYS A 407 0.36 -20.89 -12.90
CA CYS A 407 0.50 -19.97 -11.78
C CYS A 407 0.04 -20.62 -10.49
N ASP A 408 -1.14 -21.26 -10.52
CA ASP A 408 -1.63 -21.96 -9.34
C ASP A 408 -0.72 -23.13 -8.98
N GLY A 409 -0.38 -23.96 -9.95
CA GLY A 409 0.57 -25.04 -9.72
C GLY A 409 0.07 -26.43 -10.02
N SER A 410 -0.91 -26.56 -10.90
CA SER A 410 -1.52 -27.86 -11.19
C SER A 410 -1.55 -28.14 -12.69
N ALA A 411 -0.57 -27.66 -13.43
CA ALA A 411 -0.50 -27.89 -14.87
C ALA A 411 0.14 -29.25 -15.14
N ALA A 412 0.47 -29.51 -16.40
CA ALA A 412 1.13 -30.75 -16.77
C ALA A 412 2.03 -30.51 -17.99
N PRO A 413 3.35 -30.58 -17.81
CA PRO A 413 4.27 -30.25 -18.90
C PRO A 413 4.15 -31.22 -20.07
N ALA A 414 4.72 -30.79 -21.20
CA ALA A 414 4.85 -31.64 -22.38
C ALA A 414 6.21 -31.47 -23.05
N SER A 415 7.19 -30.91 -22.35
CA SER A 415 8.52 -30.68 -22.91
C SER A 415 9.46 -30.31 -21.76
N SER A 416 10.70 -29.96 -22.11
CA SER A 416 11.63 -29.46 -21.11
C SER A 416 11.47 -27.96 -20.91
N VAL A 417 10.86 -27.27 -21.86
CA VAL A 417 10.55 -25.86 -21.67
C VAL A 417 9.22 -25.72 -20.92
N GLY A 418 8.31 -26.67 -21.09
CA GLY A 418 7.12 -26.69 -20.26
C GLY A 418 7.42 -27.10 -18.84
N GLY A 419 8.41 -27.98 -18.65
CA GLY A 419 8.80 -28.37 -17.31
C GLY A 419 9.58 -27.28 -16.61
N HIS A 420 10.26 -26.43 -17.37
CA HIS A 420 10.95 -25.29 -16.77
C HIS A 420 9.96 -24.17 -16.48
N LEU A 421 8.82 -24.14 -17.18
CA LEU A 421 7.84 -23.09 -16.94
C LEU A 421 7.12 -23.29 -15.62
N CYS A 422 6.86 -24.54 -15.24
CA CYS A 422 6.23 -24.79 -13.94
C CYS A 422 7.10 -24.32 -12.79
N GLY A 423 8.42 -24.33 -12.98
CA GLY A 423 9.30 -23.89 -11.92
C GLY A 423 9.43 -22.39 -11.80
N THR A 424 8.99 -21.65 -12.81
CA THR A 424 9.07 -20.19 -12.78
C THR A 424 7.73 -19.55 -12.43
N LEU A 425 6.69 -19.84 -13.22
CA LEU A 425 5.41 -19.17 -13.04
C LEU A 425 4.71 -19.54 -11.74
N ALA A 426 5.08 -20.67 -11.12
CA ALA A 426 4.37 -21.17 -9.96
C ALA A 426 4.35 -20.16 -8.82
N GLY A 427 3.16 -19.67 -8.48
CA GLY A 427 3.03 -18.72 -7.39
C GLY A 427 3.53 -17.33 -7.72
N CYS A 428 3.27 -16.83 -8.91
CA CYS A 428 3.65 -15.48 -9.31
C CYS A 428 2.41 -14.62 -9.33
N VAL A 429 2.30 -13.72 -8.35
CA VAL A 429 1.08 -12.94 -8.18
C VAL A 429 0.90 -11.92 -9.31
N ARG A 430 2.00 -11.49 -9.93
CA ARG A 430 1.89 -10.46 -10.95
C ARG A 430 1.32 -11.02 -12.25
N VAL A 431 1.64 -12.28 -12.55
CA VAL A 431 1.11 -12.92 -13.74
C VAL A 431 -0.31 -13.42 -13.49
N GLN A 432 -0.59 -13.79 -12.24
CA GLN A 432 -1.93 -14.28 -11.91
C GLN A 432 -2.93 -13.13 -11.88
N ARG A 433 -2.48 -11.93 -11.54
CA ARG A 433 -3.37 -10.77 -11.59
C ARG A 433 -3.61 -10.34 -13.03
N ALA A 434 -2.58 -10.41 -13.86
CA ALA A 434 -2.73 -10.02 -15.26
C ALA A 434 -3.64 -10.99 -16.00
N ALA A 435 -3.52 -12.28 -15.71
CA ALA A 435 -4.33 -13.28 -16.41
C ALA A 435 -5.77 -13.26 -15.94
N LEU A 436 -6.00 -12.90 -14.67
CA LEU A 436 -7.36 -12.91 -14.14
C LEU A 436 -8.15 -11.70 -14.60
N ASP A 437 -7.47 -10.60 -14.90
CA ASP A 437 -8.15 -9.47 -15.51
C ASP A 437 -8.52 -9.78 -16.95
N PHE A 438 -7.64 -10.48 -17.67
CA PHE A 438 -7.92 -10.82 -19.06
C PHE A 438 -9.07 -11.82 -19.17
N LEU A 439 -9.02 -12.90 -18.40
CA LEU A 439 -10.08 -13.89 -18.44
C LEU A 439 -11.43 -13.28 -18.06
N GLY A 440 -11.43 -12.16 -17.36
CA GLY A 440 -12.67 -11.46 -17.12
C GLY A 440 -13.11 -10.67 -18.33
N THR A 441 -12.16 -10.20 -19.13
CA THR A 441 -12.49 -9.46 -20.35
C THR A 441 -12.98 -10.40 -21.45
N LEU A 442 -12.48 -11.62 -21.47
CA LEU A 442 -12.85 -12.56 -22.52
C LEU A 442 -14.20 -13.18 -22.22
N SER A 443 -15.18 -12.36 -21.88
CA SER A 443 -16.52 -12.87 -21.63
C SER A 443 -17.60 -11.98 -22.21
N GLN A 444 -17.25 -10.83 -22.78
CA GLN A 444 -18.21 -9.94 -23.40
C GLN A 444 -18.44 -10.26 -24.87
N GLY A 445 -17.70 -11.22 -25.42
CA GLY A 445 -17.94 -11.72 -26.75
C GLY A 445 -18.68 -13.04 -26.66
N THR A 446 -19.85 -13.10 -27.29
CA THR A 446 -20.71 -14.28 -27.19
C THR A 446 -20.04 -15.50 -27.81
N GLY A 447 -20.16 -16.63 -27.11
CA GLY A 447 -19.58 -17.87 -27.58
C GLY A 447 -20.33 -19.08 -27.05
N PRO A 448 -19.88 -20.27 -27.44
CA PRO A 448 -20.54 -21.50 -26.97
C PRO A 448 -20.39 -21.66 -25.47
N GLN A 449 -21.33 -22.42 -24.89
CA GLN A 449 -21.31 -22.65 -23.45
C GLN A 449 -20.17 -23.57 -23.03
N GLU A 450 -19.52 -24.24 -23.98
CA GLU A 450 -18.31 -25.00 -23.66
C GLU A 450 -17.25 -24.08 -23.06
N LEU A 451 -17.22 -22.82 -23.48
CA LEU A 451 -16.27 -21.87 -22.93
C LEU A 451 -16.58 -21.54 -21.48
N VAL A 452 -17.86 -21.30 -21.16
CA VAL A 452 -18.23 -20.91 -19.81
C VAL A 452 -17.88 -22.00 -18.81
N THR A 453 -18.26 -23.24 -19.12
CA THR A 453 -17.94 -24.36 -18.23
C THR A 453 -16.44 -24.47 -18.00
N GLN A 454 -15.64 -24.22 -19.05
CA GLN A 454 -14.20 -24.28 -18.90
C GLN A 454 -13.68 -23.06 -18.14
N ALA A 455 -14.37 -21.93 -18.24
CA ALA A 455 -13.91 -20.71 -17.59
C ALA A 455 -14.20 -20.74 -16.10
N LEU A 456 -15.45 -21.02 -15.72
CA LEU A 456 -15.81 -21.09 -14.31
C LEU A 456 -15.01 -22.16 -13.58
N ALA A 457 -14.72 -23.28 -14.26
CA ALA A 457 -14.03 -24.38 -13.61
C ALA A 457 -12.66 -23.94 -13.08
N VAL A 458 -11.94 -23.12 -13.84
CA VAL A 458 -10.63 -22.67 -13.38
C VAL A 458 -10.77 -21.50 -12.43
N LEU A 459 -11.83 -20.71 -12.58
CA LEU A 459 -12.07 -19.61 -11.64
C LEU A 459 -12.36 -20.15 -10.24
N LEU A 460 -13.31 -21.06 -10.12
CA LEU A 460 -13.67 -21.62 -8.82
C LEU A 460 -12.47 -22.27 -8.15
N GLU A 461 -11.45 -22.66 -8.90
CA GLU A 461 -10.29 -23.28 -8.30
C GLU A 461 -9.42 -22.24 -7.60
N CYS A 462 -9.50 -20.98 -8.02
CA CYS A 462 -8.73 -19.93 -7.38
C CYS A 462 -9.37 -19.51 -6.06
N LEU A 463 -10.68 -19.67 -5.93
CA LEU A 463 -11.36 -19.24 -4.71
C LEU A 463 -11.23 -20.29 -3.62
N GLU A 464 -11.41 -21.57 -3.94
CA GLU A 464 -11.35 -22.63 -2.93
C GLU A 464 -9.91 -23.15 -2.82
N SER A 465 -8.99 -22.19 -2.64
CA SER A 465 -7.59 -22.60 -2.62
C SER A 465 -6.83 -21.81 -1.59
N PRO A 466 -5.93 -22.45 -0.83
CA PRO A 466 -4.96 -21.69 -0.05
C PRO A 466 -3.89 -21.12 -0.96
N GLY A 467 -3.18 -20.13 -0.45
CA GLY A 467 -2.09 -19.54 -1.20
C GLY A 467 -2.50 -18.53 -2.26
N SER A 468 -3.76 -18.13 -2.28
CA SER A 468 -4.19 -17.02 -3.11
C SER A 468 -4.17 -15.75 -2.27
N SER A 469 -3.42 -14.76 -2.73
CA SER A 469 -3.25 -13.54 -1.96
C SER A 469 -4.56 -12.76 -1.93
N PRO A 470 -4.67 -11.75 -1.06
CA PRO A 470 -5.91 -10.98 -1.02
C PRO A 470 -6.12 -10.09 -2.24
N THR A 471 -5.09 -9.89 -3.06
CA THR A 471 -5.27 -9.11 -4.28
C THR A 471 -5.68 -10.00 -5.45
N VAL A 472 -5.38 -11.29 -5.37
CA VAL A 472 -5.84 -12.22 -6.38
C VAL A 472 -7.28 -12.61 -6.12
N LEU A 473 -7.66 -12.70 -4.84
CA LEU A 473 -9.05 -13.04 -4.52
C LEU A 473 -10.00 -11.91 -4.89
N LYS A 474 -9.48 -10.69 -5.00
CA LYS A 474 -10.33 -9.57 -5.41
C LYS A 474 -10.60 -9.64 -6.90
N LYS A 475 -9.69 -10.23 -7.67
CA LYS A 475 -9.87 -10.33 -9.11
C LYS A 475 -10.58 -11.61 -9.50
N ALA A 476 -10.35 -12.69 -8.77
CA ALA A 476 -11.13 -13.91 -9.00
C ALA A 476 -12.60 -13.66 -8.73
N PHE A 477 -12.91 -12.80 -7.75
CA PHE A 477 -14.31 -12.51 -7.44
C PHE A 477 -14.91 -11.56 -8.48
N GLN A 478 -14.08 -10.84 -9.21
CA GLN A 478 -14.60 -9.94 -10.23
C GLN A 478 -14.68 -10.62 -11.58
N ALA A 479 -13.81 -11.60 -11.82
CA ALA A 479 -13.95 -12.43 -13.01
C ALA A 479 -15.15 -13.35 -12.90
N THR A 480 -15.36 -13.94 -11.72
CA THR A 480 -16.47 -14.88 -11.55
C THR A 480 -17.81 -14.21 -11.74
N LEU A 481 -17.87 -12.89 -11.59
CA LEU A 481 -19.15 -12.20 -11.69
C LEU A 481 -19.49 -11.85 -13.13
N ARG A 482 -18.49 -11.50 -13.93
CA ARG A 482 -18.76 -11.21 -15.34
C ARG A 482 -19.08 -12.48 -16.10
N TRP A 483 -18.49 -13.60 -15.68
CA TRP A 483 -18.74 -14.86 -16.36
C TRP A 483 -20.09 -15.45 -16.01
N LEU A 484 -20.67 -15.07 -14.88
CA LEU A 484 -21.99 -15.56 -14.53
C LEU A 484 -23.08 -14.74 -15.19
N LEU A 485 -22.96 -13.41 -15.16
CA LEU A 485 -23.97 -12.52 -15.70
C LEU A 485 -23.93 -12.44 -17.23
N SER A 486 -23.17 -13.31 -17.89
CA SER A 486 -23.07 -13.32 -19.34
C SER A 486 -23.25 -14.74 -19.87
N SER A 487 -24.26 -15.41 -19.37
CA SER A 487 -24.61 -16.74 -19.85
C SER A 487 -25.71 -16.65 -20.92
N PRO A 488 -25.78 -17.63 -21.83
CA PRO A 488 -26.79 -17.62 -22.90
C PRO A 488 -28.22 -17.64 -22.36
N ASP A 495 -35.78 -20.13 -16.53
CA ASP A 495 -35.20 -19.64 -15.29
C ASP A 495 -33.68 -19.50 -15.41
N LEU A 496 -32.94 -20.48 -14.88
CA LEU A 496 -31.48 -20.41 -14.85
C LEU A 496 -30.86 -21.69 -15.41
N GLY A 497 -31.46 -22.23 -16.46
CA GLY A 497 -30.90 -23.34 -17.20
C GLY A 497 -30.61 -24.58 -16.38
N PRO A 498 -29.90 -25.54 -16.97
CA PRO A 498 -29.56 -26.79 -16.28
C PRO A 498 -28.18 -26.88 -15.64
N LEU A 499 -27.28 -25.91 -15.86
CA LEU A 499 -25.92 -26.02 -15.36
C LEU A 499 -25.55 -25.00 -14.30
N ILE A 500 -26.11 -23.80 -14.35
CA ILE A 500 -25.81 -22.79 -13.32
C ILE A 500 -26.17 -23.27 -11.92
N PRO A 501 -27.37 -23.84 -11.66
CA PRO A 501 -27.67 -24.25 -10.28
C PRO A 501 -26.68 -25.22 -9.69
N GLN A 502 -25.99 -25.99 -10.52
CA GLN A 502 -24.98 -26.90 -9.99
C GLN A 502 -23.74 -26.14 -9.54
N PHE A 503 -23.34 -25.13 -10.31
CA PHE A 503 -22.16 -24.35 -9.93
C PHE A 503 -22.41 -23.58 -8.64
N LEU A 504 -23.67 -23.23 -8.37
CA LEU A 504 -23.97 -22.46 -7.17
C LEU A 504 -23.75 -23.30 -5.91
N ARG A 505 -24.23 -24.55 -5.91
CA ARG A 505 -24.01 -25.41 -4.75
C ARG A 505 -22.53 -25.66 -4.51
N GLU A 506 -21.71 -25.61 -5.57
CA GLU A 506 -20.28 -25.71 -5.40
C GLU A 506 -19.66 -24.41 -4.91
N LEU A 507 -20.34 -23.28 -5.08
CA LEU A 507 -19.76 -21.97 -4.84
C LEU A 507 -19.95 -21.49 -3.41
N PHE A 508 -21.19 -21.45 -2.93
CA PHE A 508 -21.48 -20.87 -1.63
C PHE A 508 -20.72 -21.52 -0.48
N PRO A 509 -20.42 -22.83 -0.53
CA PRO A 509 -19.47 -23.38 0.46
C PRO A 509 -18.09 -22.74 0.39
N VAL A 510 -17.76 -22.06 -0.71
CA VAL A 510 -16.48 -21.36 -0.79
C VAL A 510 -16.64 -19.92 -0.31
N LEU A 511 -17.85 -19.37 -0.45
CA LEU A 511 -18.11 -18.04 0.04
C LEU A 511 -18.11 -18.00 1.57
N GLN A 512 -18.56 -19.08 2.20
CA GLN A 512 -18.55 -19.14 3.66
C GLN A 512 -17.13 -19.13 4.20
N LYS A 513 -16.21 -19.75 3.47
CA LYS A 513 -14.83 -19.84 3.94
C LYS A 513 -14.09 -18.53 3.73
N ARG A 514 -14.59 -17.65 2.87
CA ARG A 514 -13.94 -16.38 2.60
C ARG A 514 -14.43 -15.25 3.50
N LEU A 515 -15.68 -15.29 3.91
CA LEU A 515 -16.19 -14.33 4.90
C LEU A 515 -15.55 -14.51 6.26
N CYS A 516 -14.63 -15.47 6.40
CA CYS A 516 -13.94 -15.70 7.66
C CYS A 516 -12.42 -15.61 7.49
N HIS A 517 -11.94 -15.12 6.35
CA HIS A 517 -10.52 -14.99 6.12
C HIS A 517 -9.91 -14.06 7.16
N PRO A 518 -8.64 -14.27 7.54
CA PRO A 518 -8.03 -13.37 8.53
C PRO A 518 -7.48 -12.09 7.94
N CYS A 519 -8.26 -11.43 7.09
CA CYS A 519 -7.86 -10.17 6.49
C CYS A 519 -9.12 -9.39 6.16
N TRP A 520 -9.17 -8.11 6.56
CA TRP A 520 -10.40 -7.35 6.35
C TRP A 520 -10.68 -7.13 4.88
N GLU A 521 -9.65 -7.16 4.03
CA GLU A 521 -9.87 -6.88 2.62
C GLU A 521 -10.41 -8.09 1.86
N VAL A 522 -10.41 -9.28 2.48
CA VAL A 522 -11.02 -10.42 1.83
C VAL A 522 -12.46 -10.59 2.29
N ARG A 523 -12.72 -10.40 3.58
CA ARG A 523 -14.10 -10.40 4.07
C ARG A 523 -14.89 -9.25 3.45
N ASP A 524 -14.18 -8.21 3.04
CA ASP A 524 -14.83 -7.09 2.36
C ASP A 524 -15.12 -7.41 0.90
N SER A 525 -14.17 -8.08 0.23
CA SER A 525 -14.34 -8.40 -1.18
C SER A 525 -15.46 -9.41 -1.39
N ALA A 526 -15.70 -10.27 -0.40
CA ALA A 526 -16.73 -11.30 -0.56
C ALA A 526 -18.11 -10.77 -0.21
N LEU A 527 -18.18 -9.59 0.38
CA LEU A 527 -19.48 -9.00 0.70
C LEU A 527 -19.94 -8.06 -0.41
N GLU A 528 -19.04 -7.71 -1.33
CA GLU A 528 -19.46 -6.95 -2.50
C GLU A 528 -19.83 -7.87 -3.65
N PHE A 529 -19.36 -9.12 -3.59
CA PHE A 529 -19.80 -10.13 -4.55
C PHE A 529 -21.20 -10.63 -4.21
N LEU A 530 -21.43 -10.92 -2.93
CA LEU A 530 -22.75 -11.36 -2.49
C LEU A 530 -23.79 -10.26 -2.67
N THR A 531 -23.34 -9.00 -2.76
CA THR A 531 -24.28 -7.91 -2.93
C THR A 531 -24.65 -7.74 -4.40
N GLN A 532 -23.68 -7.82 -5.29
CA GLN A 532 -23.95 -7.62 -6.72
C GLN A 532 -24.64 -8.83 -7.32
N LEU A 533 -24.27 -10.04 -6.89
CA LEU A 533 -24.98 -11.23 -7.32
C LEU A 533 -26.44 -11.19 -6.88
N SER A 534 -26.70 -10.68 -5.68
CA SER A 534 -28.08 -10.59 -5.20
C SER A 534 -28.80 -9.40 -5.79
N ARG A 535 -28.08 -8.52 -6.49
CA ARG A 535 -28.73 -7.36 -7.09
C ARG A 535 -29.27 -7.69 -8.48
N HIS A 536 -28.78 -8.77 -9.09
CA HIS A 536 -29.25 -9.23 -10.38
C HIS A 536 -30.16 -10.43 -10.27
N TRP A 537 -29.71 -11.47 -9.57
CA TRP A 537 -30.41 -12.74 -9.47
C TRP A 537 -31.25 -12.84 -8.20
N GLY A 538 -31.73 -11.71 -7.70
CA GLY A 538 -32.51 -11.72 -6.48
C GLY A 538 -33.93 -12.23 -6.62
N GLY A 539 -34.46 -12.26 -7.84
CA GLY A 539 -35.81 -12.73 -8.06
C GLY A 539 -35.88 -13.98 -8.91
N GLN A 540 -34.93 -14.90 -8.70
CA GLN A 540 -34.92 -16.19 -9.39
C GLN A 540 -35.10 -17.28 -8.36
N ALA A 541 -36.14 -18.09 -8.53
CA ALA A 541 -36.45 -19.14 -7.55
C ALA A 541 -35.27 -20.07 -7.34
N ASP A 542 -34.39 -20.20 -8.33
CA ASP A 542 -33.25 -21.10 -8.19
C ASP A 542 -32.19 -20.52 -7.27
N PHE A 543 -31.89 -19.22 -7.43
CA PHE A 543 -30.87 -18.60 -6.60
C PHE A 543 -31.30 -18.55 -5.14
N ARG A 544 -32.59 -18.33 -4.90
CA ARG A 544 -33.06 -18.24 -3.52
C ARG A 544 -33.10 -19.61 -2.85
N CYS A 545 -33.06 -20.68 -3.65
CA CYS A 545 -33.04 -22.02 -3.06
C CYS A 545 -31.63 -22.47 -2.74
N ALA A 546 -30.63 -21.99 -3.50
CA ALA A 546 -29.24 -22.34 -3.21
C ALA A 546 -28.64 -21.41 -2.17
N LEU A 547 -29.22 -20.23 -2.00
CA LEU A 547 -28.71 -19.28 -1.00
C LEU A 547 -29.16 -19.69 0.40
N LEU A 548 -30.47 -19.80 0.62
CA LEU A 548 -30.98 -20.10 1.95
C LEU A 548 -30.56 -21.49 2.42
N ALA A 549 -30.34 -22.42 1.48
CA ALA A 549 -29.92 -23.77 1.86
C ALA A 549 -28.54 -23.79 2.51
N SER A 550 -27.72 -22.79 2.26
CA SER A 550 -26.39 -22.72 2.84
C SER A 550 -26.41 -21.82 4.08
N GLU A 551 -25.22 -21.52 4.61
CA GLU A 551 -25.10 -20.76 5.84
C GLU A 551 -24.60 -19.33 5.57
N VAL A 552 -24.82 -18.83 4.36
CA VAL A 552 -24.30 -17.51 3.97
C VAL A 552 -25.09 -16.38 4.64
N PRO A 553 -26.44 -16.38 4.62
CA PRO A 553 -27.14 -15.25 5.24
C PRO A 553 -26.95 -15.15 6.75
N GLN A 554 -26.35 -16.17 7.37
CA GLN A 554 -26.08 -16.08 8.80
C GLN A 554 -24.69 -15.52 9.06
N LEU A 555 -23.72 -15.88 8.23
CA LEU A 555 -22.41 -15.25 8.33
C LEU A 555 -22.45 -13.80 7.91
N ALA A 556 -23.29 -13.48 6.92
CA ALA A 556 -23.43 -12.08 6.49
C ALA A 556 -24.01 -11.21 7.59
N LEU A 557 -24.58 -11.81 8.63
CA LEU A 557 -25.22 -11.03 9.68
C LEU A 557 -24.39 -11.01 10.95
N GLN A 558 -23.47 -11.95 11.12
CA GLN A 558 -22.53 -11.88 12.22
C GLN A 558 -21.37 -10.95 11.94
N LEU A 559 -21.35 -10.34 10.77
CA LEU A 559 -20.30 -9.39 10.41
C LEU A 559 -20.71 -7.95 10.65
N LEU A 560 -21.94 -7.70 11.09
CA LEU A 560 -22.32 -6.37 11.55
C LEU A 560 -21.58 -5.96 12.81
N GLN A 561 -20.73 -6.83 13.35
CA GLN A 561 -19.95 -6.52 14.54
C GLN A 561 -18.47 -6.78 14.33
N ASP A 562 -18.03 -6.90 13.08
CA ASP A 562 -16.61 -7.04 12.79
C ASP A 562 -15.87 -5.83 13.36
N PRO A 563 -14.68 -6.02 13.93
CA PRO A 563 -13.95 -4.88 14.49
C PRO A 563 -13.55 -3.84 13.45
N GLU A 564 -13.10 -4.26 12.27
CA GLU A 564 -12.77 -3.31 11.22
C GLU A 564 -14.02 -2.57 10.75
N SER A 565 -13.85 -1.27 10.50
CA SER A 565 -14.97 -0.41 10.10
C SER A 565 -15.33 -0.56 8.64
N TYR A 566 -14.40 -0.98 7.79
CA TYR A 566 -14.72 -1.19 6.38
C TYR A 566 -15.56 -2.45 6.16
N VAL A 567 -15.56 -3.36 7.12
CA VAL A 567 -16.34 -4.58 6.93
C VAL A 567 -17.74 -4.43 7.52
N ARG A 568 -17.91 -3.56 8.52
CA ARG A 568 -19.27 -3.23 8.95
C ARG A 568 -20.03 -2.52 7.85
N ALA A 569 -19.34 -1.67 7.07
CA ALA A 569 -20.01 -0.97 5.99
C ALA A 569 -20.43 -1.93 4.89
N SER A 570 -19.60 -2.92 4.59
CA SER A 570 -19.96 -3.88 3.55
C SER A 570 -21.02 -4.84 4.02
N ALA A 571 -20.98 -5.21 5.31
CA ALA A 571 -22.01 -6.11 5.85
C ALA A 571 -23.36 -5.41 5.91
N VAL A 572 -23.37 -4.11 6.25
CA VAL A 572 -24.64 -3.39 6.31
C VAL A 572 -25.24 -3.24 4.91
N THR A 573 -24.39 -3.00 3.91
CA THR A 573 -24.90 -2.86 2.55
C THR A 573 -25.45 -4.18 2.03
N ALA A 574 -24.78 -5.29 2.36
CA ALA A 574 -25.24 -6.59 1.89
C ALA A 574 -26.57 -6.97 2.53
N MET A 575 -26.71 -6.74 3.84
CA MET A 575 -27.98 -6.99 4.49
C MET A 575 -29.08 -6.11 3.94
N GLY A 576 -28.75 -4.87 3.60
CA GLY A 576 -29.75 -4.00 2.99
C GLY A 576 -30.26 -4.54 1.68
N GLN A 577 -29.36 -5.03 0.84
CA GLN A 577 -29.77 -5.66 -0.41
C GLN A 577 -30.51 -6.97 -0.16
N LEU A 578 -29.93 -7.84 0.67
CA LEU A 578 -30.52 -9.16 0.91
C LEU A 578 -31.89 -9.06 1.55
N SER A 579 -32.24 -7.91 2.13
CA SER A 579 -33.54 -7.77 2.76
C SER A 579 -34.55 -7.09 1.84
N SER A 580 -34.08 -6.38 0.82
CA SER A 580 -35.01 -5.88 -0.18
C SER A 580 -35.54 -7.00 -1.05
N GLN A 581 -34.80 -8.09 -1.17
CA GLN A 581 -35.21 -9.26 -1.94
C GLN A 581 -36.04 -10.24 -1.14
N GLY A 582 -36.26 -9.98 0.15
CA GLY A 582 -37.01 -10.91 0.97
C GLY A 582 -36.24 -12.17 1.31
N LEU A 583 -34.98 -12.03 1.69
CA LEU A 583 -34.11 -13.16 2.02
C LEU A 583 -33.46 -12.95 3.38
N HIS A 584 -34.21 -12.42 4.34
CA HIS A 584 -33.71 -12.24 5.69
C HIS A 584 -33.22 -13.56 6.27
N ALA A 585 -32.27 -13.47 7.18
CA ALA A 585 -31.82 -14.66 7.89
C ALA A 585 -32.99 -15.28 8.65
N PRO A 586 -33.32 -16.55 8.42
CA PRO A 586 -34.46 -17.20 9.08
C PRO A 586 -34.24 -17.45 10.57
N ARG A 595 -37.27 -9.78 10.06
CA ARG A 595 -37.64 -8.83 9.02
C ARG A 595 -37.58 -7.40 9.56
N GLN A 596 -37.82 -7.26 10.87
CA GLN A 596 -37.72 -5.98 11.53
C GLN A 596 -36.76 -6.01 12.71
N SER A 597 -36.28 -7.18 13.12
CA SER A 597 -35.13 -7.24 14.00
C SER A 597 -33.86 -6.79 13.31
N LEU A 598 -33.92 -6.50 12.01
CA LEU A 598 -32.81 -5.87 11.31
C LEU A 598 -32.84 -4.36 11.44
N PHE A 599 -34.00 -3.75 11.17
CA PHE A 599 -34.13 -2.31 11.32
C PHE A 599 -33.87 -1.88 12.77
N LEU A 600 -34.04 -2.79 13.72
CA LEU A 600 -33.66 -2.49 15.09
C LEU A 600 -32.16 -2.65 15.29
N GLU A 601 -31.53 -3.51 14.49
CA GLU A 601 -30.10 -3.71 14.61
C GLU A 601 -29.33 -2.66 13.81
N LEU A 602 -29.92 -2.18 12.71
CA LEU A 602 -29.28 -1.12 11.93
C LEU A 602 -29.41 0.22 12.63
N LEU A 603 -30.60 0.54 13.13
CA LEU A 603 -30.80 1.82 13.80
C LEU A 603 -29.94 1.93 15.06
N HIS A 604 -29.47 0.80 15.58
CA HIS A 604 -28.57 0.85 16.72
C HIS A 604 -27.18 1.34 16.30
N ILE A 605 -26.72 0.90 15.13
CA ILE A 605 -25.43 1.37 14.61
C ILE A 605 -25.47 2.87 14.34
N LEU A 606 -26.56 3.35 13.74
CA LEU A 606 -26.66 4.75 13.38
C LEU A 606 -26.52 5.67 14.58
N SER A 607 -26.86 5.19 15.78
CA SER A 607 -26.82 6.04 16.96
C SER A 607 -25.62 5.76 17.86
N VAL A 608 -25.46 4.51 18.29
CA VAL A 608 -24.38 4.11 19.18
C VAL A 608 -23.32 3.44 18.32
N ASP A 609 -22.35 4.21 17.85
CA ASP A 609 -21.24 3.66 17.09
C ASP A 609 -20.07 4.64 17.14
N SER A 610 -18.91 4.17 16.71
CA SER A 610 -17.68 4.96 16.75
C SER A 610 -17.39 5.61 15.41
N GLU A 611 -17.30 4.81 14.35
CA GLU A 611 -16.77 5.28 13.08
C GLU A 611 -17.87 5.92 12.23
N GLY A 612 -17.45 6.54 11.13
CA GLY A 612 -18.37 7.17 10.21
C GLY A 612 -18.79 6.25 9.09
N PHE A 613 -17.89 5.34 8.69
CA PHE A 613 -18.17 4.47 7.56
C PHE A 613 -19.43 3.62 7.75
N PRO A 614 -19.64 2.94 8.89
CA PRO A 614 -20.91 2.23 9.05
C PRO A 614 -22.12 3.15 9.10
N ARG A 615 -21.97 4.36 9.63
CA ARG A 615 -23.11 5.25 9.79
C ARG A 615 -23.59 5.77 8.45
N ARG A 616 -22.67 6.19 7.58
CA ARG A 616 -23.10 6.66 6.26
C ARG A 616 -23.46 5.50 5.35
N ALA A 617 -23.08 4.27 5.71
CA ALA A 617 -23.53 3.10 4.97
C ALA A 617 -24.93 2.70 5.42
N VAL A 618 -25.29 3.03 6.66
CA VAL A 618 -26.64 2.76 7.15
C VAL A 618 -27.64 3.71 6.49
N MET A 619 -27.22 4.95 6.26
CA MET A 619 -28.14 5.93 5.68
C MET A 619 -28.51 5.57 4.24
N GLN A 620 -27.56 5.03 3.49
CA GLN A 620 -27.87 4.62 2.12
C GLN A 620 -28.84 3.45 2.11
N VAL A 621 -28.76 2.58 3.12
CA VAL A 621 -29.68 1.46 3.21
C VAL A 621 -31.09 1.96 3.51
N PHE A 622 -31.23 2.87 4.47
CA PHE A 622 -32.55 3.37 4.83
C PHE A 622 -33.18 4.17 3.71
N THR A 623 -32.36 4.82 2.87
CA THR A 623 -32.91 5.54 1.74
C THR A 623 -33.40 4.59 0.67
N GLU A 624 -32.62 3.54 0.39
CA GLU A 624 -33.04 2.55 -0.60
C GLU A 624 -34.30 1.83 -0.15
N TRP A 625 -34.44 1.62 1.16
CA TRP A 625 -35.67 1.03 1.69
C TRP A 625 -36.87 1.91 1.41
N LEU A 626 -36.73 3.21 1.68
CA LEU A 626 -37.90 4.10 1.55
C LEU A 626 -38.29 4.28 0.09
N ARG A 627 -37.31 4.41 -0.81
CA ARG A 627 -37.63 4.64 -2.21
C ARG A 627 -38.23 3.39 -2.84
N ASP A 628 -37.65 2.21 -2.54
CA ASP A 628 -38.23 0.97 -3.02
C ASP A 628 -39.61 0.73 -2.43
N GLY A 629 -39.76 0.94 -1.12
CA GLY A 629 -41.04 0.70 -0.48
C GLY A 629 -41.07 -0.56 0.35
N HIS A 630 -39.93 -0.97 0.89
CA HIS A 630 -39.88 -2.14 1.76
C HIS A 630 -40.31 -1.77 3.17
N ASP A 636 -47.31 3.28 8.53
CA ASP A 636 -46.17 3.18 9.44
C ASP A 636 -44.94 3.82 8.83
N THR A 637 -45.10 4.41 7.64
CA THR A 637 -43.98 5.07 6.97
C THR A 637 -43.51 6.28 7.75
N GLU A 638 -44.45 7.09 8.27
CA GLU A 638 -44.09 8.29 9.00
C GLU A 638 -43.21 7.97 10.20
N GLN A 639 -43.54 6.91 10.94
CA GLN A 639 -42.75 6.58 12.12
C GLN A 639 -41.34 6.15 11.72
N PHE A 640 -41.17 5.61 10.53
CA PHE A 640 -39.84 5.29 10.02
C PHE A 640 -39.04 6.57 9.78
N VAL A 641 -39.58 7.46 8.95
CA VAL A 641 -38.87 8.68 8.58
C VAL A 641 -38.61 9.55 9.81
N ALA A 642 -39.52 9.50 10.79
CA ALA A 642 -39.38 10.35 11.97
C ALA A 642 -38.26 9.84 12.88
N THR A 643 -38.10 8.52 12.96
CA THR A 643 -37.07 7.96 13.83
C THR A 643 -35.68 8.17 13.24
N VAL A 644 -35.58 8.11 11.91
CA VAL A 644 -34.29 8.22 11.26
C VAL A 644 -33.81 9.66 11.24
N LEU A 645 -34.68 10.59 10.83
CA LEU A 645 -34.29 12.00 10.75
C LEU A 645 -33.97 12.59 12.12
N GLN A 646 -34.14 11.80 13.18
CA GLN A 646 -33.73 12.26 14.51
C GLN A 646 -32.28 11.91 14.78
N ALA A 647 -31.82 10.77 14.25
CA ALA A 647 -30.43 10.37 14.45
C ALA A 647 -29.51 11.05 13.45
N ALA A 648 -30.05 11.51 12.33
CA ALA A 648 -29.25 12.27 11.38
C ALA A 648 -28.91 13.65 11.93
N SER A 649 -29.92 14.36 12.43
CA SER A 649 -29.72 15.74 12.87
C SER A 649 -28.80 15.82 14.09
N ARG A 650 -28.71 14.75 14.87
CA ARG A 650 -27.88 14.73 16.06
C ARG A 650 -26.47 14.24 15.78
N ASP A 651 -26.17 13.88 14.53
CA ASP A 651 -24.90 13.29 14.18
C ASP A 651 -23.85 14.37 13.99
N LEU A 652 -22.59 13.92 13.89
CA LEU A 652 -21.46 14.83 13.78
C LEU A 652 -20.74 14.75 12.44
N ASP A 653 -21.07 13.79 11.59
CA ASP A 653 -20.45 13.68 10.28
C ASP A 653 -21.27 14.45 9.25
N TRP A 654 -20.55 15.05 8.29
CA TRP A 654 -21.22 15.82 7.24
C TRP A 654 -21.82 14.92 6.16
N GLU A 655 -21.39 13.67 6.07
CA GLU A 655 -21.98 12.76 5.09
C GLU A 655 -23.29 12.17 5.58
N VAL A 656 -23.41 11.98 6.89
CA VAL A 656 -24.63 11.41 7.42
C VAL A 656 -25.77 12.42 7.38
N ARG A 657 -25.44 13.70 7.60
CA ARG A 657 -26.47 14.72 7.53
C ARG A 657 -26.89 14.98 6.09
N ALA A 658 -25.94 14.98 5.16
CA ALA A 658 -26.27 15.23 3.76
C ALA A 658 -27.22 14.17 3.21
N GLN A 659 -27.01 12.91 3.61
CA GLN A 659 -27.94 11.86 3.22
C GLN A 659 -29.28 11.98 3.95
N GLY A 660 -29.29 12.66 5.10
CA GLY A 660 -30.56 12.90 5.77
C GLY A 660 -31.53 13.67 4.90
N LEU A 661 -31.06 14.79 4.35
CA LEU A 661 -31.91 15.57 3.45
C LEU A 661 -32.24 14.80 2.17
N GLU A 662 -31.34 13.91 1.74
CA GLU A 662 -31.65 13.06 0.61
C GLU A 662 -32.72 12.04 0.97
N LEU A 663 -32.78 11.65 2.24
CA LEU A 663 -33.88 10.80 2.69
C LEU A 663 -35.17 11.59 2.85
N ALA A 664 -35.06 12.90 3.09
CA ALA A 664 -36.25 13.73 3.16
C ALA A 664 -36.85 13.96 1.79
N LEU A 665 -36.01 14.30 0.80
CA LEU A 665 -36.49 14.49 -0.57
C LEU A 665 -37.31 13.31 -1.05
N VAL A 666 -36.77 12.09 -0.87
CA VAL A 666 -37.51 10.89 -1.25
C VAL A 666 -38.85 10.85 -0.53
N PHE A 667 -38.86 11.17 0.76
CA PHE A 667 -40.11 11.15 1.51
C PHE A 667 -40.99 12.34 1.14
N LEU A 668 -40.37 13.49 0.84
CA LEU A 668 -41.15 14.67 0.49
C LEU A 668 -41.91 14.46 -0.82
N GLY A 669 -41.27 13.81 -1.78
CA GLY A 669 -41.91 13.61 -3.08
C GLY A 669 -43.15 12.73 -2.99
N GLN A 670 -43.10 11.69 -2.15
CA GLN A 670 -44.25 10.80 -2.00
C GLN A 670 -45.43 11.47 -1.31
N THR A 671 -45.22 12.64 -0.71
CA THR A 671 -46.27 13.29 0.06
C THR A 671 -47.01 14.34 -0.76
N LEU A 672 -46.29 15.09 -1.59
CA LEU A 672 -46.92 16.14 -2.40
C LEU A 672 -47.02 15.70 -3.85
N PRO A 693 -56.73 17.99 2.14
CA PRO A 693 -55.84 17.17 1.31
C PRO A 693 -54.37 17.53 1.53
N LEU A 694 -54.01 18.76 1.18
CA LEU A 694 -52.64 19.21 1.36
C LEU A 694 -52.34 19.59 2.80
N THR A 695 -53.38 19.90 3.58
CA THR A 695 -53.14 20.34 4.96
C THR A 695 -52.56 19.22 5.81
N GLU A 696 -53.04 18.00 5.64
CA GLU A 696 -52.44 16.87 6.37
C GLU A 696 -51.09 16.51 5.76
N ALA A 697 -50.97 16.60 4.44
CA ALA A 697 -49.67 16.44 3.79
C ALA A 697 -48.61 17.30 4.46
N LEU A 698 -48.95 18.56 4.74
CA LEU A 698 -48.03 19.41 5.49
C LEU A 698 -47.98 19.01 6.96
N ARG A 699 -49.13 18.68 7.55
CA ARG A 699 -49.14 18.29 8.97
C ARG A 699 -48.28 17.06 9.20
N ALA A 700 -48.38 16.06 8.32
CA ALA A 700 -47.47 14.93 8.41
C ALA A 700 -46.03 15.37 8.19
N LEU A 701 -45.80 16.25 7.22
CA LEU A 701 -44.46 16.71 6.92
C LEU A 701 -43.84 17.44 8.10
N CYS A 702 -44.66 18.11 8.91
CA CYS A 702 -44.15 18.75 10.13
C CYS A 702 -44.13 17.82 11.32
N HIS A 703 -44.76 16.64 11.21
CA HIS A 703 -44.73 15.68 12.30
C HIS A 703 -43.37 14.98 12.39
N VAL A 704 -42.80 14.63 11.24
CA VAL A 704 -41.50 13.97 11.22
C VAL A 704 -40.38 14.89 11.71
N GLY A 705 -40.61 16.19 11.76
CA GLY A 705 -39.59 17.13 12.18
C GLY A 705 -38.69 17.62 11.08
N LEU A 706 -39.09 17.47 9.81
CA LEU A 706 -38.25 17.89 8.70
C LEU A 706 -37.91 19.36 8.77
N PHE A 707 -38.90 20.22 9.05
CA PHE A 707 -38.64 21.65 9.07
C PHE A 707 -37.63 22.01 10.16
N ASP A 708 -37.64 21.28 11.27
CA ASP A 708 -36.60 21.48 12.27
C ASP A 708 -35.24 21.09 11.73
N PHE A 709 -35.19 20.07 10.88
CA PHE A 709 -33.92 19.63 10.30
C PHE A 709 -33.43 20.62 9.24
N ALA A 710 -34.31 20.98 8.30
CA ALA A 710 -33.88 21.79 7.16
C ALA A 710 -33.40 23.17 7.59
N PHE A 711 -34.05 23.76 8.61
CA PHE A 711 -33.67 25.11 9.02
C PHE A 711 -32.35 25.14 9.78
N CYS A 712 -32.10 24.14 10.62
CA CYS A 712 -30.83 24.11 11.35
C CYS A 712 -29.65 23.92 10.40
N ALA A 713 -29.82 23.09 9.37
CA ALA A 713 -28.75 22.85 8.41
C ALA A 713 -28.53 24.03 7.48
N LEU A 714 -29.48 24.97 7.41
CA LEU A 714 -29.35 26.10 6.50
C LEU A 714 -28.18 26.99 6.90
N PHE A 715 -28.04 27.26 8.20
CA PHE A 715 -26.92 28.03 8.73
C PHE A 715 -25.98 27.04 9.41
N ASP A 716 -25.09 26.44 8.62
CA ASP A 716 -24.29 25.32 9.07
C ASP A 716 -22.83 25.54 8.74
N CYS A 717 -21.97 24.82 9.46
CA CYS A 717 -20.52 24.96 9.32
C CYS A 717 -19.94 24.22 8.13
N ASP A 718 -20.78 23.56 7.34
CA ASP A 718 -20.32 22.82 6.16
C ASP A 718 -21.13 23.27 4.96
N ARG A 719 -20.46 23.92 4.01
CA ARG A 719 -21.14 24.40 2.81
C ARG A 719 -21.79 23.29 1.99
N PRO A 720 -21.24 22.08 1.88
CA PRO A 720 -21.97 21.03 1.14
C PRO A 720 -23.26 20.62 1.81
N VAL A 721 -23.36 20.73 3.13
CA VAL A 721 -24.60 20.40 3.81
C VAL A 721 -25.62 21.51 3.64
N ALA A 722 -25.16 22.76 3.52
CA ALA A 722 -26.09 23.87 3.40
C ALA A 722 -26.72 23.95 2.01
N GLN A 723 -26.01 23.49 0.98
CA GLN A 723 -26.59 23.48 -0.35
C GLN A 723 -27.76 22.50 -0.45
N LYS A 724 -27.61 21.30 0.13
CA LYS A 724 -28.67 20.32 0.06
C LYS A 724 -29.95 20.84 0.70
N SER A 725 -29.82 21.54 1.83
CA SER A 725 -31.00 22.12 2.47
C SER A 725 -31.51 23.32 1.71
N CYS A 726 -30.62 24.08 1.07
CA CYS A 726 -31.06 25.19 0.24
C CYS A 726 -31.84 24.69 -0.97
N ASP A 727 -31.34 23.65 -1.64
CA ASP A 727 -32.07 23.08 -2.76
C ASP A 727 -33.37 22.42 -2.32
N LEU A 728 -33.45 21.98 -1.06
CA LEU A 728 -34.65 21.33 -0.58
C LEU A 728 -35.80 22.33 -0.43
N LEU A 729 -35.56 23.41 0.33
CA LEU A 729 -36.60 24.40 0.56
C LEU A 729 -37.03 25.08 -0.73
N LEU A 730 -36.07 25.37 -1.61
CA LEU A 730 -36.41 25.96 -2.90
C LEU A 730 -37.34 25.04 -3.69
N PHE A 731 -37.12 23.72 -3.60
CA PHE A 731 -38.05 22.78 -4.18
C PHE A 731 -39.36 22.74 -3.39
N LEU A 732 -39.29 23.03 -2.09
CA LEU A 732 -40.50 23.07 -1.28
C LEU A 732 -41.25 24.39 -1.46
N ARG A 733 -40.53 25.48 -1.72
CA ARG A 733 -41.18 26.77 -1.91
C ARG A 733 -41.84 26.87 -3.28
N ASP A 734 -41.54 25.92 -4.18
CA ASP A 734 -42.18 25.93 -5.49
C ASP A 734 -43.49 25.14 -5.47
N LYS A 735 -43.44 23.89 -5.02
CA LYS A 735 -44.64 23.06 -4.97
C LYS A 735 -45.71 23.68 -4.08
N ILE A 736 -45.29 24.36 -3.00
CA ILE A 736 -46.26 24.96 -2.09
C ILE A 736 -46.88 26.22 -2.67
N ALA A 737 -46.45 26.64 -3.85
CA ALA A 737 -47.05 27.80 -4.53
C ALA A 737 -48.12 27.38 -5.53
N SER A 738 -47.84 26.32 -6.31
CA SER A 738 -48.80 25.89 -7.32
C SER A 738 -50.10 25.38 -6.71
N TYR A 739 -50.08 25.07 -5.41
CA TYR A 739 -51.28 24.58 -4.75
C TYR A 739 -51.88 25.67 -3.85
N GLN A 773 -47.93 24.29 10.65
CA GLN A 773 -48.96 25.32 10.61
C GLN A 773 -49.77 25.24 9.32
N GLU A 774 -50.22 26.40 8.84
CA GLU A 774 -51.03 26.58 7.65
C GLU A 774 -50.15 26.92 6.45
N PRO A 775 -50.51 26.41 5.27
CA PRO A 775 -49.75 26.75 4.05
C PRO A 775 -49.48 28.24 3.89
N GLU A 776 -50.44 29.10 4.21
CA GLU A 776 -50.23 30.54 4.09
C GLU A 776 -49.12 31.01 5.02
N ALA A 777 -49.21 30.62 6.30
CA ALA A 777 -48.24 31.11 7.28
C ALA A 777 -46.85 30.53 7.03
N VAL A 778 -46.75 29.21 6.76
CA VAL A 778 -45.45 28.61 6.54
C VAL A 778 -44.80 29.16 5.27
N LEU A 779 -45.60 29.54 4.27
CA LEU A 779 -45.03 30.14 3.07
C LEU A 779 -44.43 31.50 3.37
N ALA A 780 -44.96 32.20 4.38
CA ALA A 780 -44.32 33.44 4.83
C ALA A 780 -42.95 33.14 5.45
N MET A 781 -42.91 32.22 6.40
CA MET A 781 -41.64 31.80 6.99
C MET A 781 -40.66 31.35 5.91
N LEU A 782 -41.18 30.82 4.80
CA LEU A 782 -40.32 30.47 3.68
C LEU A 782 -39.94 31.70 2.87
N ARG A 783 -40.86 32.66 2.75
CA ARG A 783 -40.54 33.89 2.04
C ARG A 783 -39.76 34.86 2.93
N SER A 784 -40.00 34.84 4.24
CA SER A 784 -39.39 35.82 5.12
C SER A 784 -37.87 35.79 5.02
N LEU A 785 -37.27 34.61 5.00
CA LEU A 785 -35.85 34.47 4.77
C LEU A 785 -35.57 34.42 3.28
N ASP A 786 -34.38 34.91 2.90
CA ASP A 786 -33.99 34.91 1.49
C ASP A 786 -33.40 33.56 1.12
N LEU A 787 -33.67 33.13 -0.11
CA LEU A 787 -33.14 31.88 -0.62
C LEU A 787 -32.25 32.03 -1.84
N GLU A 788 -32.66 32.83 -2.83
CA GLU A 788 -31.82 33.04 -4.00
C GLU A 788 -30.49 33.69 -3.62
N GLY A 789 -30.54 34.70 -2.75
CA GLY A 789 -29.31 35.26 -2.23
C GLY A 789 -28.51 34.25 -1.44
N LEU A 790 -29.19 33.38 -0.71
CA LEU A 790 -28.50 32.31 0.02
C LEU A 790 -27.91 31.30 -0.96
N ARG A 791 -28.68 30.89 -1.96
CA ARG A 791 -28.17 29.91 -2.92
C ARG A 791 -26.93 30.44 -3.64
N SER A 792 -26.95 31.71 -4.03
CA SER A 792 -25.79 32.27 -4.75
C SER A 792 -24.55 32.34 -3.87
N THR A 793 -24.74 32.54 -2.56
CA THR A 793 -23.60 32.56 -1.65
C THR A 793 -23.07 31.16 -1.38
N LEU A 794 -23.97 30.19 -1.14
CA LEU A 794 -23.55 28.83 -0.83
C LEU A 794 -22.94 28.13 -2.03
N ALA A 795 -23.37 28.44 -3.24
CA ALA A 795 -22.91 27.73 -4.43
C ALA A 795 -21.53 28.16 -4.90
N GLU A 796 -20.79 28.88 -4.07
CA GLU A 796 -19.45 29.33 -4.40
C GLU A 796 -18.43 28.64 -3.50
N SER A 797 -17.16 28.72 -3.90
CA SER A 797 -16.09 28.10 -3.13
C SER A 797 -16.04 28.63 -1.70
N SER A 798 -15.37 27.89 -0.83
CA SER A 798 -15.22 28.26 0.56
C SER A 798 -14.00 29.10 0.83
N ASP A 799 -13.41 29.69 -0.22
CA ASP A 799 -12.24 30.55 -0.08
C ASP A 799 -12.41 31.82 -0.91
N HIS A 800 -13.66 32.23 -1.18
CA HIS A 800 -13.88 33.42 -1.98
C HIS A 800 -13.30 34.67 -1.35
N VAL A 801 -12.89 34.60 -0.09
CA VAL A 801 -12.19 35.72 0.56
C VAL A 801 -10.69 35.52 0.59
N GLU A 802 -10.20 34.31 0.88
CA GLU A 802 -8.77 34.09 1.05
C GLU A 802 -8.04 33.79 -0.25
N LYS A 803 -8.76 33.56 -1.35
CA LYS A 803 -8.15 33.40 -2.66
C LYS A 803 -8.24 34.67 -3.49
N SER A 804 -8.95 35.68 -3.01
CA SER A 804 -9.10 36.92 -3.75
C SER A 804 -7.75 37.58 -3.96
N PRO A 805 -7.61 38.37 -5.03
CA PRO A 805 -6.34 39.10 -5.22
C PRO A 805 -6.09 40.13 -4.14
N GLN A 806 -7.15 40.72 -3.58
CA GLN A 806 -6.99 41.66 -2.48
C GLN A 806 -6.32 40.99 -1.28
N SER A 807 -6.90 39.89 -0.81
CA SER A 807 -6.37 39.23 0.38
C SER A 807 -5.08 38.48 0.09
N LEU A 808 -4.83 38.16 -1.18
CA LEU A 808 -3.54 37.60 -1.55
C LEU A 808 -2.44 38.64 -1.45
N LEU A 809 -2.72 39.86 -1.91
CA LEU A 809 -1.71 40.93 -1.86
C LEU A 809 -1.37 41.29 -0.43
N GLN A 810 -2.36 41.37 0.45
CA GLN A 810 -2.11 41.81 1.82
C GLN A 810 -1.25 40.81 2.57
N ASP A 811 -1.40 39.52 2.28
CA ASP A 811 -0.65 38.51 3.00
C ASP A 811 0.83 38.52 2.63
N MET A 812 1.21 39.27 1.60
CA MET A 812 2.61 39.28 1.18
C MET A 812 3.35 40.48 1.74
N LEU A 813 2.68 41.63 1.82
CA LEU A 813 3.30 42.86 2.32
C LEU A 813 2.94 43.17 3.76
N ALA A 814 2.33 42.23 4.47
CA ALA A 814 1.96 42.48 5.87
C ALA A 814 2.53 41.39 6.78
N THR A 815 3.79 41.05 6.59
CA THR A 815 4.47 40.12 7.48
C THR A 815 5.07 40.86 8.67
N GLY A 816 5.65 40.10 9.59
CA GLY A 816 6.25 40.69 10.78
C GLY A 816 5.79 40.05 12.07
N GLY A 817 5.14 38.90 11.98
CA GLY A 817 4.69 38.15 13.13
C GLY A 817 5.58 36.96 13.43
N PHE A 818 4.97 35.94 14.05
CA PHE A 818 5.71 34.72 14.34
C PHE A 818 6.07 33.97 13.07
N LEU A 819 5.37 34.24 11.98
CA LEU A 819 5.60 33.54 10.72
C LEU A 819 6.25 34.48 9.71
N GLU A 823 9.64 27.41 10.06
CA GLU A 823 8.74 27.94 9.05
C GLU A 823 7.88 26.84 8.47
N ALA A 824 8.29 26.29 7.33
CA ALA A 824 7.54 25.24 6.65
C ALA A 824 7.73 23.92 7.39
N ASP A 825 6.63 23.19 7.56
CA ASP A 825 6.65 21.96 8.34
C ASP A 825 5.63 21.00 7.73
N CYS A 826 5.35 19.91 8.45
CA CYS A 826 4.46 18.88 7.97
C CYS A 826 3.00 19.23 8.25
N TYR A 827 2.13 18.82 7.34
CA TYR A 827 0.70 19.07 7.48
C TYR A 827 0.05 18.08 8.43
N MET B 1 36.63 -40.14 6.95
CA MET B 1 35.26 -39.65 6.82
C MET B 1 34.38 -40.66 6.08
N LYS B 2 33.79 -41.58 6.83
CA LYS B 2 32.92 -42.62 6.27
C LYS B 2 31.60 -42.55 7.01
N LEU B 3 30.65 -41.79 6.44
CA LEU B 3 29.37 -41.52 7.08
C LEU B 3 28.50 -42.78 7.03
N TYR B 4 28.34 -43.44 8.17
CA TYR B 4 27.37 -44.50 8.29
C TYR B 4 25.99 -43.89 8.50
N CYS B 5 25.01 -44.36 7.74
CA CYS B 5 23.64 -43.86 7.82
C CYS B 5 22.74 -44.97 8.33
N LEU B 6 22.14 -44.76 9.50
CA LEU B 6 21.36 -45.79 10.16
C LEU B 6 19.87 -45.72 9.88
N SER B 7 19.36 -44.53 9.54
CA SER B 7 17.94 -44.37 9.23
C SER B 7 17.80 -43.65 7.90
N GLY B 8 16.74 -43.98 7.17
CA GLY B 8 16.52 -43.44 5.85
C GLY B 8 15.53 -42.30 5.82
N HIS B 9 14.74 -42.18 6.88
CA HIS B 9 13.75 -41.11 6.96
C HIS B 9 14.42 -39.76 6.79
N PRO B 10 13.81 -38.83 6.05
CA PRO B 10 14.51 -37.57 5.73
C PRO B 10 14.36 -36.52 6.81
N THR B 11 13.32 -36.63 7.64
CA THR B 11 13.06 -35.64 8.68
C THR B 11 13.56 -36.09 10.05
N LEU B 12 13.50 -37.38 10.32
CA LEU B 12 13.98 -37.95 11.58
C LEU B 12 15.23 -38.76 11.30
N PRO B 13 16.38 -38.11 11.13
CA PRO B 13 17.56 -38.82 10.63
C PRO B 13 18.20 -39.73 11.66
N CYS B 14 19.24 -40.45 11.24
CA CYS B 14 20.17 -41.09 12.18
C CYS B 14 21.47 -41.31 11.41
N ASN B 15 22.44 -40.45 11.64
CA ASN B 15 23.70 -40.50 10.91
C ASN B 15 24.86 -40.64 11.88
N VAL B 16 25.71 -41.62 11.61
CA VAL B 16 26.95 -41.84 12.36
C VAL B 16 28.10 -41.37 11.49
N LEU B 17 28.99 -40.56 12.07
CA LEU B 17 30.11 -39.97 11.33
C LEU B 17 31.40 -40.53 11.90
N LYS B 18 32.14 -41.24 11.05
CA LYS B 18 33.44 -41.78 11.45
C LYS B 18 34.54 -40.78 11.14
N PHE B 19 35.44 -40.59 12.09
CA PHE B 19 36.55 -39.66 11.95
C PHE B 19 37.88 -40.35 12.21
N LYS B 20 38.94 -39.54 12.34
CA LYS B 20 40.27 -40.08 12.61
C LYS B 20 40.24 -41.04 13.80
N SER B 21 39.75 -40.57 14.95
CA SER B 21 39.56 -41.42 16.11
C SER B 21 38.19 -41.27 16.76
N THR B 22 37.46 -40.20 16.46
CA THR B 22 36.18 -39.93 17.09
C THR B 22 35.03 -40.44 16.21
N THR B 23 33.90 -40.73 16.86
CA THR B 23 32.66 -41.10 16.18
C THR B 23 31.53 -40.27 16.76
N ILE B 24 30.69 -39.72 15.89
CA ILE B 24 29.60 -38.84 16.29
C ILE B 24 28.31 -39.35 15.68
N MET B 25 27.25 -39.38 16.48
CA MET B 25 25.94 -39.87 16.07
C MET B 25 24.92 -38.77 16.33
N LEU B 26 24.68 -37.94 15.32
CA LEU B 26 23.82 -36.77 15.44
C LEU B 26 22.36 -37.14 15.19
N ASP B 27 21.46 -36.44 15.89
CA ASP B 27 20.04 -36.41 15.55
C ASP B 27 19.44 -37.81 15.51
N CYS B 28 19.31 -38.39 16.71
CA CYS B 28 18.98 -39.81 16.83
C CYS B 28 17.54 -40.05 17.26
N GLY B 29 16.59 -39.31 16.67
CA GLY B 29 15.19 -39.45 17.01
C GLY B 29 14.49 -40.64 16.36
N LEU B 30 13.34 -41.00 16.93
CA LEU B 30 12.59 -42.17 16.51
C LEU B 30 11.90 -41.93 15.17
N ASP B 31 11.15 -42.94 14.73
CA ASP B 31 10.32 -42.88 13.54
C ASP B 31 8.92 -43.33 13.90
N MET B 32 8.03 -42.39 14.18
CA MET B 32 6.61 -42.67 14.44
C MET B 32 5.87 -43.17 13.22
N THR B 33 6.52 -43.36 12.07
CA THR B 33 5.83 -43.81 10.86
C THR B 33 5.16 -45.16 11.03
N SER B 34 5.57 -45.98 12.00
CA SER B 34 5.05 -47.33 12.16
C SER B 34 3.97 -47.46 13.21
N THR B 35 3.84 -46.50 14.13
CA THR B 35 2.89 -46.65 15.23
C THR B 35 1.43 -46.60 14.78
N LEU B 36 1.16 -46.37 13.49
CA LEU B 36 -0.19 -46.35 12.99
C LEU B 36 -0.48 -47.49 12.02
N ASN B 37 0.40 -48.49 11.95
CA ASN B 37 0.04 -49.76 11.33
C ASN B 37 -0.96 -50.52 12.19
N PHE B 38 -0.86 -50.37 13.51
CA PHE B 38 -1.63 -51.12 14.49
C PHE B 38 -3.02 -50.51 14.65
N LEU B 39 -3.74 -50.92 15.69
CA LEU B 39 -5.07 -50.42 16.03
C LEU B 39 -5.01 -49.59 17.30
N PRO B 40 -5.94 -48.66 17.49
CA PRO B 40 -5.84 -47.75 18.64
C PRO B 40 -6.11 -48.45 19.96
N LEU B 41 -5.76 -47.77 21.04
CA LEU B 41 -6.00 -48.27 22.39
C LEU B 41 -7.47 -48.18 22.77
N ASP B 78 -5.77 -55.84 17.24
CA ASP B 78 -5.68 -55.51 18.65
C ASP B 78 -4.32 -55.89 19.21
N SER B 79 -3.41 -54.92 19.31
CA SER B 79 -2.08 -55.16 19.82
C SER B 79 -1.60 -53.89 20.52
N VAL B 80 -0.31 -53.83 20.80
CA VAL B 80 0.33 -52.65 21.38
C VAL B 80 1.00 -51.89 20.24
N PRO B 81 0.72 -50.59 20.08
CA PRO B 81 1.38 -49.83 19.01
C PRO B 81 2.88 -49.78 19.21
N GLU B 82 3.61 -50.42 18.31
CA GLU B 82 5.04 -50.62 18.43
C GLU B 82 5.77 -49.63 17.52
N PHE B 83 6.95 -49.20 17.94
CA PHE B 83 7.68 -48.16 17.25
C PHE B 83 8.86 -48.74 16.48
N CYS B 84 9.31 -47.98 15.49
CA CYS B 84 10.48 -48.35 14.71
C CYS B 84 11.74 -48.00 15.51
N LEU B 85 12.89 -48.07 14.87
CA LEU B 85 14.15 -47.74 15.51
C LEU B 85 15.23 -47.66 14.44
N PRO B 86 16.22 -46.78 14.58
CA PRO B 86 17.32 -46.77 13.61
C PRO B 86 18.00 -48.12 13.53
N GLU B 87 18.39 -48.49 12.31
CA GLU B 87 18.97 -49.82 12.09
C GLU B 87 20.32 -49.90 12.77
N THR B 88 20.36 -50.51 13.95
CA THR B 88 21.58 -50.70 14.70
C THR B 88 22.40 -51.89 14.22
N GLU B 89 21.92 -52.61 13.21
CA GLU B 89 22.65 -53.77 12.70
C GLU B 89 23.90 -53.38 11.95
N LEU B 90 24.00 -52.14 11.48
CA LEU B 90 25.15 -51.72 10.68
C LEU B 90 26.41 -51.70 11.52
N ILE B 91 26.34 -51.14 12.73
CA ILE B 91 27.48 -51.06 13.63
C ILE B 91 26.96 -51.10 15.05
N ASP B 92 27.82 -51.57 15.96
CA ASP B 92 27.49 -51.58 17.38
C ASP B 92 27.55 -50.16 17.95
N LEU B 93 26.89 -49.99 19.08
CA LEU B 93 26.89 -48.70 19.77
C LEU B 93 28.00 -48.57 20.79
N SER B 94 28.61 -49.69 21.20
CA SER B 94 29.71 -49.64 22.16
C SER B 94 30.94 -48.94 21.60
N THR B 95 30.93 -48.58 20.32
CA THR B 95 32.03 -47.81 19.74
C THR B 95 31.68 -46.34 19.58
N VAL B 96 30.40 -45.98 19.67
CA VAL B 96 30.01 -44.59 19.50
C VAL B 96 30.52 -43.77 20.67
N ASP B 97 31.07 -42.60 20.38
CA ASP B 97 31.67 -41.76 21.42
C ASP B 97 30.67 -40.72 21.95
N VAL B 98 30.17 -39.85 21.06
CA VAL B 98 29.28 -38.77 21.47
C VAL B 98 28.00 -38.84 20.64
N ILE B 99 26.96 -38.21 21.15
CA ILE B 99 25.63 -38.19 20.53
C ILE B 99 25.14 -36.76 20.56
N LEU B 100 25.18 -36.08 19.42
CA LEU B 100 24.69 -34.72 19.32
C LEU B 100 23.19 -34.71 19.02
N ILE B 101 22.53 -33.63 19.42
CA ILE B 101 21.09 -33.47 19.22
C ILE B 101 20.81 -32.04 18.79
N SER B 102 19.95 -31.88 17.80
CA SER B 102 19.60 -30.55 17.30
C SER B 102 18.35 -30.01 17.99
N ASN B 103 17.26 -30.79 17.98
CA ASN B 103 15.98 -30.31 18.47
C ASN B 103 15.18 -31.47 19.04
N TYR B 104 14.06 -31.14 19.68
CA TYR B 104 13.30 -32.12 20.43
C TYR B 104 12.50 -33.07 19.54
N HIS B 105 12.15 -32.65 18.33
CA HIS B 105 11.33 -33.50 17.48
C HIS B 105 12.03 -34.80 17.12
N CYS B 106 13.37 -34.83 17.19
CA CYS B 106 14.10 -36.08 17.05
C CYS B 106 14.98 -36.28 18.28
N MET B 107 14.36 -36.75 19.37
CA MET B 107 15.10 -37.27 20.51
C MET B 107 14.45 -38.49 21.14
N MET B 108 13.19 -38.81 20.80
CA MET B 108 12.45 -39.84 21.50
C MET B 108 13.11 -41.21 21.43
N ALA B 109 14.09 -41.41 20.56
CA ALA B 109 14.82 -42.67 20.51
C ALA B 109 16.02 -42.68 21.45
N LEU B 110 16.25 -41.61 22.20
CA LEU B 110 17.40 -41.58 23.11
C LEU B 110 17.39 -42.71 24.12
N PRO B 111 16.27 -43.12 24.71
CA PRO B 111 16.29 -44.32 25.56
C PRO B 111 16.93 -45.53 24.90
N TYR B 112 16.45 -45.93 23.72
CA TYR B 112 16.92 -47.15 23.09
C TYR B 112 18.40 -47.12 22.78
N ILE B 113 19.00 -45.93 22.71
CA ILE B 113 20.39 -45.83 22.27
C ILE B 113 21.36 -45.83 23.44
N THR B 114 20.97 -45.28 24.59
CA THR B 114 21.87 -45.17 25.72
C THR B 114 21.52 -46.09 26.88
N GLU B 115 20.41 -46.82 26.82
CA GLU B 115 20.00 -47.68 27.91
C GLU B 115 20.06 -49.16 27.56
N HIS B 116 19.39 -49.58 26.49
CA HIS B 116 19.33 -51.00 26.18
C HIS B 116 20.65 -51.52 25.62
N THR B 117 21.48 -50.64 25.07
CA THR B 117 22.74 -51.05 24.47
C THR B 117 23.90 -50.76 25.42
N GLY B 118 25.12 -51.02 24.98
CA GLY B 118 26.29 -50.80 25.80
C GLY B 118 26.93 -49.45 25.57
N PHE B 119 26.11 -48.43 25.31
CA PHE B 119 26.64 -47.09 25.09
C PHE B 119 27.20 -46.52 26.38
N THR B 120 28.42 -45.98 26.31
CA THR B 120 29.09 -45.45 27.49
C THR B 120 29.73 -44.10 27.23
N GLY B 121 29.13 -43.30 26.34
CA GLY B 121 29.64 -41.99 25.99
C GLY B 121 28.78 -40.86 26.54
N THR B 122 29.24 -39.65 26.28
CA THR B 122 28.51 -38.45 26.70
C THR B 122 27.52 -38.01 25.63
N VAL B 123 26.61 -37.15 26.03
CA VAL B 123 25.55 -36.65 25.14
C VAL B 123 25.43 -35.15 25.35
N TYR B 124 25.61 -34.38 24.28
CA TYR B 124 25.46 -32.94 24.31
C TYR B 124 24.13 -32.55 23.69
N ALA B 125 23.60 -31.43 24.16
CA ALA B 125 22.31 -30.89 23.71
C ALA B 125 22.21 -29.48 24.27
N THR B 126 21.09 -28.83 24.01
CA THR B 126 20.90 -27.44 24.41
C THR B 126 19.89 -27.38 25.56
N GLU B 127 20.00 -26.30 26.35
CA GLU B 127 19.14 -26.16 27.53
C GLU B 127 17.65 -26.20 27.20
N PRO B 128 17.10 -25.28 26.40
CA PRO B 128 15.64 -25.36 26.17
C PRO B 128 15.22 -26.57 25.35
N THR B 129 16.17 -27.28 24.75
CA THR B 129 15.83 -28.52 24.06
C THR B 129 15.45 -29.61 25.05
N VAL B 130 16.34 -29.92 25.98
CA VAL B 130 16.09 -31.02 26.92
C VAL B 130 14.92 -30.69 27.84
N GLN B 131 14.70 -29.40 28.13
CA GLN B 131 13.55 -29.03 28.94
C GLN B 131 12.25 -29.41 28.26
N ILE B 132 12.20 -29.28 26.92
CA ILE B 132 11.01 -29.65 26.17
C ILE B 132 10.95 -31.14 25.89
N GLY B 133 12.06 -31.72 25.42
CA GLY B 133 12.08 -33.15 25.13
C GLY B 133 11.63 -34.01 26.30
N ARG B 134 12.06 -33.64 27.50
CA ARG B 134 11.58 -34.33 28.70
C ARG B 134 10.06 -34.31 28.77
N LEU B 135 9.46 -33.20 28.35
CA LEU B 135 8.01 -33.06 28.42
C LEU B 135 7.32 -33.99 27.43
N LEU B 136 7.84 -34.08 26.20
CA LEU B 136 7.25 -34.97 25.22
C LEU B 136 7.41 -36.43 25.62
N MET B 137 8.53 -36.78 26.24
CA MET B 137 8.76 -38.16 26.64
C MET B 137 7.78 -38.59 27.73
N GLU B 138 7.48 -37.70 28.66
CA GLU B 138 6.53 -38.03 29.72
C GLU B 138 5.13 -38.23 29.15
N GLU B 139 4.75 -37.43 28.14
CA GLU B 139 3.44 -37.58 27.52
C GLU B 139 3.28 -38.94 26.86
N LEU B 140 4.30 -39.37 26.11
CA LEU B 140 4.18 -40.60 25.33
C LEU B 140 4.03 -41.81 26.24
N VAL B 141 4.90 -41.93 27.25
CA VAL B 141 4.79 -43.04 28.19
C VAL B 141 3.47 -42.98 28.94
N ASN B 142 3.06 -41.78 29.37
CA ASN B 142 1.78 -41.63 30.07
C ASN B 142 0.63 -42.16 29.22
N PHE B 143 0.69 -41.96 27.90
CA PHE B 143 -0.38 -42.43 27.03
C PHE B 143 -0.38 -43.95 26.89
N ILE B 144 0.77 -44.59 27.01
CA ILE B 144 0.85 -45.99 26.59
C ILE B 144 0.73 -46.96 27.77
N GLU B 145 1.16 -46.57 28.97
CA GLU B 145 0.90 -47.37 30.16
C GLU B 145 -0.30 -46.74 30.87
N ARG B 146 -1.44 -46.73 30.18
CA ARG B 146 -2.70 -46.34 30.78
C ARG B 146 -3.80 -47.40 30.66
N VAL B 147 -3.90 -48.09 29.53
CA VAL B 147 -4.84 -49.18 29.33
C VAL B 147 -6.25 -48.81 29.73
N THR B 177 14.24 -53.85 12.68
CA THR B 177 13.79 -54.32 13.99
C THR B 177 12.93 -53.28 14.70
N TRP B 178 11.86 -53.75 15.33
CA TRP B 178 10.97 -52.91 16.12
C TRP B 178 11.04 -53.31 17.58
N ARG B 179 10.75 -52.37 18.46
CA ARG B 179 10.77 -52.61 19.89
C ARG B 179 9.55 -51.97 20.53
N ARG B 180 9.14 -52.51 21.68
CA ARG B 180 8.03 -51.95 22.43
C ARG B 180 8.42 -50.59 22.99
N CYS B 181 7.45 -49.93 23.62
CA CYS B 181 7.71 -48.61 24.18
C CYS B 181 8.46 -48.73 25.50
N TYR B 182 9.09 -47.63 25.90
CA TYR B 182 9.90 -47.59 27.11
C TYR B 182 9.05 -47.12 28.29
N THR B 183 9.67 -47.05 29.46
CA THR B 183 8.99 -46.68 30.70
C THR B 183 9.72 -45.54 31.37
N MET B 184 9.08 -44.98 32.41
CA MET B 184 9.64 -43.82 33.10
C MET B 184 11.03 -44.09 33.68
N GLN B 185 11.38 -45.37 33.85
CA GLN B 185 12.68 -45.68 34.45
C GLN B 185 13.82 -45.27 33.53
N GLU B 186 13.68 -45.54 32.23
CA GLU B 186 14.79 -45.29 31.31
C GLU B 186 15.02 -43.81 31.08
N VAL B 187 13.96 -43.04 30.89
CA VAL B 187 14.09 -41.65 30.46
C VAL B 187 14.87 -40.85 31.50
N ASN B 188 14.61 -41.09 32.78
CA ASN B 188 15.30 -40.35 33.83
C ASN B 188 16.80 -40.60 33.78
N SER B 189 17.20 -41.86 33.61
CA SER B 189 18.61 -42.19 33.51
C SER B 189 19.21 -41.69 32.20
N ALA B 190 18.39 -41.62 31.14
CA ALA B 190 18.89 -41.09 29.87
C ALA B 190 19.05 -39.57 29.94
N LEU B 191 18.01 -38.86 30.38
CA LEU B 191 18.08 -37.41 30.51
C LEU B 191 19.07 -36.96 31.59
N SER B 192 19.69 -37.89 32.30
CA SER B 192 20.67 -37.54 33.32
C SER B 192 22.03 -37.25 32.69
N LYS B 193 22.59 -38.24 31.99
CA LYS B 193 23.93 -38.14 31.42
C LYS B 193 23.89 -37.31 30.13
N ILE B 194 23.55 -36.04 30.28
CA ILE B 194 23.56 -35.07 29.20
C ILE B 194 24.21 -33.78 29.70
N GLN B 195 25.13 -33.25 28.91
CA GLN B 195 25.79 -32.00 29.25
C GLN B 195 25.27 -30.89 28.35
N LEU B 196 24.81 -29.81 28.99
CA LEU B 196 24.02 -28.80 28.32
C LEU B 196 24.89 -27.61 27.95
N VAL B 197 24.61 -27.04 26.78
CA VAL B 197 25.43 -25.96 26.23
C VAL B 197 24.52 -24.84 25.76
N GLY B 198 25.12 -23.68 25.50
CA GLY B 198 24.45 -22.57 24.87
C GLY B 198 25.02 -22.35 23.48
N TYR B 199 24.40 -21.41 22.76
CA TYR B 199 24.88 -21.07 21.43
C TYR B 199 26.29 -20.52 21.50
N SER B 200 27.12 -20.92 20.54
CA SER B 200 28.49 -20.45 20.33
C SER B 200 29.44 -20.91 21.43
N GLN B 201 28.96 -21.61 22.45
CA GLN B 201 29.84 -22.12 23.50
C GLN B 201 30.63 -23.29 22.94
N LYS B 202 31.88 -23.04 22.57
CA LYS B 202 32.70 -24.06 21.95
C LYS B 202 32.95 -25.21 22.91
N ILE B 203 32.78 -26.44 22.42
CA ILE B 203 33.00 -27.65 23.21
C ILE B 203 34.08 -28.48 22.52
N GLU B 204 34.91 -29.13 23.32
CA GLU B 204 36.08 -29.83 22.81
C GLU B 204 35.85 -31.34 22.83
N LEU B 205 36.80 -32.07 22.24
CA LEU B 205 36.73 -33.51 22.16
C LEU B 205 38.09 -34.10 21.82
N VAL B 209 38.71 -32.79 17.30
CA VAL B 209 37.66 -31.93 16.76
C VAL B 209 37.11 -31.03 17.86
N GLN B 210 36.44 -29.95 17.45
CA GLN B 210 35.87 -28.98 18.39
C GLN B 210 34.47 -28.62 17.89
N VAL B 211 33.47 -29.37 18.37
CA VAL B 211 32.09 -29.14 17.95
C VAL B 211 31.53 -27.93 18.67
N THR B 212 30.55 -27.28 18.04
CA THR B 212 29.90 -26.12 18.64
C THR B 212 28.52 -25.89 18.02
N PRO B 213 27.49 -25.72 18.84
CA PRO B 213 26.15 -25.49 18.30
C PRO B 213 25.95 -24.04 17.88
N LEU B 214 25.07 -23.85 16.90
CA LEU B 214 24.73 -22.53 16.40
C LEU B 214 23.23 -22.32 16.48
N SER B 215 22.72 -21.24 15.89
CA SER B 215 21.31 -20.93 15.92
C SER B 215 20.68 -21.25 14.57
N SER B 216 19.60 -22.04 14.59
CA SER B 216 18.87 -22.37 13.38
C SER B 216 17.54 -21.65 13.26
N GLY B 217 16.94 -21.22 14.37
CA GLY B 217 15.68 -20.52 14.34
C GLY B 217 14.47 -21.37 14.10
N TYR B 218 14.63 -22.67 13.89
CA TYR B 218 13.48 -23.56 13.69
C TYR B 218 12.61 -23.61 14.94
N ALA B 219 13.17 -24.13 16.03
CA ALA B 219 12.45 -24.30 17.28
C ALA B 219 13.13 -23.51 18.38
N LEU B 220 12.61 -23.64 19.60
CA LEU B 220 13.17 -22.90 20.73
C LEU B 220 14.61 -23.30 20.97
N GLY B 221 14.84 -24.57 21.32
CA GLY B 221 16.18 -25.10 21.33
C GLY B 221 16.44 -25.91 20.09
N SER B 222 17.10 -25.31 19.10
CA SER B 222 17.32 -25.97 17.82
C SER B 222 18.64 -25.44 17.26
N SER B 223 19.64 -26.32 17.17
CA SER B 223 20.99 -25.90 16.87
C SER B 223 21.56 -26.71 15.71
N ASN B 224 22.18 -26.03 14.77
CA ASN B 224 23.05 -26.69 13.80
C ASN B 224 24.43 -26.89 14.39
N TRP B 225 25.10 -27.95 13.97
CA TRP B 225 26.39 -28.34 14.53
C TRP B 225 27.46 -28.25 13.46
N ILE B 226 28.48 -27.44 13.70
CA ILE B 226 29.62 -27.31 12.80
C ILE B 226 30.81 -27.99 13.45
N ILE B 227 31.25 -29.09 12.88
CA ILE B 227 32.39 -29.85 13.38
C ILE B 227 33.65 -29.34 12.70
N GLN B 228 34.76 -29.35 13.42
CA GLN B 228 36.05 -28.98 12.85
C GLN B 228 37.17 -29.88 13.35
N LYS B 233 37.03 -29.20 8.05
CA LYS B 233 35.79 -28.64 8.55
C LYS B 233 34.57 -29.28 7.88
N VAL B 234 33.60 -29.68 8.69
CA VAL B 234 32.38 -30.32 8.22
C VAL B 234 31.20 -29.66 8.90
N SER B 235 30.31 -29.06 8.10
CA SER B 235 29.12 -28.42 8.63
C SER B 235 27.95 -29.40 8.60
N TYR B 236 26.96 -29.15 9.46
CA TYR B 236 25.79 -30.01 9.60
C TYR B 236 24.57 -29.15 9.85
N VAL B 237 23.56 -29.27 8.98
CA VAL B 237 22.34 -28.49 9.07
C VAL B 237 21.16 -29.45 9.04
N SER B 238 20.32 -29.41 10.07
CA SER B 238 19.18 -30.29 10.17
C SER B 238 18.00 -29.53 10.75
N GLY B 239 16.87 -29.56 10.04
CA GLY B 239 15.67 -28.92 10.50
C GLY B 239 15.87 -27.46 10.86
N SER B 240 16.16 -26.63 9.87
CA SER B 240 16.38 -25.21 10.07
C SER B 240 15.27 -24.42 9.38
N SER B 241 14.93 -23.28 9.96
CA SER B 241 13.91 -22.41 9.42
C SER B 241 14.50 -21.06 9.04
N LEU B 242 13.70 -20.27 8.34
CA LEU B 242 14.07 -18.91 7.97
C LEU B 242 12.94 -17.92 8.12
N LEU B 243 11.78 -18.35 8.63
CA LEU B 243 10.61 -17.49 8.76
C LEU B 243 10.35 -17.07 10.20
N THR B 244 11.28 -17.33 11.11
CA THR B 244 11.17 -16.95 12.52
C THR B 244 9.87 -17.46 13.15
N HIS B 246 10.54 -15.24 16.17
CA HIS B 246 10.62 -15.24 17.64
C HIS B 246 11.93 -15.84 18.17
N PRO B 247 12.36 -17.02 17.67
CA PRO B 247 13.64 -17.58 18.14
C PRO B 247 14.84 -16.79 17.64
N GLN B 248 16.04 -17.28 17.95
CA GLN B 248 17.26 -16.64 17.46
C GLN B 248 17.39 -16.82 15.96
N PRO B 249 17.87 -15.82 15.25
CA PRO B 249 17.91 -15.88 13.78
C PRO B 249 18.80 -17.01 13.27
N MET B 250 18.49 -17.44 12.05
CA MET B 250 19.26 -18.45 11.32
C MET B 250 20.55 -17.83 10.81
N ASP B 251 21.63 -18.00 11.57
CA ASP B 251 22.91 -17.47 11.12
C ASP B 251 23.41 -18.22 9.91
N GLN B 252 24.10 -17.50 9.03
CA GLN B 252 24.56 -18.05 7.76
C GLN B 252 26.05 -17.90 7.52
N ALA B 253 26.67 -16.86 8.08
CA ALA B 253 28.10 -16.67 7.90
C ALA B 253 28.94 -17.62 8.74
N SER B 254 28.34 -18.25 9.75
CA SER B 254 29.10 -19.05 10.69
C SER B 254 29.45 -20.43 10.16
N LEU B 255 28.89 -20.85 9.02
CA LEU B 255 29.06 -22.21 8.54
C LEU B 255 29.57 -22.27 7.11
N LYS B 256 30.24 -21.21 6.65
CA LYS B 256 30.85 -21.24 5.32
C LYS B 256 32.32 -21.68 5.42
N ASN B 257 32.92 -21.88 4.24
CA ASN B 257 34.30 -22.35 4.12
C ASN B 257 34.50 -23.71 4.79
N SER B 258 33.76 -24.69 4.30
CA SER B 258 33.87 -26.07 4.77
C SER B 258 34.15 -26.99 3.60
N ASP B 259 34.67 -28.18 3.92
CA ASP B 259 34.93 -29.19 2.90
C ASP B 259 33.63 -29.83 2.43
N VAL B 260 32.88 -30.44 3.34
CA VAL B 260 31.59 -31.02 3.04
C VAL B 260 30.56 -30.44 4.00
N LEU B 261 29.29 -30.59 3.65
CA LEU B 261 28.19 -29.97 4.38
C LEU B 261 27.00 -30.91 4.33
N VAL B 262 26.67 -31.52 5.48
CA VAL B 262 25.50 -32.39 5.56
C VAL B 262 24.26 -31.52 5.76
N LEU B 263 23.24 -31.76 4.93
CA LEU B 263 22.01 -30.96 4.95
C LEU B 263 20.83 -31.90 4.92
N THR B 264 20.14 -32.03 6.06
CA THR B 264 18.96 -32.87 6.21
C THR B 264 17.81 -32.03 6.76
N GLY B 265 16.63 -32.65 6.81
CA GLY B 265 15.49 -32.02 7.45
C GLY B 265 14.95 -30.80 6.72
N LEU B 266 14.42 -30.98 5.53
CA LEU B 266 13.75 -29.93 4.79
C LEU B 266 12.25 -30.06 4.97
N THR B 267 11.52 -29.11 4.40
CA THR B 267 10.06 -29.17 4.45
C THR B 267 9.55 -30.39 3.69
N GLN B 268 8.34 -30.81 4.05
CA GLN B 268 7.71 -31.95 3.39
C GLN B 268 6.50 -31.54 2.56
N ILE B 269 6.01 -30.32 2.72
CA ILE B 269 5.02 -29.74 1.82
C ILE B 269 5.74 -28.64 1.05
N PRO B 270 6.49 -28.98 -0.01
CA PRO B 270 7.35 -27.98 -0.65
C PRO B 270 6.58 -26.91 -1.41
N THR B 271 5.35 -27.21 -1.82
CA THR B 271 4.60 -26.27 -2.65
C THR B 271 3.92 -25.20 -1.80
N ALA B 272 3.04 -25.61 -0.90
CA ALA B 272 2.20 -24.66 -0.18
C ALA B 272 3.01 -23.88 0.85
N ASN B 273 2.87 -22.55 0.80
CA ASN B 273 3.54 -21.70 1.77
C ASN B 273 2.90 -21.88 3.14
N PRO B 274 3.65 -21.61 4.21
CA PRO B 274 3.05 -21.69 5.55
C PRO B 274 1.97 -20.66 5.80
N ASP B 275 2.21 -19.41 5.40
CA ASP B 275 1.25 -18.35 5.70
C ASP B 275 -0.11 -18.62 5.07
N GLY B 276 -0.12 -19.30 3.93
CA GLY B 276 -1.39 -19.72 3.37
C GLY B 276 -2.12 -20.71 4.25
N MET B 277 -1.39 -21.65 4.84
CA MET B 277 -2.02 -22.69 5.64
C MET B 277 -2.39 -22.19 7.02
N VAL B 278 -1.68 -21.18 7.54
CA VAL B 278 -2.08 -20.58 8.82
C VAL B 278 -3.43 -19.91 8.68
N GLY B 279 -3.59 -19.11 7.62
CA GLY B 279 -4.91 -18.54 7.34
C GLY B 279 -5.93 -19.60 6.97
N GLU B 280 -5.47 -20.81 6.64
CA GLU B 280 -6.39 -21.88 6.31
C GLU B 280 -6.81 -22.64 7.57
N PHE B 281 -5.95 -22.68 8.57
CA PHE B 281 -6.33 -23.23 9.87
C PHE B 281 -7.37 -22.34 10.53
N CYS B 282 -7.08 -21.05 10.64
CA CYS B 282 -7.97 -20.14 11.36
C CYS B 282 -9.31 -19.99 10.65
N SER B 283 -9.34 -20.20 9.34
CA SER B 283 -10.58 -19.98 8.61
C SER B 283 -11.52 -21.17 8.72
N ASN B 284 -10.98 -22.40 8.66
CA ASN B 284 -11.82 -23.57 8.84
C ASN B 284 -12.26 -23.72 10.29
N LEU B 285 -11.40 -23.32 11.23
CA LEU B 285 -11.80 -23.24 12.63
C LEU B 285 -13.00 -22.31 12.81
N ALA B 286 -12.82 -21.03 12.48
CA ALA B 286 -13.86 -20.05 12.78
C ALA B 286 -15.11 -20.29 11.96
N LEU B 287 -15.02 -21.07 10.89
CA LEU B 287 -16.20 -21.37 10.10
C LEU B 287 -17.08 -22.39 10.81
N THR B 288 -16.51 -23.20 11.69
CA THR B 288 -17.28 -24.22 12.39
C THR B 288 -17.88 -23.67 13.68
N VAL B 289 -17.04 -23.08 14.54
CA VAL B 289 -17.52 -22.53 15.80
C VAL B 289 -18.54 -21.42 15.59
N ARG B 290 -18.54 -20.76 14.43
CA ARG B 290 -19.57 -19.79 14.13
C ARG B 290 -20.88 -20.42 13.71
N ASN B 291 -20.91 -21.75 13.59
CA ASN B 291 -22.10 -22.48 13.15
C ASN B 291 -22.50 -23.54 14.18
N GLY B 292 -22.08 -23.34 15.43
CA GLY B 292 -22.39 -24.28 16.49
C GLY B 292 -21.81 -25.66 16.26
N GLY B 293 -20.48 -25.76 16.25
CA GLY B 293 -19.82 -27.03 16.10
C GLY B 293 -18.56 -27.07 16.95
N ASN B 294 -17.97 -28.25 17.03
CA ASN B 294 -16.80 -28.49 17.86
C ASN B 294 -15.61 -28.82 16.98
N VAL B 295 -14.44 -28.30 17.35
CA VAL B 295 -13.23 -28.42 16.55
C VAL B 295 -12.19 -29.14 17.37
N LEU B 296 -11.68 -30.25 16.85
CA LEU B 296 -10.67 -31.06 17.50
C LEU B 296 -9.37 -30.94 16.71
N VAL B 297 -8.28 -30.60 17.39
CA VAL B 297 -7.02 -30.32 16.73
C VAL B 297 -5.93 -31.22 17.29
N PRO B 298 -5.70 -32.39 16.70
CA PRO B 298 -4.65 -33.28 17.21
C PRO B 298 -3.25 -32.67 17.06
N CYS B 299 -2.62 -32.36 18.18
CA CYS B 299 -1.33 -31.67 18.13
C CYS B 299 -0.46 -32.12 19.29
N TYR B 300 0.83 -31.78 19.18
CA TYR B 300 1.78 -31.99 20.24
C TYR B 300 1.62 -30.92 21.31
N PRO B 301 2.10 -31.16 22.53
CA PRO B 301 2.07 -30.11 23.56
C PRO B 301 3.15 -29.06 23.37
N SER B 302 4.21 -29.35 22.63
CA SER B 302 5.26 -28.37 22.39
C SER B 302 5.71 -28.49 20.95
N GLY B 303 5.94 -27.34 20.31
CA GLY B 303 6.29 -27.31 18.90
C GLY B 303 5.44 -26.34 18.12
N VAL B 304 4.73 -26.84 17.10
CA VAL B 304 3.88 -25.99 16.27
C VAL B 304 2.69 -25.45 17.04
N ILE B 305 2.32 -26.06 18.18
CA ILE B 305 1.15 -25.61 18.92
C ILE B 305 1.30 -24.16 19.37
N TYR B 306 2.53 -23.70 19.61
CA TYR B 306 2.72 -22.33 20.08
C TYR B 306 2.46 -21.33 18.96
N ASP B 307 2.91 -21.65 17.74
CA ASP B 307 2.71 -20.73 16.62
C ASP B 307 1.24 -20.69 16.21
N LEU B 308 0.52 -21.80 16.39
CA LEU B 308 -0.92 -21.77 16.19
C LEU B 308 -1.59 -20.82 17.16
N LEU B 309 -1.11 -20.77 18.41
CA LEU B 309 -1.79 -20.00 19.44
C LEU B 309 -1.48 -18.51 19.33
N GLU B 310 -0.24 -18.16 18.99
CA GLU B 310 0.08 -16.75 18.77
C GLU B 310 -0.61 -16.23 17.52
N CYS B 311 -0.95 -17.13 16.59
CA CYS B 311 -1.75 -16.72 15.43
C CYS B 311 -3.23 -16.76 15.73
N LEU B 312 -3.68 -17.72 16.54
CA LEU B 312 -5.09 -17.77 16.90
C LEU B 312 -5.46 -16.62 17.81
N TYR B 313 -4.57 -16.22 18.72
CA TYR B 313 -4.83 -15.06 19.56
C TYR B 313 -4.94 -13.80 18.71
N GLN B 314 -4.02 -13.63 17.77
CA GLN B 314 -4.08 -12.50 16.86
C GLN B 314 -5.34 -12.54 16.00
N TYR B 315 -5.73 -13.73 15.53
CA TYR B 315 -6.93 -13.84 14.72
C TYR B 315 -8.17 -13.45 15.51
N ILE B 316 -8.32 -14.01 16.71
CA ILE B 316 -9.49 -13.70 17.55
C ILE B 316 -9.58 -12.20 17.82
N ASP B 317 -8.43 -11.54 17.95
CA ASP B 317 -8.43 -10.10 18.21
C ASP B 317 -8.70 -9.30 16.95
N SER B 318 -8.34 -9.83 15.79
CA SER B 318 -8.48 -9.08 14.53
C SER B 318 -9.75 -9.45 13.79
N ALA B 319 -10.08 -10.74 13.73
CA ALA B 319 -11.26 -11.16 12.96
C ALA B 319 -12.53 -11.06 13.78
N GLY B 320 -12.43 -11.19 15.10
CA GLY B 320 -13.58 -10.95 15.96
C GLY B 320 -14.33 -12.17 16.43
N LEU B 321 -13.62 -13.30 16.59
CA LEU B 321 -14.22 -14.45 17.26
C LEU B 321 -14.49 -14.11 18.72
N SER B 322 -15.70 -14.36 19.18
CA SER B 322 -16.13 -13.92 20.50
C SER B 322 -16.61 -15.11 21.32
N SER B 323 -16.03 -15.27 22.52
CA SER B 323 -16.54 -16.18 23.54
C SER B 323 -16.61 -17.62 23.04
N VAL B 324 -15.44 -18.16 22.73
CA VAL B 324 -15.28 -19.57 22.43
C VAL B 324 -14.20 -20.14 23.34
N PRO B 325 -14.48 -21.17 24.12
CA PRO B 325 -13.46 -21.73 25.01
C PRO B 325 -12.32 -22.38 24.22
N LEU B 326 -11.17 -22.48 24.87
CA LEU B 326 -9.98 -23.11 24.29
C LEU B 326 -9.43 -24.10 25.32
N TYR B 327 -9.92 -25.34 25.28
CA TYR B 327 -9.54 -26.35 26.26
C TYR B 327 -8.28 -27.06 25.77
N PHE B 328 -7.14 -26.75 26.38
CA PHE B 328 -5.89 -27.43 26.06
C PHE B 328 -5.65 -28.51 27.10
N ILE B 329 -6.35 -29.63 26.94
CA ILE B 329 -6.26 -30.74 27.89
C ILE B 329 -5.11 -31.62 27.46
N SER B 330 -4.23 -31.95 28.41
CA SER B 330 -3.06 -32.77 28.18
C SER B 330 -2.52 -33.26 29.52
N PRO B 331 -2.12 -34.54 29.60
CA PRO B 331 -1.52 -35.03 30.86
C PRO B 331 -0.44 -34.14 31.42
N VAL B 332 0.47 -33.66 30.58
CA VAL B 332 1.53 -32.75 31.00
C VAL B 332 1.31 -31.43 30.27
N ALA B 333 0.58 -30.52 30.89
CA ALA B 333 0.19 -29.27 30.25
C ALA B 333 0.62 -28.06 31.08
N ASN B 334 0.60 -28.20 32.41
CA ASN B 334 0.93 -27.09 33.28
C ASN B 334 2.34 -26.56 32.99
N SER B 335 3.33 -27.45 32.99
CA SER B 335 4.70 -27.08 32.64
C SER B 335 4.90 -26.93 31.14
N SER B 336 3.83 -27.02 30.35
CA SER B 336 3.96 -26.98 28.90
C SER B 336 3.83 -25.58 28.32
N LEU B 337 3.33 -24.62 29.10
CA LEU B 337 3.28 -23.25 28.62
C LEU B 337 4.64 -22.57 28.77
N GLU B 338 5.42 -22.93 29.77
CA GLU B 338 6.73 -22.36 29.99
C GLU B 338 7.71 -22.80 28.89
N LYS B 372 -7.67 -17.02 26.63
CA LYS B 372 -8.38 -17.73 27.69
C LYS B 372 -8.17 -19.22 27.56
N LEU B 373 -6.92 -19.64 27.51
CA LEU B 373 -6.56 -21.05 27.31
C LEU B 373 -6.60 -21.77 28.65
N LYS B 374 -7.67 -22.52 28.87
CA LYS B 374 -7.74 -23.39 30.03
C LYS B 374 -6.99 -24.69 29.74
N HIS B 375 -6.19 -25.13 30.71
CA HIS B 375 -5.23 -26.21 30.44
C HIS B 375 -5.39 -27.38 31.41
N TYR B 376 -6.62 -27.87 31.55
CA TYR B 376 -6.95 -28.99 32.42
C TYR B 376 -6.03 -30.17 32.17
N PRO B 377 -5.81 -31.04 33.16
CA PRO B 377 -4.84 -32.13 32.98
C PRO B 377 -5.39 -33.36 32.27
N SER B 378 -6.69 -33.60 32.37
CA SER B 378 -7.31 -34.76 31.75
C SER B 378 -8.81 -34.57 31.72
N ILE B 379 -9.49 -35.41 30.95
CA ILE B 379 -10.94 -35.32 30.89
C ILE B 379 -11.59 -35.98 32.10
N HIS B 380 -10.93 -36.97 32.69
CA HIS B 380 -11.41 -37.58 33.93
C HIS B 380 -11.10 -36.62 35.08
N GLY B 381 -12.06 -35.77 35.40
CA GLY B 381 -11.86 -34.74 36.39
C GLY B 381 -12.87 -33.63 36.18
N ASP B 382 -12.50 -32.43 36.64
CA ASP B 382 -13.39 -31.28 36.57
C ASP B 382 -13.64 -30.79 35.15
N PHE B 383 -13.06 -31.44 34.14
CA PHE B 383 -13.33 -31.04 32.76
C PHE B 383 -14.77 -31.34 32.38
N SER B 384 -15.25 -32.55 32.70
CA SER B 384 -16.62 -32.93 32.35
C SER B 384 -17.66 -32.01 32.98
N ASN B 385 -17.28 -31.23 33.99
CA ASN B 385 -18.20 -30.27 34.58
C ASN B 385 -18.13 -28.93 33.86
N ASP B 386 -16.94 -28.34 33.78
CA ASP B 386 -16.73 -27.08 33.07
C ASP B 386 -16.37 -27.42 31.63
N PHE B 387 -17.39 -27.70 30.82
CA PHE B 387 -17.23 -28.09 29.42
C PHE B 387 -18.36 -27.44 28.63
N ARG B 388 -18.09 -26.26 28.08
CA ARG B 388 -19.08 -25.49 27.34
C ARG B 388 -18.83 -25.66 25.85
N GLN B 389 -19.88 -25.91 25.09
CA GLN B 389 -19.81 -26.00 23.64
C GLN B 389 -20.53 -24.80 23.02
N PRO B 390 -20.13 -24.34 21.83
CA PRO B 390 -19.04 -24.80 20.95
C PRO B 390 -17.66 -24.50 21.51
N CYS B 391 -16.73 -25.45 21.38
CA CYS B 391 -15.42 -25.32 22.02
C CYS B 391 -14.34 -25.76 21.05
N VAL B 392 -13.10 -25.57 21.47
CA VAL B 392 -11.92 -26.03 20.75
C VAL B 392 -11.02 -26.78 21.72
N VAL B 393 -10.52 -27.93 21.31
CA VAL B 393 -9.76 -28.82 22.18
C VAL B 393 -8.47 -29.22 21.48
N PHE B 394 -7.35 -28.59 21.85
CA PHE B 394 -6.04 -29.01 21.38
C PHE B 394 -5.54 -30.10 22.30
N THR B 395 -5.52 -31.34 21.83
CA THR B 395 -5.27 -32.46 22.73
C THR B 395 -4.81 -33.67 21.93
N GLY B 396 -4.72 -34.81 22.60
CA GLY B 396 -4.45 -36.07 21.96
C GLY B 396 -3.05 -36.14 21.40
N HIS B 397 -2.77 -37.28 20.78
CA HIS B 397 -1.52 -37.46 20.07
C HIS B 397 -1.77 -37.44 18.57
N PRO B 398 -0.89 -36.79 17.80
CA PRO B 398 -1.13 -36.66 16.35
C PRO B 398 -1.48 -37.96 15.64
N SER B 399 -0.85 -39.07 16.00
CA SER B 399 -1.04 -40.32 15.28
C SER B 399 -2.45 -40.86 15.40
N LEU B 400 -3.26 -40.35 16.33
CA LEU B 400 -4.62 -40.80 16.59
C LEU B 400 -4.69 -42.25 17.05
N ARG B 401 -3.56 -42.86 17.41
CA ARG B 401 -3.53 -44.25 17.83
C ARG B 401 -3.64 -44.41 19.34
N PHE B 402 -3.58 -43.33 20.10
CA PHE B 402 -3.72 -43.36 21.56
C PHE B 402 -3.96 -41.93 22.03
N GLY B 403 -3.93 -41.75 23.34
CA GLY B 403 -4.15 -40.45 23.92
C GLY B 403 -5.63 -40.12 24.06
N ASP B 404 -5.87 -38.92 24.57
CA ASP B 404 -7.24 -38.48 24.83
C ASP B 404 -8.06 -38.32 23.57
N VAL B 405 -7.41 -38.03 22.43
CA VAL B 405 -8.13 -37.78 21.20
C VAL B 405 -8.99 -38.97 20.77
N VAL B 406 -8.56 -40.19 21.10
CA VAL B 406 -9.37 -41.37 20.75
C VAL B 406 -10.74 -41.30 21.40
N HIS B 407 -10.81 -40.70 22.59
CA HIS B 407 -12.11 -40.52 23.23
C HIS B 407 -12.93 -39.43 22.54
N PHE B 408 -12.29 -38.31 22.22
CA PHE B 408 -13.00 -37.24 21.52
C PHE B 408 -13.37 -37.65 20.10
N MET B 409 -12.47 -38.37 19.43
CA MET B 409 -12.74 -38.77 18.05
C MET B 409 -13.97 -39.66 17.93
N GLU B 410 -14.36 -40.32 19.03
CA GLU B 410 -15.52 -41.19 18.99
C GLU B 410 -16.80 -40.45 19.39
N LEU B 411 -16.68 -39.48 20.30
CA LEU B 411 -17.87 -38.80 20.80
C LEU B 411 -18.47 -37.89 19.75
N TRP B 412 -17.63 -37.08 19.09
CA TRP B 412 -18.11 -36.09 18.13
C TRP B 412 -18.23 -36.64 16.71
N GLY B 413 -17.58 -37.77 16.41
CA GLY B 413 -17.47 -38.26 15.04
C GLY B 413 -18.78 -38.56 14.35
N LYS B 414 -19.92 -38.40 15.02
CA LYS B 414 -21.22 -38.78 14.47
C LYS B 414 -22.10 -37.57 14.16
N SER B 415 -21.50 -36.49 13.63
CA SER B 415 -22.28 -35.31 13.29
C SER B 415 -21.50 -34.49 12.26
N SER B 416 -22.20 -33.97 11.26
CA SER B 416 -21.58 -33.19 10.20
C SER B 416 -21.23 -31.78 10.62
N LEU B 417 -21.60 -31.35 11.84
CA LEU B 417 -21.28 -30.01 12.29
C LEU B 417 -19.87 -29.92 12.87
N ASN B 418 -19.36 -31.01 13.41
CA ASN B 418 -18.04 -30.99 14.02
C ASN B 418 -16.95 -31.03 12.94
N THR B 419 -15.71 -30.87 13.37
CA THR B 419 -14.60 -30.75 12.44
C THR B 419 -13.32 -31.14 13.15
N VAL B 420 -12.44 -31.84 12.44
CA VAL B 420 -11.11 -32.17 12.91
C VAL B 420 -10.11 -31.64 11.89
N ILE B 421 -9.02 -31.06 12.37
CA ILE B 421 -8.04 -30.38 11.52
C ILE B 421 -6.66 -30.92 11.87
N PHE B 422 -5.89 -31.28 10.84
CA PHE B 422 -4.55 -31.81 11.03
C PHE B 422 -3.52 -30.77 10.68
N THR B 423 -2.49 -30.65 11.52
CA THR B 423 -1.43 -29.69 11.30
C THR B 423 -0.04 -30.30 11.31
N GLU B 424 0.12 -31.50 11.85
CA GLU B 424 1.40 -32.19 11.84
C GLU B 424 1.70 -32.70 10.44
N PRO B 425 2.68 -32.13 9.75
CA PRO B 425 2.96 -32.59 8.38
C PRO B 425 3.80 -33.85 8.35
N ASP B 426 3.45 -34.83 9.17
CA ASP B 426 4.23 -36.06 9.22
C ASP B 426 3.39 -37.30 9.04
N PHE B 427 2.19 -37.34 9.59
CA PHE B 427 1.28 -38.46 9.45
C PHE B 427 0.29 -38.17 8.32
N SER B 428 0.21 -39.09 7.36
CA SER B 428 -0.81 -38.97 6.34
C SER B 428 -2.19 -39.08 6.98
N TYR B 429 -2.96 -37.99 6.91
CA TYR B 429 -4.24 -37.95 7.63
C TYR B 429 -5.25 -38.94 7.05
N LEU B 430 -5.02 -39.41 5.82
CA LEU B 430 -5.97 -40.33 5.21
C LEU B 430 -5.82 -41.74 5.79
N GLU B 431 -4.58 -42.15 6.07
CA GLU B 431 -4.37 -43.49 6.63
C GLU B 431 -4.42 -43.49 8.14
N ALA B 432 -4.14 -42.35 8.78
CA ALA B 432 -4.28 -42.24 10.22
C ALA B 432 -5.73 -42.10 10.66
N LEU B 433 -6.67 -42.06 9.73
CA LEU B 433 -8.08 -41.87 10.04
C LEU B 433 -8.94 -43.06 9.62
N ALA B 434 -8.42 -43.97 8.80
CA ALA B 434 -9.19 -45.11 8.31
C ALA B 434 -9.85 -45.93 9.41
N PRO B 435 -9.20 -46.27 10.53
CA PRO B 435 -9.87 -47.10 11.54
C PRO B 435 -11.17 -46.53 12.10
N TYR B 436 -11.55 -45.31 11.72
CA TYR B 436 -12.77 -44.70 12.23
C TYR B 436 -13.89 -44.68 11.20
N GLN B 437 -13.60 -44.96 9.94
CA GLN B 437 -14.64 -44.97 8.92
C GLN B 437 -15.66 -46.07 9.21
N PRO B 438 -16.96 -45.82 8.99
CA PRO B 438 -17.58 -44.63 8.40
C PRO B 438 -17.56 -43.41 9.31
N LEU B 439 -17.73 -42.23 8.72
CA LEU B 439 -17.54 -40.99 9.44
C LEU B 439 -18.50 -39.94 8.90
N ALA B 440 -18.90 -39.02 9.78
CA ALA B 440 -19.73 -37.89 9.40
C ALA B 440 -19.07 -36.56 9.69
N MET B 441 -17.96 -36.54 10.42
CA MET B 441 -17.31 -35.31 10.82
C MET B 441 -16.34 -34.85 9.75
N LYS B 442 -16.46 -33.59 9.33
CA LYS B 442 -15.56 -33.02 8.35
C LYS B 442 -14.11 -33.21 8.79
N CYS B 443 -13.24 -33.43 7.80
CA CYS B 443 -11.82 -33.63 8.04
C CYS B 443 -11.05 -32.74 7.09
N ILE B 444 -10.13 -31.96 7.64
CA ILE B 444 -9.43 -30.92 6.88
C ILE B 444 -7.94 -31.07 7.12
N TYR B 445 -7.16 -30.98 6.04
CA TYR B 445 -5.71 -31.08 6.10
C TYR B 445 -5.13 -29.69 5.89
N CYS B 446 -4.49 -29.16 6.92
CA CYS B 446 -3.94 -27.80 6.90
C CYS B 446 -2.51 -27.83 7.41
N PRO B 447 -1.60 -28.43 6.66
CA PRO B 447 -0.25 -28.66 7.20
C PRO B 447 0.57 -27.39 7.32
N ILE B 448 0.75 -26.92 8.56
CA ILE B 448 1.62 -25.78 8.85
C ILE B 448 3.03 -26.34 9.01
N ASP B 449 3.92 -25.94 8.10
CA ASP B 449 5.30 -26.44 8.10
C ASP B 449 6.24 -25.27 7.81
N THR B 450 7.09 -24.95 8.77
CA THR B 450 8.03 -23.83 8.65
C THR B 450 9.44 -24.40 8.64
N ARG B 451 9.93 -24.71 7.44
CA ARG B 451 11.28 -25.23 7.29
C ARG B 451 11.88 -24.58 6.05
N LEU B 452 13.02 -25.09 5.58
CA LEU B 452 13.71 -24.50 4.44
C LEU B 452 13.04 -24.98 3.16
N ASN B 453 12.39 -24.05 2.46
CA ASN B 453 11.83 -24.35 1.15
C ASN B 453 12.95 -24.46 0.12
N PHE B 454 12.62 -25.04 -1.03
CA PHE B 454 13.64 -25.29 -2.04
C PHE B 454 14.13 -23.99 -2.68
N ILE B 455 13.25 -23.00 -2.81
CA ILE B 455 13.68 -21.67 -3.22
C ILE B 455 14.56 -21.02 -2.17
N GLN B 456 14.50 -21.48 -0.92
CA GLN B 456 15.33 -20.93 0.14
C GLN B 456 16.66 -21.65 0.28
N VAL B 457 16.68 -22.96 0.06
CA VAL B 457 17.92 -23.72 0.28
C VAL B 457 18.98 -23.34 -0.75
N SER B 458 18.58 -23.07 -1.99
CA SER B 458 19.56 -22.72 -3.02
C SER B 458 20.21 -21.38 -2.72
N LYS B 459 19.41 -20.37 -2.38
CA LYS B 459 19.95 -19.07 -2.02
C LYS B 459 20.94 -19.19 -0.87
N LEU B 460 20.72 -20.17 0.01
CA LEU B 460 21.70 -20.44 1.06
C LEU B 460 23.03 -20.88 0.47
N LEU B 461 23.00 -21.86 -0.44
CA LEU B 461 24.23 -22.38 -1.01
C LEU B 461 24.98 -21.32 -1.81
N LYS B 462 24.26 -20.46 -2.53
CA LYS B 462 24.93 -19.39 -3.25
C LYS B 462 25.32 -18.23 -2.35
N GLU B 463 25.23 -18.40 -1.03
CA GLU B 463 25.77 -17.44 -0.07
C GLU B 463 26.82 -18.10 0.82
N VAL B 464 26.52 -19.31 1.30
CA VAL B 464 27.49 -20.05 2.10
C VAL B 464 28.61 -20.59 1.21
N GLN B 465 28.26 -21.07 0.02
CA GLN B 465 29.21 -21.54 -0.98
C GLN B 465 30.09 -22.67 -0.45
N PRO B 466 29.54 -23.85 -0.21
CA PRO B 466 30.34 -24.99 0.22
C PRO B 466 30.96 -25.67 -1.01
N LEU B 467 31.67 -26.77 -0.74
CA LEU B 467 32.28 -27.56 -1.80
C LEU B 467 31.44 -28.80 -2.13
N HIS B 468 31.17 -29.64 -1.14
CA HIS B 468 30.39 -30.85 -1.31
C HIS B 468 29.20 -30.82 -0.37
N VAL B 469 28.05 -31.29 -0.85
CA VAL B 469 26.84 -31.38 -0.06
C VAL B 469 26.26 -32.78 -0.19
N VAL B 470 25.57 -33.23 0.85
CA VAL B 470 25.06 -34.60 0.94
C VAL B 470 23.66 -34.56 1.52
N CYS B 471 22.72 -35.21 0.84
CA CYS B 471 21.33 -35.22 1.24
C CYS B 471 20.74 -36.58 0.89
N PRO B 472 19.63 -36.96 1.52
CA PRO B 472 19.00 -38.24 1.19
C PRO B 472 18.57 -38.31 -0.27
N GLU B 473 18.15 -39.51 -0.68
CA GLU B 473 17.70 -39.72 -2.05
C GLU B 473 16.48 -38.87 -2.38
N GLN B 474 15.63 -38.61 -1.39
CA GLN B 474 14.36 -37.92 -1.64
C GLN B 474 14.54 -36.44 -1.97
N TYR B 475 15.77 -35.92 -1.95
CA TYR B 475 16.01 -34.52 -2.26
C TYR B 475 16.78 -34.32 -3.56
N THR B 476 17.56 -35.30 -4.00
CA THR B 476 18.23 -35.20 -5.29
C THR B 476 17.33 -35.61 -6.45
N GLN B 477 16.10 -35.98 -6.16
CA GLN B 477 15.08 -36.30 -7.14
C GLN B 477 13.84 -35.44 -6.89
N PRO B 478 13.14 -35.02 -7.94
CA PRO B 478 11.89 -34.29 -7.76
C PRO B 478 10.87 -35.13 -6.99
N PRO B 479 9.90 -34.50 -6.34
CA PRO B 479 8.98 -35.21 -5.45
C PRO B 479 8.20 -36.28 -6.21
N PRO B 480 7.68 -37.28 -5.50
CA PRO B 480 6.94 -38.35 -6.19
C PRO B 480 5.63 -37.92 -6.78
N ALA B 481 5.05 -36.81 -6.31
CA ALA B 481 3.82 -36.29 -6.88
C ALA B 481 4.09 -35.48 -8.14
N GLN B 482 4.88 -34.41 -8.02
CA GLN B 482 5.24 -33.57 -9.16
C GLN B 482 6.60 -33.98 -9.68
N SER B 483 6.64 -35.17 -10.29
CA SER B 483 7.88 -35.68 -10.88
C SER B 483 8.40 -34.75 -11.96
N HIS B 484 7.51 -33.96 -12.59
CA HIS B 484 7.93 -33.07 -13.65
C HIS B 484 8.67 -31.85 -13.11
N ARG B 485 8.25 -31.36 -11.94
CA ARG B 485 8.83 -30.16 -11.37
C ARG B 485 10.30 -30.35 -11.01
N MET B 486 11.20 -29.75 -11.78
CA MET B 486 12.62 -29.90 -11.54
C MET B 486 13.19 -28.84 -10.60
N ASP B 487 12.38 -27.86 -10.19
CA ASP B 487 12.85 -26.90 -9.20
C ASP B 487 12.67 -27.41 -7.78
N LEU B 488 11.78 -28.36 -7.56
CA LEU B 488 11.60 -28.98 -6.26
C LEU B 488 12.67 -30.05 -6.00
N MET B 489 13.91 -29.61 -6.06
CA MET B 489 15.07 -30.50 -5.98
C MET B 489 16.30 -29.64 -5.72
N ILE B 490 17.29 -30.23 -5.06
CA ILE B 490 18.48 -29.49 -4.65
C ILE B 490 19.33 -29.22 -5.90
N ASP B 491 19.22 -28.00 -6.44
CA ASP B 491 20.03 -27.58 -7.58
C ASP B 491 21.37 -27.10 -7.05
N CYS B 492 22.36 -27.99 -7.10
CA CYS B 492 23.71 -27.69 -6.63
C CYS B 492 24.74 -28.15 -7.65
N GLN B 493 25.90 -27.50 -7.63
CA GLN B 493 27.01 -27.90 -8.46
C GLN B 493 28.26 -27.84 -7.60
N PRO B 494 29.05 -28.93 -7.52
CA PRO B 494 28.86 -30.22 -8.19
C PRO B 494 27.68 -31.01 -7.63
N PRO B 495 27.26 -32.07 -8.32
CA PRO B 495 26.12 -32.86 -7.84
C PRO B 495 26.32 -33.37 -6.43
N ALA B 496 25.22 -33.44 -5.68
CA ALA B 496 25.25 -33.83 -4.28
C ALA B 496 25.31 -35.35 -4.13
N MET B 497 26.16 -35.81 -3.23
CA MET B 497 26.35 -37.23 -2.98
C MET B 497 25.17 -37.74 -2.16
N SER B 498 24.25 -38.43 -2.80
CA SER B 498 23.09 -38.95 -2.10
C SER B 498 23.46 -40.21 -1.31
N TYR B 499 22.62 -40.53 -0.32
CA TYR B 499 22.74 -41.76 0.43
C TYR B 499 21.35 -42.35 0.64
N ARG B 500 21.31 -43.54 1.25
CA ARG B 500 20.07 -44.24 1.51
C ARG B 500 20.18 -44.91 2.88
N ARG B 501 19.17 -45.70 3.20
CA ARG B 501 19.17 -46.44 4.46
C ARG B 501 20.27 -47.50 4.46
N ALA B 502 21.02 -47.57 5.56
CA ALA B 502 22.07 -48.56 5.75
C ALA B 502 23.11 -48.50 4.64
N GLU B 503 23.79 -47.36 4.56
CA GLU B 503 24.77 -47.11 3.53
C GLU B 503 26.05 -46.56 4.14
N VAL B 504 27.15 -46.73 3.43
CA VAL B 504 28.46 -46.24 3.85
C VAL B 504 29.04 -45.41 2.70
N LEU B 505 29.02 -44.08 2.86
CA LEU B 505 29.61 -43.20 1.86
C LEU B 505 31.12 -43.10 2.07
N ALA B 506 31.78 -42.50 1.08
CA ALA B 506 33.23 -42.33 1.12
C ALA B 506 33.67 -40.90 1.39
N LEU B 507 32.91 -39.92 0.93
CA LEU B 507 33.21 -38.50 1.14
C LEU B 507 34.62 -38.14 0.68
N PRO C 14 25.35 -0.71 -13.22
CA PRO C 14 24.63 -1.10 -12.00
C PRO C 14 24.53 0.04 -10.99
N GLU C 15 24.45 1.27 -11.49
CA GLU C 15 24.47 2.45 -10.63
C GLU C 15 23.11 2.69 -10.01
N ILE C 16 23.10 3.51 -8.96
CA ILE C 16 21.88 3.90 -8.27
C ILE C 16 21.51 5.31 -8.72
N ARG C 17 20.26 5.49 -9.10
CA ARG C 17 19.75 6.79 -9.52
C ARG C 17 18.62 7.20 -8.59
N VAL C 18 18.62 8.48 -8.21
CA VAL C 18 17.60 9.05 -7.34
C VAL C 18 17.11 10.33 -8.00
N THR C 19 15.79 10.51 -8.04
CA THR C 19 15.18 11.67 -8.69
C THR C 19 14.14 12.28 -7.75
N PRO C 20 14.49 13.31 -7.02
CA PRO C 20 13.51 13.91 -6.09
C PRO C 20 12.37 14.59 -6.82
N LEU C 21 11.43 13.80 -7.31
CA LEU C 21 10.24 14.32 -7.98
C LEU C 21 9.44 15.26 -7.08
N GLY C 22 9.73 15.28 -5.79
CA GLY C 22 9.10 16.19 -4.85
C GLY C 22 9.95 16.30 -3.61
N ALA C 23 9.65 17.31 -2.80
CA ALA C 23 10.35 17.58 -1.55
C ALA C 23 11.85 17.80 -1.76
N GLY C 24 12.25 18.26 -2.94
CA GLY C 24 13.63 18.66 -3.13
C GLY C 24 13.77 20.13 -2.80
N GLN C 25 14.52 20.44 -1.75
CA GLN C 25 14.65 21.81 -1.24
C GLN C 25 13.27 22.42 -0.98
N ASP C 26 12.35 21.62 -0.46
CA ASP C 26 10.99 22.08 -0.21
C ASP C 26 10.35 21.14 0.80
N VAL C 27 9.24 21.60 1.38
CA VAL C 27 8.49 20.80 2.35
C VAL C 27 7.04 20.73 1.90
N GLY C 28 6.82 20.76 0.59
CA GLY C 28 5.49 20.64 0.03
C GLY C 28 5.16 19.21 -0.33
N ARG C 29 5.15 18.90 -1.63
CA ARG C 29 5.00 17.52 -2.06
C ARG C 29 6.14 16.68 -1.50
N SER C 30 6.02 15.38 -1.68
CA SER C 30 7.11 14.46 -1.37
C SER C 30 6.96 13.26 -2.31
N CYS C 31 8.02 12.95 -3.02
CA CYS C 31 8.08 11.79 -3.90
C CYS C 31 9.53 11.60 -4.34
N ILE C 32 10.06 10.40 -4.20
CA ILE C 32 11.47 10.15 -4.49
C ILE C 32 11.55 8.84 -5.27
N LEU C 33 11.89 8.93 -6.55
CA LEU C 33 11.96 7.76 -7.41
C LEU C 33 13.39 7.22 -7.39
N VAL C 34 13.57 6.04 -6.80
CA VAL C 34 14.87 5.41 -6.66
C VAL C 34 14.93 4.22 -7.60
N SER C 35 16.06 4.04 -8.27
CA SER C 35 16.26 2.96 -9.21
C SER C 35 17.52 2.20 -8.80
N ILE C 36 17.34 1.23 -7.91
CA ILE C 36 18.42 0.33 -7.51
C ILE C 36 18.68 -0.54 -8.72
N ALA C 37 19.77 -1.32 -8.69
CA ALA C 37 20.40 -1.89 -9.89
C ALA C 37 19.42 -2.24 -11.01
N GLY C 38 18.31 -2.88 -10.68
CA GLY C 38 17.38 -3.25 -11.72
C GLY C 38 15.93 -2.95 -11.42
N LYS C 39 15.64 -2.50 -10.20
CA LYS C 39 14.28 -2.26 -9.75
C LYS C 39 14.05 -0.78 -9.54
N ASN C 40 12.83 -0.32 -9.84
CA ASN C 40 12.40 1.02 -9.47
C ASN C 40 11.55 0.95 -8.22
N VAL C 41 11.66 1.97 -7.39
CA VAL C 41 10.92 2.04 -6.12
C VAL C 41 10.52 3.49 -5.91
N MET C 42 9.30 3.69 -5.41
CA MET C 42 8.80 5.03 -5.07
C MET C 42 8.62 5.13 -3.56
N LEU C 43 8.96 6.30 -3.02
CA LEU C 43 8.91 6.52 -1.58
C LEU C 43 8.02 7.72 -1.30
N ASP C 44 7.05 7.54 -0.41
CA ASP C 44 6.29 8.64 0.18
C ASP C 44 5.60 9.48 -0.88
N CYS C 45 4.63 8.86 -1.57
CA CYS C 45 3.81 9.61 -2.52
C CYS C 45 2.94 10.63 -1.79
N GLY C 46 3.29 11.92 -1.87
CA GLY C 46 2.65 12.92 -1.02
C GLY C 46 1.86 14.01 -1.74
N MET C 47 1.56 15.10 -1.04
CA MET C 47 0.61 16.10 -1.53
C MET C 47 1.13 17.50 -1.17
N HIS C 48 0.37 18.52 -1.58
CA HIS C 48 0.70 19.91 -1.27
C HIS C 48 -0.62 20.66 -1.09
N MET C 49 -1.00 20.92 0.15
CA MET C 49 -2.09 21.85 0.41
C MET C 49 -1.71 23.24 -0.10
N GLY C 50 -2.69 24.12 -0.15
CA GLY C 50 -2.49 25.48 -0.62
C GLY C 50 -2.80 25.69 -2.08
N PHE C 51 -2.89 24.61 -2.86
CA PHE C 51 -3.32 24.68 -4.24
C PHE C 51 -4.68 24.02 -4.38
N ASN C 52 -5.30 24.18 -5.54
CA ASN C 52 -6.63 23.65 -5.78
C ASN C 52 -6.78 23.01 -7.14
N ASP C 53 -5.67 22.72 -7.82
CA ASP C 53 -5.72 22.15 -9.16
C ASP C 53 -4.69 21.03 -9.27
N ASP C 54 -4.38 20.63 -10.51
CA ASP C 54 -3.51 19.49 -10.75
C ASP C 54 -2.09 19.70 -10.21
N ARG C 55 -1.84 20.87 -9.62
CA ARG C 55 -0.54 21.17 -9.02
C ARG C 55 -0.39 20.64 -7.61
N ARG C 56 -1.47 20.18 -6.98
CA ARG C 56 -1.36 19.70 -5.61
C ARG C 56 -0.66 18.34 -5.53
N PHE C 57 -0.70 17.56 -6.60
CA PHE C 57 -0.10 16.23 -6.68
C PHE C 57 1.23 16.30 -7.39
N PRO C 58 2.11 15.31 -7.18
CA PRO C 58 3.35 15.27 -7.97
C PRO C 58 3.03 15.11 -9.45
N ASP C 59 4.07 15.24 -10.27
CA ASP C 59 3.93 15.08 -11.71
C ASP C 59 4.44 13.69 -12.07
N PHE C 60 3.52 12.73 -12.17
CA PHE C 60 3.89 11.36 -12.49
C PHE C 60 4.10 11.14 -13.98
N SER C 61 3.79 12.14 -14.81
CA SER C 61 4.05 12.03 -16.23
C SER C 61 5.53 11.76 -16.51
N TYR C 62 6.41 12.28 -15.66
CA TYR C 62 7.83 12.02 -15.83
C TYR C 62 8.22 10.60 -15.45
N ILE C 63 7.24 9.76 -15.12
CA ILE C 63 7.46 8.33 -14.96
C ILE C 63 6.73 7.54 -16.04
N THR C 64 5.57 8.03 -16.47
CA THR C 64 4.74 7.35 -17.45
C THR C 64 5.16 7.60 -18.89
N GLN C 65 6.38 8.08 -19.12
CA GLN C 65 6.96 8.09 -20.46
C GLN C 65 7.58 6.74 -20.78
N ASN C 66 6.81 5.69 -20.49
CA ASN C 66 7.23 4.30 -20.54
C ASN C 66 5.97 3.45 -20.67
N GLY C 67 6.09 2.16 -20.40
CA GLY C 67 4.92 1.31 -20.21
C GLY C 67 4.14 1.75 -18.99
N ARG C 68 3.02 1.10 -18.71
CA ARG C 68 2.19 1.49 -17.57
C ARG C 68 2.99 1.41 -16.27
N LEU C 69 2.47 2.07 -15.25
CA LEU C 69 3.19 2.17 -13.98
C LEU C 69 3.40 0.79 -13.36
N THR C 70 2.37 -0.06 -13.40
CA THR C 70 2.51 -1.42 -12.88
C THR C 70 3.70 -2.13 -13.53
N ASP C 71 3.97 -1.85 -14.80
CA ASP C 71 5.10 -2.44 -15.47
C ASP C 71 6.43 -1.84 -15.03
N PHE C 72 6.46 -0.56 -14.66
CA PHE C 72 7.71 0.11 -14.34
C PHE C 72 8.09 -0.06 -12.86
N LEU C 73 7.23 0.40 -11.95
CA LEU C 73 7.56 0.36 -10.54
C LEU C 73 7.48 -1.05 -9.98
N ASP C 74 8.09 -1.25 -8.81
CA ASP C 74 8.08 -2.54 -8.14
C ASP C 74 7.45 -2.50 -6.76
N CYS C 75 7.38 -1.34 -6.11
CA CYS C 75 6.72 -1.18 -4.82
C CYS C 75 6.61 0.30 -4.53
N VAL C 76 5.71 0.62 -3.59
CA VAL C 76 5.59 1.96 -3.05
C VAL C 76 5.70 1.85 -1.54
N ILE C 77 6.27 2.86 -0.91
CA ILE C 77 6.58 2.82 0.52
C ILE C 77 6.13 4.13 1.14
N ILE C 78 5.22 4.05 2.10
CA ILE C 78 4.69 5.22 2.81
C ILE C 78 5.26 5.21 4.22
N SER C 79 6.06 6.22 4.54
CA SER C 79 6.74 6.21 5.83
C SER C 79 5.75 6.40 6.98
N HIS C 80 5.07 7.54 7.03
CA HIS C 80 4.09 7.78 8.08
C HIS C 80 2.83 8.37 7.47
N PHE C 81 1.91 8.81 8.33
CA PHE C 81 0.56 9.17 7.92
C PHE C 81 0.37 10.65 7.68
N HIS C 82 1.41 11.46 7.74
CA HIS C 82 1.25 12.87 7.43
C HIS C 82 0.79 13.04 5.99
N LEU C 83 0.11 14.15 5.72
CA LEU C 83 -0.51 14.30 4.41
C LEU C 83 0.47 14.75 3.34
N ASP C 84 1.50 15.49 3.70
CA ASP C 84 2.54 15.80 2.73
C ASP C 84 3.42 14.60 2.41
N HIS C 85 3.13 13.42 2.98
CA HIS C 85 3.86 12.21 2.69
C HIS C 85 3.02 11.08 2.12
N CYS C 86 1.68 11.16 2.24
CA CYS C 86 0.83 10.08 1.77
C CYS C 86 -0.45 10.54 1.09
N GLY C 87 -0.63 11.82 0.84
CA GLY C 87 -1.95 12.29 0.46
C GLY C 87 -2.31 12.20 -1.00
N ALA C 88 -1.44 11.65 -1.84
CA ALA C 88 -1.76 11.42 -3.24
C ALA C 88 -1.90 9.94 -3.55
N LEU C 89 -2.02 9.10 -2.53
CA LEU C 89 -2.10 7.66 -2.77
C LEU C 89 -3.40 7.25 -3.45
N PRO C 90 -4.58 7.71 -3.02
CA PRO C 90 -5.81 7.34 -3.73
C PRO C 90 -5.87 7.87 -5.14
N TYR C 91 -5.02 8.83 -5.49
CA TYR C 91 -4.97 9.37 -6.84
C TYR C 91 -3.99 8.60 -7.69
N PHE C 92 -2.78 8.39 -7.17
CA PHE C 92 -1.75 7.68 -7.91
C PHE C 92 -2.13 6.23 -8.18
N SER C 93 -2.97 5.64 -7.33
CA SER C 93 -3.28 4.22 -7.42
C SER C 93 -4.56 3.92 -8.17
N GLU C 94 -5.39 4.90 -8.43
CA GLU C 94 -6.66 4.67 -9.11
C GLU C 94 -6.83 5.49 -10.38
N MET C 95 -6.54 6.78 -10.34
CA MET C 95 -6.73 7.61 -11.52
C MET C 95 -5.58 7.45 -12.50
N VAL C 96 -4.35 7.59 -12.02
CA VAL C 96 -3.19 7.31 -12.86
C VAL C 96 -3.17 5.83 -13.23
N GLY C 97 -3.54 4.97 -12.29
CA GLY C 97 -3.59 3.55 -12.54
C GLY C 97 -2.33 2.84 -12.09
N TYR C 98 -2.45 2.01 -11.07
CA TYR C 98 -1.31 1.25 -10.57
C TYR C 98 -1.83 0.14 -9.68
N ASP C 99 -1.43 -1.10 -9.98
CA ASP C 99 -1.82 -2.27 -9.20
C ASP C 99 -0.54 -2.93 -8.68
N GLY C 100 -0.31 -2.84 -7.38
CA GLY C 100 0.86 -3.43 -6.79
C GLY C 100 0.92 -3.22 -5.30
N PRO C 101 1.92 -3.82 -4.66
CA PRO C 101 2.06 -3.69 -3.20
C PRO C 101 2.31 -2.26 -2.77
N ILE C 102 1.71 -1.89 -1.64
CA ILE C 102 1.90 -0.58 -1.02
C ILE C 102 2.23 -0.85 0.44
N TYR C 103 3.49 -0.65 0.82
CA TYR C 103 4.00 -1.12 2.11
C TYR C 103 3.99 0.02 3.12
N MET C 104 2.95 0.07 3.93
CA MET C 104 2.89 0.92 5.12
C MET C 104 3.27 0.09 6.33
N THR C 105 3.11 0.68 7.52
CA THR C 105 3.14 -0.08 8.75
C THR C 105 1.72 -0.31 9.23
N HIS C 106 1.58 -0.87 10.43
CA HIS C 106 0.24 -1.24 10.88
C HIS C 106 -0.57 -0.05 11.37
N PRO C 107 -0.04 0.89 12.14
CA PRO C 107 -0.86 2.06 12.50
C PRO C 107 -1.09 3.00 11.34
N THR C 108 -0.15 3.10 10.40
CA THR C 108 -0.32 3.99 9.26
C THR C 108 -1.47 3.55 8.38
N GLN C 109 -1.73 2.25 8.31
CA GLN C 109 -2.85 1.77 7.51
C GLN C 109 -4.19 2.03 8.19
N ALA C 110 -4.19 2.19 9.52
CA ALA C 110 -5.41 2.45 10.24
C ALA C 110 -5.68 3.93 10.45
N ILE C 111 -4.74 4.80 10.10
CA ILE C 111 -4.91 6.24 10.26
C ILE C 111 -5.08 6.94 8.93
N CYS C 112 -4.43 6.45 7.88
CA CYS C 112 -4.55 7.04 6.55
C CYS C 112 -5.99 7.14 6.04
N PRO C 113 -6.83 6.09 6.13
CA PRO C 113 -8.18 6.22 5.57
C PRO C 113 -9.01 7.32 6.21
N ILE C 114 -8.65 7.75 7.42
CA ILE C 114 -9.42 8.79 8.10
C ILE C 114 -8.87 10.16 7.75
N LEU C 115 -7.55 10.27 7.58
CA LEU C 115 -6.96 11.54 7.17
C LEU C 115 -7.30 11.86 5.72
N LEU C 116 -7.29 10.86 4.85
CA LEU C 116 -7.63 11.09 3.46
C LEU C 116 -9.11 11.36 3.29
N GLU C 117 -9.94 10.82 4.20
CA GLU C 117 -11.36 11.10 4.13
C GLU C 117 -11.68 12.46 4.74
N ASP C 118 -10.80 12.95 5.62
CA ASP C 118 -11.05 14.25 6.25
C ASP C 118 -10.55 15.38 5.38
N TYR C 119 -9.46 15.16 4.64
CA TYR C 119 -9.03 16.17 3.68
C TYR C 119 -9.98 16.25 2.50
N ARG C 120 -10.65 15.16 2.15
CA ARG C 120 -11.57 15.21 1.03
C ARG C 120 -12.78 16.07 1.35
N LYS C 121 -13.05 16.29 2.63
CA LYS C 121 -14.11 17.23 3.02
C LYS C 121 -13.70 18.65 2.70
N ILE C 122 -12.41 18.95 2.81
CA ILE C 122 -11.92 20.29 2.49
C ILE C 122 -11.96 20.53 0.99
N ALA C 123 -11.46 19.58 0.21
CA ALA C 123 -11.41 19.74 -1.23
C ALA C 123 -12.81 19.86 -1.84
N VAL C 124 -13.75 19.02 -1.41
CA VAL C 124 -15.11 19.13 -1.92
C VAL C 124 -15.77 20.41 -1.44
N ASP C 125 -15.18 21.08 -0.44
CA ASP C 125 -15.74 22.34 0.05
C ASP C 125 -15.20 23.52 -0.75
N LYS C 126 -13.89 23.52 -0.97
CA LYS C 126 -13.22 24.55 -1.78
C LYS C 126 -13.54 24.45 -3.25
N LYS C 127 -14.43 23.55 -3.65
CA LYS C 127 -14.77 23.32 -5.06
C LYS C 127 -13.50 22.99 -5.86
N GLY C 128 -12.86 21.90 -5.46
CA GLY C 128 -11.59 21.52 -6.04
C GLY C 128 -11.48 20.05 -6.36
N GLU C 129 -12.60 19.45 -6.76
CA GLU C 129 -12.65 18.01 -7.05
C GLU C 129 -12.56 17.73 -8.54
N ALA C 130 -11.86 18.58 -9.30
CA ALA C 130 -11.75 18.41 -10.74
C ALA C 130 -11.12 17.06 -11.08
N ASN C 131 -9.86 16.87 -10.69
CA ASN C 131 -9.16 15.60 -10.85
C ASN C 131 -8.80 15.14 -9.44
N PHE C 132 -9.75 14.45 -8.79
CA PHE C 132 -9.63 14.16 -7.37
C PHE C 132 -10.26 12.81 -7.09
N PHE C 133 -9.78 12.16 -6.03
CA PHE C 133 -10.31 10.87 -5.64
C PHE C 133 -11.59 11.02 -4.83
N THR C 134 -12.40 9.96 -4.83
CA THR C 134 -13.67 9.91 -4.12
C THR C 134 -13.56 8.93 -2.95
N SER C 135 -14.68 8.75 -2.25
CA SER C 135 -14.67 7.92 -1.06
C SER C 135 -14.62 6.44 -1.43
N GLN C 136 -15.09 6.09 -2.62
CA GLN C 136 -14.98 4.72 -3.09
C GLN C 136 -13.56 4.41 -3.52
N MET C 137 -12.80 5.43 -3.90
CA MET C 137 -11.45 5.24 -4.40
C MET C 137 -10.43 5.22 -3.29
N ILE C 138 -10.80 5.66 -2.09
CA ILE C 138 -9.90 5.53 -0.94
C ILE C 138 -9.97 4.11 -0.41
N LYS C 139 -11.14 3.51 -0.46
CA LYS C 139 -11.33 2.13 -0.03
C LYS C 139 -10.54 1.17 -0.91
N ASP C 140 -10.75 1.26 -2.23
CA ASP C 140 -10.05 0.38 -3.16
C ASP C 140 -8.54 0.57 -3.09
N CYS C 141 -8.07 1.74 -2.67
CA CYS C 141 -6.63 1.93 -2.52
C CYS C 141 -6.10 1.34 -1.23
N MET C 142 -6.92 1.28 -0.19
CA MET C 142 -6.51 0.67 1.06
C MET C 142 -6.42 -0.85 0.97
N LYS C 143 -7.04 -1.45 -0.04
CA LYS C 143 -6.98 -2.89 -0.24
C LYS C 143 -5.71 -3.35 -0.93
N LYS C 144 -4.99 -2.45 -1.58
CA LYS C 144 -3.70 -2.79 -2.16
C LYS C 144 -2.57 -2.68 -1.15
N VAL C 145 -2.85 -2.28 0.08
CA VAL C 145 -1.82 -2.08 1.08
C VAL C 145 -1.40 -3.43 1.67
N VAL C 146 -0.12 -3.53 2.02
CA VAL C 146 0.44 -4.72 2.64
C VAL C 146 1.18 -4.25 3.89
N ALA C 147 0.52 -4.31 5.04
CA ALA C 147 1.14 -3.87 6.27
C ALA C 147 2.35 -4.74 6.61
N VAL C 148 3.32 -4.15 7.31
CA VAL C 148 4.51 -4.87 7.73
C VAL C 148 4.70 -4.68 9.23
N HIS C 149 5.64 -5.44 9.78
CA HIS C 149 6.00 -5.36 11.18
C HIS C 149 7.44 -4.87 11.31
N LEU C 150 7.72 -4.14 12.39
CA LEU C 150 9.06 -3.65 12.62
C LEU C 150 10.06 -4.79 12.67
N HIS C 151 11.25 -4.53 12.13
CA HIS C 151 12.37 -5.47 12.18
C HIS C 151 12.04 -6.80 11.50
N GLN C 152 10.98 -6.83 10.71
CA GLN C 152 10.46 -8.07 10.12
C GLN C 152 10.60 -7.98 8.60
N THR C 153 11.70 -8.51 8.08
CA THR C 153 11.98 -8.45 6.65
C THR C 153 10.87 -9.11 5.85
N VAL C 154 10.48 -8.48 4.74
CA VAL C 154 9.49 -9.02 3.82
C VAL C 154 10.08 -9.04 2.42
N GLN C 155 9.55 -9.93 1.59
CA GLN C 155 10.14 -10.25 0.29
C GLN C 155 9.33 -9.60 -0.83
N VAL C 156 10.02 -8.88 -1.71
CA VAL C 156 9.42 -8.26 -2.88
C VAL C 156 10.21 -8.71 -4.10
N ASP C 157 9.54 -9.35 -5.06
CA ASP C 157 10.09 -9.63 -6.38
C ASP C 157 11.29 -10.57 -6.34
N ASP C 158 11.49 -11.28 -5.22
CA ASP C 158 12.48 -12.35 -5.09
C ASP C 158 13.91 -11.84 -5.07
N GLU C 159 14.10 -10.55 -5.33
CA GLU C 159 15.41 -9.93 -5.27
C GLU C 159 15.43 -8.59 -4.57
N LEU C 160 14.27 -8.02 -4.24
CA LEU C 160 14.15 -6.70 -3.64
C LEU C 160 13.62 -6.88 -2.23
N GLU C 161 14.50 -6.77 -1.24
CA GLU C 161 14.16 -7.07 0.14
C GLU C 161 14.10 -5.78 0.94
N ILE C 162 12.96 -5.52 1.58
CA ILE C 162 12.79 -4.32 2.38
C ILE C 162 12.66 -4.72 3.84
N LYS C 163 12.75 -3.73 4.73
CA LYS C 163 12.73 -3.96 6.16
C LYS C 163 12.53 -2.63 6.86
N ALA C 164 11.66 -2.61 7.86
CA ALA C 164 11.33 -1.40 8.59
C ALA C 164 12.24 -1.21 9.80
N TYR C 165 12.03 -0.10 10.49
CA TYR C 165 12.75 0.20 11.73
C TYR C 165 11.84 1.05 12.59
N TYR C 166 12.43 1.66 13.62
CA TYR C 166 11.66 2.55 14.47
C TYR C 166 12.19 3.98 14.32
N ALA C 167 11.29 4.91 14.00
CA ALA C 167 11.67 6.29 13.76
C ALA C 167 11.13 7.23 14.83
N GLY C 168 9.83 7.21 15.07
CA GLY C 168 9.22 8.12 16.01
C GLY C 168 8.52 9.26 15.31
N HIS C 169 8.30 10.33 16.07
CA HIS C 169 7.77 11.59 15.58
C HIS C 169 6.28 11.51 15.24
N VAL C 170 5.76 10.30 15.12
CA VAL C 170 4.31 10.03 15.04
C VAL C 170 4.12 8.56 15.33
N LEU C 171 2.90 8.19 15.75
CA LEU C 171 2.57 6.78 15.92
C LEU C 171 2.49 6.11 14.56
N GLY C 172 3.43 5.20 14.28
CA GLY C 172 3.41 4.44 13.05
C GLY C 172 4.59 4.68 12.13
N ALA C 173 5.33 5.77 12.31
CA ALA C 173 6.40 6.11 11.40
C ALA C 173 7.48 5.01 11.40
N ALA C 174 8.24 4.97 10.32
CA ALA C 174 9.26 3.95 10.16
C ALA C 174 10.47 4.56 9.45
N MET C 175 11.43 3.69 9.13
CA MET C 175 12.64 4.07 8.42
C MET C 175 13.03 2.86 7.56
N PHE C 176 12.59 2.87 6.32
CA PHE C 176 12.70 1.66 5.52
C PHE C 176 14.12 1.49 5.01
N GLN C 177 14.44 0.24 4.66
CA GLN C 177 15.72 -0.12 4.07
C GLN C 177 15.43 -0.99 2.86
N ILE C 178 16.15 -0.77 1.78
CA ILE C 178 15.94 -1.48 0.52
C ILE C 178 17.23 -2.22 0.17
N LYS C 179 17.09 -3.47 -0.27
CA LYS C 179 18.25 -4.28 -0.61
C LYS C 179 17.98 -5.05 -1.89
N VAL C 180 18.94 -4.99 -2.81
CA VAL C 180 18.87 -5.74 -4.06
C VAL C 180 20.18 -6.52 -4.14
N GLY C 181 20.73 -6.87 -2.98
CA GLY C 181 22.00 -7.54 -2.91
C GLY C 181 23.10 -6.65 -2.39
N SER C 182 24.15 -6.45 -3.19
CA SER C 182 25.25 -5.60 -2.75
C SER C 182 24.84 -4.15 -2.56
N GLU C 183 23.82 -3.69 -3.27
CA GLU C 183 23.35 -2.31 -3.15
C GLU C 183 22.28 -2.21 -2.08
N SER C 184 22.20 -1.03 -1.46
CA SER C 184 21.23 -0.79 -0.40
C SER C 184 20.94 0.70 -0.32
N VAL C 185 19.68 1.02 -0.02
CA VAL C 185 19.26 2.39 0.22
C VAL C 185 18.35 2.38 1.44
N VAL C 186 18.65 3.22 2.42
CA VAL C 186 17.79 3.41 3.57
C VAL C 186 17.15 4.80 3.47
N TYR C 187 15.83 4.83 3.59
CA TYR C 187 15.08 6.08 3.49
C TYR C 187 14.52 6.41 4.87
N THR C 188 15.22 7.27 5.60
CA THR C 188 14.76 7.74 6.89
C THR C 188 13.73 8.84 6.63
N GLY C 189 12.49 8.60 7.01
CA GLY C 189 11.47 9.62 6.82
C GLY C 189 11.61 10.69 7.88
N ASP C 190 10.51 11.25 8.35
CA ASP C 190 10.58 12.13 9.52
C ASP C 190 10.90 11.28 10.74
N TYR C 191 11.93 11.67 11.48
CA TYR C 191 12.42 10.87 12.58
C TYR C 191 12.91 11.80 13.69
N ASN C 192 13.03 11.24 14.89
CA ASN C 192 13.51 11.98 16.04
C ASN C 192 14.70 11.26 16.66
N MET C 193 15.55 12.02 17.32
CA MET C 193 16.66 11.48 18.08
C MET C 193 16.62 11.84 19.55
N THR C 194 16.02 12.97 19.91
CA THR C 194 15.76 13.27 21.31
C THR C 194 14.76 12.28 21.86
N PRO C 195 15.08 11.58 22.96
CA PRO C 195 14.11 10.63 23.51
C PRO C 195 12.95 11.34 24.19
N ASP C 196 11.99 11.80 23.39
CA ASP C 196 10.85 12.53 23.91
C ASP C 196 10.03 11.65 24.84
N ARG C 197 9.22 12.30 25.67
CA ARG C 197 8.37 11.62 26.64
C ARG C 197 7.13 11.00 26.02
N HIS C 198 7.04 10.94 24.70
CA HIS C 198 5.85 10.43 24.02
C HIS C 198 6.13 9.13 23.26
N LEU C 199 7.09 9.13 22.34
CA LEU C 199 7.29 7.99 21.46
C LEU C 199 8.66 7.35 21.61
N GLY C 200 9.73 8.12 21.50
CA GLY C 200 11.07 7.61 21.65
C GLY C 200 11.98 8.12 20.56
N ALA C 201 13.22 7.64 20.60
CA ALA C 201 14.22 8.03 19.62
C ALA C 201 14.37 6.94 18.56
N ALA C 202 14.72 7.37 17.35
CA ALA C 202 14.92 6.46 16.24
C ALA C 202 16.18 5.63 16.48
N TRP C 203 16.13 4.37 16.05
CA TRP C 203 17.28 3.48 16.17
C TRP C 203 17.47 2.71 14.87
N ILE C 204 18.69 2.70 14.37
CA ILE C 204 19.05 1.91 13.20
C ILE C 204 20.34 1.16 13.51
N ASP C 205 20.46 -0.05 12.97
CA ASP C 205 21.63 -0.87 13.22
C ASP C 205 22.71 -0.59 12.18
N LYS C 206 23.91 -1.11 12.42
CA LYS C 206 25.05 -0.90 11.53
C LYS C 206 24.84 -1.71 10.27
N CYS C 207 24.27 -1.04 9.26
CA CYS C 207 24.03 -1.67 7.97
C CYS C 207 24.94 -1.14 6.87
N ARG C 208 25.34 0.12 6.97
CA ARG C 208 26.22 0.79 6.01
C ARG C 208 25.69 0.64 4.58
N PRO C 209 24.59 1.32 4.25
CA PRO C 209 24.10 1.31 2.87
C PRO C 209 24.94 2.22 1.99
N ASN C 210 24.70 2.10 0.69
CA ASN C 210 25.40 2.97 -0.26
C ASN C 210 24.87 4.40 -0.20
N LEU C 211 23.61 4.58 0.19
CA LEU C 211 23.03 5.91 0.28
C LEU C 211 22.16 5.99 1.53
N LEU C 212 22.01 7.22 2.04
CA LEU C 212 21.12 7.52 3.15
C LEU C 212 20.32 8.76 2.77
N ILE C 213 19.01 8.62 2.63
CA ILE C 213 18.14 9.70 2.20
C ILE C 213 17.44 10.26 3.43
N THR C 214 18.05 11.26 4.06
CA THR C 214 17.53 11.84 5.28
C THR C 214 16.75 13.12 4.97
N GLU C 215 16.37 13.83 6.02
CA GLU C 215 15.64 15.08 5.88
C GLU C 215 16.28 16.15 6.76
N SER C 216 15.96 17.40 6.47
CA SER C 216 16.67 18.53 7.06
C SER C 216 15.70 19.63 7.47
N THR C 217 14.58 19.26 8.11
CA THR C 217 13.61 20.27 8.50
C THR C 217 14.18 21.21 9.57
N TYR C 218 14.57 20.65 10.70
CA TYR C 218 15.15 21.43 11.79
C TYR C 218 16.68 21.38 11.72
N ALA C 219 17.21 21.88 10.61
CA ALA C 219 18.65 21.78 10.37
C ALA C 219 19.43 22.69 11.29
N THR C 220 19.21 24.00 11.18
CA THR C 220 19.97 24.99 11.95
C THR C 220 19.17 25.35 13.20
N THR C 221 19.10 24.41 14.13
CA THR C 221 18.36 24.62 15.37
C THR C 221 18.86 23.64 16.42
N ILE C 222 19.28 24.16 17.56
CA ILE C 222 19.75 23.32 18.66
C ILE C 222 18.83 23.47 19.87
N ARG C 227 12.36 20.86 27.09
CA ARG C 227 10.92 20.69 27.27
C ARG C 227 10.26 22.01 27.69
N CYS C 228 10.84 23.12 27.24
CA CYS C 228 10.25 24.42 27.51
C CYS C 228 8.85 24.53 26.90
N ARG C 229 8.63 23.85 25.77
CA ARG C 229 7.35 23.96 25.08
C ARG C 229 6.24 23.22 25.81
N GLU C 230 6.57 22.08 26.43
CA GLU C 230 5.54 21.32 27.14
C GLU C 230 5.00 22.11 28.32
N ARG C 231 5.87 22.84 29.02
CA ARG C 231 5.41 23.66 30.14
C ARG C 231 4.65 24.89 29.65
N ASP C 232 5.24 25.65 28.72
CA ASP C 232 4.66 26.92 28.30
C ASP C 232 3.26 26.74 27.74
N PHE C 233 2.94 25.56 27.20
CA PHE C 233 1.57 25.28 26.80
C PHE C 233 0.66 25.22 28.01
N LEU C 234 1.09 24.50 29.05
CA LEU C 234 0.26 24.33 30.23
C LEU C 234 0.08 25.64 30.97
N LYS C 235 1.13 26.47 31.02
CA LYS C 235 1.04 27.74 31.75
C LYS C 235 0.04 28.68 31.08
N LYS C 236 0.00 28.69 29.76
CA LYS C 236 -0.85 29.66 29.07
C LYS C 236 -2.31 29.26 29.11
N VAL C 237 -2.59 27.95 29.12
CA VAL C 237 -3.96 27.50 29.35
C VAL C 237 -4.37 27.77 30.79
N HIS C 238 -3.45 27.56 31.72
CA HIS C 238 -3.73 27.84 33.13
C HIS C 238 -3.97 29.32 33.36
N GLU C 239 -3.18 30.17 32.71
CA GLU C 239 -3.31 31.61 32.93
C GLU C 239 -4.59 32.16 32.29
N THR C 240 -5.16 31.48 31.30
CA THR C 240 -6.37 31.97 30.66
C THR C 240 -7.63 31.30 31.16
N VAL C 241 -7.50 30.23 31.94
CA VAL C 241 -8.68 29.53 32.45
C VAL C 241 -9.02 29.97 33.87
N GLU C 242 -8.08 30.56 34.60
CA GLU C 242 -8.34 31.11 35.91
C GLU C 242 -8.96 32.49 35.86
N ARG C 243 -9.18 33.05 34.66
CA ARG C 243 -9.78 34.36 34.50
C ARG C 243 -11.12 34.30 33.80
N GLY C 244 -11.74 33.13 33.74
CA GLY C 244 -13.01 32.99 33.04
C GLY C 244 -12.89 33.16 31.54
N GLY C 245 -11.82 32.65 30.95
CA GLY C 245 -11.66 32.72 29.51
C GLY C 245 -11.67 31.35 28.87
N LYS C 246 -11.98 31.29 27.58
CA LYS C 246 -12.09 30.04 26.86
C LYS C 246 -10.92 29.85 25.91
N VAL C 247 -10.48 28.60 25.77
CA VAL C 247 -9.41 28.25 24.86
C VAL C 247 -10.02 27.61 23.62
N LEU C 248 -9.30 27.69 22.51
CA LEU C 248 -9.70 27.03 21.27
C LEU C 248 -8.43 26.47 20.62
N ILE C 249 -8.47 25.19 20.28
CA ILE C 249 -7.34 24.51 19.68
C ILE C 249 -7.79 23.91 18.35
N PRO C 250 -7.47 24.54 17.23
CA PRO C 250 -7.74 23.91 15.93
C PRO C 250 -6.73 22.81 15.66
N VAL C 251 -7.24 21.64 15.26
CA VAL C 251 -6.41 20.43 15.17
C VAL C 251 -7.08 19.46 14.22
N PHE C 252 -6.29 18.55 13.66
CA PHE C 252 -6.80 17.52 12.77
C PHE C 252 -7.25 16.30 13.56
N ALA C 253 -8.03 15.43 12.89
CA ALA C 253 -8.66 14.29 13.54
C ALA C 253 -7.66 13.48 14.36
N LEU C 254 -6.58 13.05 13.74
CA LEU C 254 -5.53 12.31 14.43
C LEU C 254 -4.21 13.03 14.26
N GLY C 255 -3.18 12.51 14.93
CA GLY C 255 -1.89 13.19 14.97
C GLY C 255 -1.64 13.90 16.28
N ARG C 256 -1.81 15.23 16.29
CA ARG C 256 -1.46 16.04 17.45
C ARG C 256 -2.61 16.23 18.44
N ALA C 257 -3.84 15.91 18.05
CA ALA C 257 -4.98 16.14 18.94
C ALA C 257 -4.89 15.27 20.19
N GLN C 258 -4.34 14.07 20.06
CA GLN C 258 -4.33 13.14 21.19
C GLN C 258 -3.16 13.40 22.13
N GLU C 259 -1.98 13.71 21.58
CA GLU C 259 -0.83 14.00 22.43
C GLU C 259 -1.04 15.27 23.26
N LEU C 260 -2.14 15.99 23.00
CA LEU C 260 -2.48 17.11 23.86
C LEU C 260 -3.52 16.71 24.90
N CYS C 261 -4.49 15.88 24.50
CA CYS C 261 -5.49 15.41 25.45
C CYS C 261 -4.84 14.63 26.59
N ILE C 262 -3.90 13.74 26.27
CA ILE C 262 -3.19 13.03 27.32
C ILE C 262 -2.35 13.99 28.15
N LEU C 263 -2.03 15.16 27.60
CA LEU C 263 -1.26 16.15 28.34
C LEU C 263 -2.15 16.97 29.25
N LEU C 264 -3.34 17.34 28.78
CA LEU C 264 -4.26 18.11 29.60
C LEU C 264 -4.91 17.24 30.66
N GLU C 265 -5.18 15.97 30.35
CA GLU C 265 -5.80 15.09 31.32
C GLU C 265 -4.91 14.86 32.52
N THR C 266 -3.61 14.67 32.29
CA THR C 266 -2.67 14.51 33.38
C THR C 266 -2.59 15.76 34.24
N PHE C 267 -2.25 16.90 33.62
CA PHE C 267 -2.05 18.13 34.37
C PHE C 267 -3.28 18.53 35.16
N TRP C 268 -4.45 18.02 34.80
CA TRP C 268 -5.67 18.49 35.44
C TRP C 268 -6.04 17.69 36.68
N GLU C 269 -5.77 16.38 36.69
CA GLU C 269 -5.96 15.63 37.92
C GLU C 269 -4.88 15.96 38.94
N ARG C 270 -3.66 16.24 38.48
CA ARG C 270 -2.58 16.63 39.38
C ARG C 270 -2.74 18.07 39.88
N MET C 271 -3.82 18.75 39.47
CA MET C 271 -4.17 20.05 40.03
C MET C 271 -5.62 20.14 40.45
N ASN C 272 -6.42 19.11 40.17
CA ASN C 272 -7.82 19.02 40.63
C ASN C 272 -8.63 20.22 40.14
N LEU C 273 -8.75 20.30 38.83
CA LEU C 273 -9.53 21.35 38.18
C LEU C 273 -10.94 20.84 37.87
N LYS C 274 -11.84 21.79 37.60
CA LYS C 274 -13.25 21.46 37.37
C LYS C 274 -13.79 22.05 36.07
N VAL C 275 -12.92 22.54 35.19
CA VAL C 275 -13.35 23.16 33.94
C VAL C 275 -13.65 22.06 32.94
N PRO C 276 -14.68 22.20 32.09
CA PRO C 276 -14.98 21.13 31.12
C PRO C 276 -14.05 21.19 29.92
N ILE C 277 -13.55 20.02 29.51
CA ILE C 277 -12.84 19.86 28.25
C ILE C 277 -13.77 19.17 27.27
N TYR C 278 -13.67 19.54 25.99
CA TYR C 278 -14.53 18.96 24.98
C TYR C 278 -13.69 18.48 23.81
N PHE C 279 -14.19 17.44 23.13
CA PHE C 279 -13.47 16.83 22.01
C PHE C 279 -14.46 16.00 21.23
N SER C 280 -14.59 16.26 19.94
CA SER C 280 -15.42 15.43 19.07
C SER C 280 -14.98 15.60 17.64
N THR C 281 -14.85 14.49 16.93
CA THR C 281 -14.42 14.48 15.54
C THR C 281 -15.54 14.15 14.57
N GLY C 282 -16.40 13.19 14.92
CA GLY C 282 -17.53 12.82 14.10
C GLY C 282 -17.26 11.66 13.15
N LEU C 283 -16.06 11.60 12.59
CA LEU C 283 -15.67 10.50 11.72
C LEU C 283 -15.10 9.32 12.47
N THR C 284 -14.76 9.49 13.75
CA THR C 284 -14.07 8.42 14.47
C THR C 284 -14.11 8.64 15.98
N GLU C 285 -13.89 7.56 16.73
CA GLU C 285 -13.68 7.62 18.17
C GLU C 285 -12.33 7.02 18.57
N LYS C 286 -11.28 7.29 17.78
CA LYS C 286 -9.95 6.86 18.15
C LYS C 286 -9.39 7.67 19.31
N ALA C 287 -10.19 8.57 19.89
CA ALA C 287 -9.84 9.18 21.17
C ALA C 287 -9.65 8.08 22.21
N ASN C 288 -10.26 6.91 21.97
CA ASN C 288 -10.03 5.73 22.78
C ASN C 288 -9.68 4.50 21.95
N HIS C 289 -9.23 4.68 20.71
CA HIS C 289 -8.73 3.59 19.87
C HIS C 289 -7.36 3.86 19.29
N TYR C 290 -7.05 5.12 18.97
CA TYR C 290 -5.67 5.48 18.62
C TYR C 290 -4.73 5.15 19.77
N TYR C 291 -5.26 5.07 20.99
CA TYR C 291 -4.48 4.59 22.12
C TYR C 291 -4.30 3.08 22.09
N LYS C 292 -5.28 2.36 21.53
CA LYS C 292 -5.16 0.91 21.45
C LYS C 292 -3.94 0.51 20.63
N LEU C 293 -3.68 1.21 19.53
CA LEU C 293 -2.47 0.96 18.77
C LEU C 293 -1.24 1.60 19.41
N PHE C 294 -1.44 2.54 20.33
CA PHE C 294 -0.31 3.23 20.94
C PHE C 294 0.42 2.36 21.96
N ILE C 295 -0.29 1.44 22.60
CA ILE C 295 0.29 0.60 23.65
C ILE C 295 1.33 -0.36 23.09
N PRO C 296 1.07 -1.09 22.01
CA PRO C 296 2.11 -2.01 21.51
C PRO C 296 3.35 -1.29 20.98
N TRP C 297 3.30 0.04 20.83
CA TRP C 297 4.45 0.75 20.29
C TRP C 297 5.32 1.33 21.40
N THR C 298 4.70 1.95 22.40
CA THR C 298 5.44 2.44 23.55
C THR C 298 4.53 2.64 24.76
N GLU C 313 -11.56 5.74 28.36
CA GLU C 313 -10.55 5.60 29.41
C GLU C 313 -10.19 6.96 30.00
N PHE C 314 -10.86 8.01 29.52
CA PHE C 314 -10.62 9.37 29.97
C PHE C 314 -11.63 9.77 31.03
N LYS C 315 -11.23 10.73 31.87
CA LYS C 315 -12.07 11.25 32.94
C LYS C 315 -12.60 12.65 32.64
N HIS C 316 -11.72 13.59 32.31
CA HIS C 316 -12.08 15.00 32.18
C HIS C 316 -12.30 15.43 30.75
N ILE C 317 -12.53 14.49 29.83
CA ILE C 317 -12.70 14.81 28.41
C ILE C 317 -14.00 14.19 27.95
N LYS C 318 -15.00 15.03 27.73
CA LYS C 318 -16.33 14.59 27.30
C LYS C 318 -16.49 14.84 25.81
N ALA C 319 -17.71 14.63 25.32
CA ALA C 319 -18.03 14.90 23.93
C ALA C 319 -18.49 16.35 23.77
N PHE C 320 -18.51 16.81 22.53
CA PHE C 320 -18.78 18.21 22.22
C PHE C 320 -19.89 18.29 21.18
N ASP C 321 -20.65 19.38 21.22
CA ASP C 321 -21.66 19.67 20.22
C ASP C 321 -21.83 21.18 20.09
N ARG C 322 -22.52 21.60 19.04
CA ARG C 322 -22.75 23.03 18.83
C ARG C 322 -23.66 23.62 19.89
N ALA C 323 -24.32 22.79 20.70
CA ALA C 323 -25.29 23.30 21.67
C ALA C 323 -24.63 24.17 22.72
N PHE C 324 -23.52 23.72 23.31
CA PHE C 324 -22.93 24.48 24.40
C PHE C 324 -21.57 25.04 24.03
N ALA C 325 -21.47 25.62 22.83
CA ALA C 325 -20.35 26.47 22.48
C ALA C 325 -20.62 27.94 22.80
N ASP C 326 -21.70 28.23 23.53
CA ASP C 326 -22.06 29.59 23.88
C ASP C 326 -22.49 29.77 25.33
N ASN C 327 -22.57 28.70 26.12
CA ASN C 327 -22.90 28.85 27.53
C ASN C 327 -21.73 29.46 28.28
N PRO C 328 -21.91 30.59 28.95
CA PRO C 328 -20.76 31.31 29.52
C PRO C 328 -20.06 30.49 30.59
N GLY C 329 -18.74 30.38 30.47
CA GLY C 329 -17.92 29.65 31.41
C GLY C 329 -16.59 29.29 30.80
N PRO C 330 -15.60 28.98 31.62
CA PRO C 330 -14.31 28.55 31.08
C PRO C 330 -14.45 27.21 30.37
N MET C 331 -13.64 27.03 29.33
CA MET C 331 -13.75 25.84 28.51
C MET C 331 -12.40 25.56 27.86
N VAL C 332 -12.30 24.37 27.27
CA VAL C 332 -11.22 24.01 26.36
C VAL C 332 -11.84 23.16 25.26
N VAL C 333 -11.61 23.53 24.01
CA VAL C 333 -12.26 22.90 22.87
C VAL C 333 -11.20 22.42 21.89
N PHE C 334 -11.44 21.24 21.31
CA PHE C 334 -10.64 20.72 20.21
C PHE C 334 -11.58 20.56 19.02
N ALA C 335 -11.77 21.62 18.24
CA ALA C 335 -12.53 21.50 17.01
C ALA C 335 -11.62 20.97 15.91
N THR C 336 -12.21 20.30 14.93
CA THR C 336 -11.33 19.56 14.02
C THR C 336 -11.62 19.66 12.52
N PRO C 337 -11.83 20.84 11.97
CA PRO C 337 -11.59 21.04 10.52
C PRO C 337 -10.17 21.44 10.17
N GLY C 338 -9.22 21.39 11.10
CA GLY C 338 -7.83 21.57 10.75
C GLY C 338 -7.24 22.92 11.10
N MET C 339 -6.46 23.48 10.18
CA MET C 339 -5.71 24.72 10.42
C MET C 339 -6.63 25.93 10.22
N LEU C 340 -7.75 25.91 10.94
CA LEU C 340 -8.80 26.93 10.83
C LEU C 340 -9.34 27.01 9.41
N HIS C 341 -9.61 25.86 8.81
CA HIS C 341 -10.32 25.80 7.54
C HIS C 341 -11.81 26.01 7.80
N ALA C 342 -12.62 25.90 6.76
CA ALA C 342 -14.06 26.05 6.93
C ALA C 342 -14.62 24.86 7.71
N GLY C 343 -15.34 25.16 8.77
CA GLY C 343 -15.93 24.13 9.59
C GLY C 343 -16.16 24.65 11.00
N GLN C 344 -16.14 23.72 11.95
CA GLN C 344 -16.34 24.05 13.36
C GLN C 344 -15.34 25.10 13.84
N SER C 345 -14.04 24.82 13.65
CA SER C 345 -13.01 25.72 14.16
C SER C 345 -13.23 27.14 13.67
N LEU C 346 -13.47 27.32 12.37
CA LEU C 346 -13.69 28.66 11.86
C LEU C 346 -14.97 29.27 12.42
N GLN C 347 -16.01 28.46 12.58
CA GLN C 347 -17.27 28.99 13.07
C GLN C 347 -17.21 29.30 14.57
N ILE C 348 -16.53 28.45 15.33
CA ILE C 348 -16.33 28.73 16.75
C ILE C 348 -15.48 29.97 16.94
N PHE C 349 -14.29 29.99 16.31
CA PHE C 349 -13.41 31.14 16.40
C PHE C 349 -14.10 32.42 15.95
N ARG C 350 -15.08 32.30 15.06
CA ARG C 350 -15.81 33.49 14.61
C ARG C 350 -16.66 34.07 15.72
N LYS C 351 -17.13 33.24 16.66
CA LYS C 351 -17.94 33.73 17.77
C LYS C 351 -17.07 34.37 18.85
N TRP C 352 -16.14 33.60 19.41
CA TRP C 352 -15.33 34.05 20.53
C TRP C 352 -14.31 35.12 20.16
N ALA C 353 -14.32 35.61 18.91
CA ALA C 353 -13.33 36.60 18.50
C ALA C 353 -13.52 37.93 19.20
N GLY C 354 -14.75 38.26 19.59
CA GLY C 354 -15.01 39.50 20.29
C GLY C 354 -14.90 39.35 21.79
N ASN C 355 -13.68 39.10 22.28
CA ASN C 355 -13.44 38.98 23.70
C ASN C 355 -11.94 39.04 23.93
N GLU C 356 -11.52 39.85 24.90
CA GLU C 356 -10.10 40.03 25.17
C GLU C 356 -9.49 38.92 25.99
N LYS C 357 -10.31 38.05 26.58
CA LYS C 357 -9.80 37.02 27.48
C LYS C 357 -9.58 35.68 26.80
N ASN C 358 -10.35 35.37 25.75
CA ASN C 358 -10.22 34.10 25.06
C ASN C 358 -8.87 34.04 24.33
N MET C 359 -8.52 32.83 23.88
CA MET C 359 -7.32 32.66 23.09
C MET C 359 -7.48 31.48 22.15
N VAL C 360 -6.65 31.46 21.11
CA VAL C 360 -6.50 30.31 20.22
C VAL C 360 -5.05 29.88 20.25
N ILE C 361 -4.83 28.59 20.09
CA ILE C 361 -3.49 28.02 20.02
C ILE C 361 -3.39 27.25 18.72
N MET C 362 -2.43 27.62 17.88
CA MET C 362 -2.21 26.93 16.62
C MET C 362 -1.07 25.94 16.80
N PRO C 363 -1.36 24.67 17.07
CA PRO C 363 -0.30 23.69 17.31
C PRO C 363 0.23 23.04 16.02
N GLY C 364 0.49 23.86 15.01
CA GLY C 364 0.96 23.31 13.75
C GLY C 364 1.26 24.40 12.76
N TYR C 365 1.72 23.98 11.58
CA TYR C 365 2.08 24.89 10.51
C TYR C 365 0.89 25.05 9.56
N CYS C 366 0.47 26.30 9.37
CA CYS C 366 -0.63 26.62 8.46
C CYS C 366 -0.08 27.10 7.13
N VAL C 367 -0.75 26.74 6.05
CA VAL C 367 -0.33 27.11 4.71
C VAL C 367 -1.05 28.37 4.28
N GLN C 368 -0.54 29.02 3.25
CA GLN C 368 -1.17 30.23 2.74
C GLN C 368 -2.54 29.92 2.17
N GLY C 369 -3.42 30.90 2.24
CA GLY C 369 -4.77 30.76 1.72
C GLY C 369 -5.80 30.33 2.73
N THR C 370 -5.54 30.48 4.02
CA THR C 370 -6.45 30.02 5.05
C THR C 370 -6.45 31.02 6.19
N VAL C 371 -7.55 31.02 6.95
CA VAL C 371 -7.72 31.98 8.04
C VAL C 371 -6.58 31.83 9.05
N GLY C 372 -6.14 30.61 9.29
CA GLY C 372 -5.13 30.40 10.33
C GLY C 372 -3.75 30.86 9.94
N HIS C 373 -3.57 31.30 8.69
CA HIS C 373 -2.26 31.77 8.27
C HIS C 373 -2.13 33.28 8.48
N LYS C 374 -3.18 34.03 8.13
CA LYS C 374 -3.18 35.46 8.39
C LYS C 374 -2.95 35.74 9.86
N ILE C 375 -3.72 35.08 10.72
CA ILE C 375 -3.69 35.38 12.16
C ILE C 375 -2.31 35.12 12.73
N LEU C 376 -1.69 34.00 12.34
CA LEU C 376 -0.38 33.66 12.87
C LEU C 376 0.68 34.68 12.51
N SER C 377 0.44 35.52 11.50
CA SER C 377 1.42 36.52 11.07
C SER C 377 0.67 37.83 10.82
N GLY C 378 0.58 38.66 11.85
CA GLY C 378 0.10 40.00 11.64
C GLY C 378 -1.40 40.20 11.76
N GLN C 379 -2.07 40.16 10.61
CA GLN C 379 -3.42 40.68 10.43
C GLN C 379 -4.33 40.41 11.60
N ARG C 380 -5.08 41.44 12.00
CA ARG C 380 -6.07 41.35 13.06
C ARG C 380 -7.46 41.77 12.62
N LYS C 381 -7.63 42.14 11.34
CA LYS C 381 -8.91 42.60 10.82
C LYS C 381 -9.23 41.78 9.58
N LEU C 382 -9.94 40.67 9.78
CA LEU C 382 -10.30 39.79 8.69
C LEU C 382 -11.54 40.35 7.97
N GLU C 383 -12.12 39.53 7.10
CA GLU C 383 -13.37 39.86 6.44
C GLU C 383 -14.15 38.57 6.21
N MET C 384 -15.28 38.43 6.88
CA MET C 384 -16.14 37.28 6.71
C MET C 384 -16.98 37.45 5.45
N GLU C 385 -17.97 36.59 5.27
CA GLU C 385 -18.83 36.67 4.10
C GLU C 385 -19.56 38.01 4.06
N GLY C 386 -19.68 38.57 2.87
CA GLY C 386 -20.23 39.91 2.71
C GLY C 386 -19.15 40.96 2.83
N ARG C 387 -19.54 42.20 3.09
CA ARG C 387 -18.60 43.30 3.27
C ARG C 387 -18.25 43.53 4.73
N GLN C 388 -18.43 42.52 5.58
CA GLN C 388 -18.16 42.66 6.99
C GLN C 388 -16.66 42.72 7.25
N VAL C 389 -16.30 43.10 8.47
CA VAL C 389 -14.92 43.07 8.96
C VAL C 389 -14.95 42.65 10.41
N LEU C 390 -14.34 41.52 10.72
CA LEU C 390 -14.32 40.99 12.07
C LEU C 390 -13.04 41.42 12.77
N GLU C 391 -13.18 42.16 13.86
CA GLU C 391 -12.04 42.55 14.66
C GLU C 391 -11.67 41.42 15.62
N VAL C 392 -10.38 41.17 15.77
CA VAL C 392 -9.87 40.01 16.50
C VAL C 392 -9.06 40.52 17.68
N LYS C 393 -9.62 40.39 18.88
CA LYS C 393 -8.96 40.86 20.09
C LYS C 393 -8.49 39.74 21.02
N MET C 394 -8.73 38.49 20.65
CA MET C 394 -8.25 37.38 21.46
C MET C 394 -6.73 37.34 21.44
N GLN C 395 -6.16 36.57 22.37
CA GLN C 395 -4.76 36.23 22.25
C GLN C 395 -4.58 35.22 21.13
N VAL C 396 -3.35 35.15 20.62
CA VAL C 396 -3.01 34.22 19.54
C VAL C 396 -1.60 33.73 19.83
N GLU C 397 -1.45 32.43 20.04
CA GLU C 397 -0.15 31.85 20.33
C GLU C 397 0.17 30.79 19.28
N TYR C 398 1.42 30.34 19.31
CA TYR C 398 1.90 29.38 18.31
C TYR C 398 2.91 28.47 19.00
N MET C 399 2.43 27.32 19.47
CA MET C 399 3.28 26.32 20.12
C MET C 399 3.44 25.16 19.15
N SER C 400 4.43 25.26 18.27
CA SER C 400 4.71 24.21 17.30
C SER C 400 5.20 22.97 18.03
N PHE C 401 4.35 21.94 18.07
CA PHE C 401 4.63 20.71 18.80
C PHE C 401 5.20 19.60 17.92
N SER C 402 5.64 19.93 16.71
CA SER C 402 6.31 18.94 15.89
C SER C 402 7.58 18.45 16.57
N ALA C 403 7.99 17.25 16.21
CA ALA C 403 9.18 16.61 16.81
C ALA C 403 10.03 16.04 15.69
N HIS C 404 10.93 16.84 15.14
CA HIS C 404 11.89 16.39 14.15
C HIS C 404 13.26 16.24 14.78
N ALA C 405 14.21 15.75 13.98
CA ALA C 405 15.59 15.68 14.41
C ALA C 405 16.19 17.08 14.39
N ASP C 406 17.48 17.18 14.66
CA ASP C 406 18.16 18.47 14.68
C ASP C 406 19.63 18.25 14.33
N ALA C 407 20.36 19.37 14.22
CA ALA C 407 21.76 19.31 13.80
C ALA C 407 22.55 18.27 14.59
N LYS C 408 22.32 18.22 15.90
CA LYS C 408 22.93 17.18 16.73
C LYS C 408 22.43 15.80 16.33
N GLY C 409 21.11 15.66 16.18
CA GLY C 409 20.54 14.35 15.92
C GLY C 409 20.87 13.80 14.55
N ILE C 410 20.87 14.65 13.54
CA ILE C 410 21.20 14.18 12.19
C ILE C 410 22.63 13.70 12.14
N MET C 411 23.57 14.48 12.68
CA MET C 411 24.96 14.03 12.77
C MET C 411 25.06 12.75 13.58
N GLN C 412 24.24 12.60 14.60
CA GLN C 412 24.26 11.41 15.43
C GLN C 412 23.84 10.17 14.63
N LEU C 413 22.90 10.33 13.70
CA LEU C 413 22.39 9.20 12.96
C LEU C 413 23.34 8.78 11.84
N VAL C 414 23.89 9.75 11.11
CA VAL C 414 24.81 9.42 10.03
C VAL C 414 26.02 8.66 10.57
N GLY C 415 26.49 9.02 11.76
CA GLY C 415 27.53 8.22 12.40
C GLY C 415 27.03 6.85 12.81
N GLN C 416 25.82 6.80 13.37
CA GLN C 416 25.26 5.52 13.80
C GLN C 416 24.92 4.65 12.60
N ALA C 417 24.67 5.26 11.43
CA ALA C 417 24.35 4.49 10.23
C ALA C 417 25.58 4.20 9.39
N GLU C 418 26.56 5.10 9.37
CA GLU C 418 27.79 4.98 8.59
C GLU C 418 27.50 4.69 7.13
N PRO C 419 26.98 5.66 6.38
CA PRO C 419 26.71 5.42 4.96
C PRO C 419 27.92 5.74 4.10
N GLU C 420 27.76 5.61 2.78
CA GLU C 420 28.80 6.02 1.84
C GLU C 420 28.48 7.35 1.17
N SER C 421 27.26 7.85 1.33
CA SER C 421 26.85 9.16 0.83
C SER C 421 25.54 9.52 1.49
N VAL C 422 25.30 10.81 1.64
CA VAL C 422 24.10 11.33 2.30
C VAL C 422 23.37 12.23 1.32
N LEU C 423 22.05 12.14 1.28
CA LEU C 423 21.24 12.98 0.42
C LEU C 423 20.16 13.64 1.27
N LEU C 424 19.92 14.93 1.02
CA LEU C 424 19.03 15.74 1.84
C LEU C 424 17.78 16.10 1.06
N VAL C 425 16.61 15.86 1.67
CA VAL C 425 15.34 16.28 1.15
C VAL C 425 14.53 16.90 2.28
N HIS C 426 13.32 17.34 1.96
CA HIS C 426 12.32 17.73 2.96
C HIS C 426 12.86 18.79 3.93
N GLY C 427 13.35 19.89 3.37
CA GLY C 427 13.88 20.95 4.19
C GLY C 427 13.79 22.28 3.48
N GLU C 428 14.61 23.22 3.94
CA GLU C 428 14.67 24.55 3.36
C GLU C 428 15.92 24.70 2.50
N ALA C 429 15.90 25.72 1.64
CA ALA C 429 16.93 25.86 0.61
C ALA C 429 18.29 26.19 1.21
N LYS C 430 18.33 27.02 2.24
CA LYS C 430 19.61 27.43 2.82
C LYS C 430 20.05 26.54 3.97
N LYS C 431 19.14 26.23 4.90
CA LYS C 431 19.49 25.38 6.03
C LYS C 431 20.10 24.06 5.56
N MET C 432 19.73 23.60 4.36
CA MET C 432 20.42 22.47 3.77
C MET C 432 21.85 22.83 3.40
N GLU C 433 22.05 24.01 2.83
CA GLU C 433 23.35 24.39 2.32
C GLU C 433 24.37 24.49 3.46
N PHE C 434 23.95 25.05 4.59
CA PHE C 434 24.83 25.11 5.77
C PHE C 434 25.08 23.72 6.32
N LEU C 435 24.01 22.95 6.53
CA LEU C 435 24.15 21.60 7.05
C LEU C 435 24.98 20.72 6.13
N LYS C 436 24.92 20.95 4.83
CA LYS C 436 25.68 20.12 3.89
C LYS C 436 27.17 20.27 4.12
N GLN C 437 27.62 21.47 4.51
CA GLN C 437 29.04 21.68 4.78
C GLN C 437 29.50 20.87 5.98
N LYS C 438 28.75 20.94 7.09
CA LYS C 438 29.14 20.25 8.31
C LYS C 438 29.25 18.74 8.09
N ILE C 439 28.30 18.16 7.37
CA ILE C 439 28.36 16.73 7.08
C ILE C 439 29.50 16.43 6.12
N GLU C 440 29.75 17.33 5.17
CA GLU C 440 30.87 17.16 4.26
C GLU C 440 32.20 17.15 5.01
N GLN C 441 32.41 18.16 5.86
CA GLN C 441 33.72 18.34 6.48
C GLN C 441 33.93 17.40 7.67
N GLU C 442 33.07 17.50 8.68
CA GLU C 442 33.28 16.76 9.91
C GLU C 442 33.31 15.25 9.67
N LEU C 443 32.24 14.70 9.09
CA LEU C 443 32.17 13.27 8.88
C LEU C 443 33.00 12.78 7.70
N ARG C 444 33.48 13.70 6.85
CA ARG C 444 34.34 13.35 5.72
C ARG C 444 33.64 12.37 4.78
N VAL C 445 32.53 12.83 4.20
CA VAL C 445 31.77 12.05 3.23
C VAL C 445 31.05 13.00 2.31
N ASN C 446 30.82 12.57 1.07
CA ASN C 446 30.17 13.42 0.10
C ASN C 446 28.66 13.42 0.28
N CYS C 447 28.08 14.61 0.41
CA CYS C 447 26.66 14.78 0.66
C CYS C 447 26.05 15.56 -0.49
N TYR C 448 24.95 15.06 -1.03
CA TYR C 448 24.27 15.70 -2.14
C TYR C 448 23.10 16.53 -1.62
N MET C 449 22.58 17.40 -2.49
CA MET C 449 21.49 18.31 -2.14
C MET C 449 20.65 18.54 -3.39
N PRO C 450 20.04 17.49 -3.93
CA PRO C 450 19.43 17.59 -5.26
C PRO C 450 18.18 18.45 -5.27
N ALA C 451 18.04 19.23 -6.33
CA ALA C 451 16.90 20.13 -6.49
C ALA C 451 15.69 19.33 -6.92
N ASN C 452 14.61 20.01 -7.29
CA ASN C 452 13.34 19.37 -7.58
C ASN C 452 13.35 18.89 -9.02
N GLY C 453 13.69 17.62 -9.22
CA GLY C 453 13.74 17.02 -10.54
C GLY C 453 15.12 16.63 -11.02
N GLU C 454 16.17 16.88 -10.24
CA GLU C 454 17.53 16.61 -10.66
C GLU C 454 17.90 15.17 -10.31
N THR C 455 18.10 14.35 -11.33
CA THR C 455 18.62 13.01 -11.10
C THR C 455 20.01 13.09 -10.48
N VAL C 456 20.36 12.05 -9.73
CA VAL C 456 21.64 11.98 -9.02
C VAL C 456 22.17 10.57 -9.16
N THR C 457 23.26 10.40 -9.89
CA THR C 457 23.89 9.11 -10.07
C THR C 457 25.14 9.03 -9.20
N LEU C 458 25.35 7.85 -8.60
CA LEU C 458 26.55 7.60 -7.83
C LEU C 458 26.90 6.13 -8.09
N PRO C 459 28.16 5.84 -8.39
CA PRO C 459 28.54 4.46 -8.72
C PRO C 459 28.63 3.57 -7.48
N THR C 460 28.55 2.27 -7.73
CA THR C 460 28.57 1.29 -6.66
C THR C 460 29.87 0.48 -6.66
#